data_3MGO
#
_entry.id   3MGO
#
_cell.length_a   63.211
_cell.length_b   79.322
_cell.length_c   87.146
_cell.angle_alpha   90.00
_cell.angle_beta   90.00
_cell.angle_gamma   90.02
#
_symmetry.space_group_name_H-M   'P 1'
#
loop_
_entity.id
_entity.type
_entity.pdbx_description
1 polymer 'HLA class I histocompatibility antigen, A-2 alpha chain'
2 polymer Beta-2-microglobulin
3 polymer '10-meric peptide from Hemagglutinin'
4 water water
#
loop_
_entity_poly.entity_id
_entity_poly.type
_entity_poly.pdbx_seq_one_letter_code
_entity_poly.pdbx_strand_id
1 'polypeptide(L)'
;GSHSMRYFFTSVSRPGRGEPRFIAVGYVDDTQFVRFDSDAASQRMEPRAPWIEQEGPEYWDGETRKVKAHSQTHRVDLGT
LRGYYNQSEAGSHTVQRMYGCDVGSDWRFLRGYHQYAYDGKDYIALKEDLRSWTAADMAAQTTKHKWEAAHVAEQLRAYL
EGTCVEWLRRYLENGKETLQRTDAPKTHMTHHAVSDHEATLRCWALSFYPAEITLTWQRDGEDQTQDTELVETRPAGDGT
FQKWAAVVVPSGQEQRYTCHVQHEGLPKPLTLRWE
;
A,D,G,J
2 'polypeptide(L)'
;MIQRTPKIQVYSRHPAENGKSNFLNCYVSGFHPSDIEVDLLKNGERIEKVEHSDLSFSKDWSFYLLYYTEFTPTEKDEYA
CRVNHVTLSQPKIVKWDRDM
;
B,E,H,K
3 'polypeptide(L)' RLYQNPTTYI C,F,I,L
#
# COMPACT_ATOMS: atom_id res chain seq x y z
N GLY A 1 33.91 7.88 -9.97
CA GLY A 1 34.69 7.83 -8.76
C GLY A 1 33.86 7.47 -7.54
N SER A 2 33.94 8.29 -6.50
CA SER A 2 33.18 8.06 -5.28
C SER A 2 31.74 8.59 -5.41
N HIS A 3 30.83 7.99 -4.65
CA HIS A 3 29.42 8.39 -4.72
C HIS A 3 28.78 8.43 -3.34
N SER A 4 27.60 9.03 -3.26
CA SER A 4 26.88 9.16 -2.00
C SER A 4 25.39 9.39 -2.21
N MET A 5 24.58 8.93 -1.26
CA MET A 5 23.17 9.23 -1.24
C MET A 5 22.82 9.98 0.05
N ARG A 6 21.98 10.99 -0.06
CA ARG A 6 21.62 11.81 1.09
C ARG A 6 20.15 12.22 1.06
N TYR A 7 19.53 12.23 2.24
CA TYR A 7 18.19 12.78 2.38
C TYR A 7 18.23 13.96 3.35
N PHE A 8 17.68 15.10 2.92
CA PHE A 8 17.65 16.29 3.75
C PHE A 8 16.23 16.62 4.18
N PHE A 9 16.03 16.74 5.48
CA PHE A 9 14.70 17.04 6.01
C PHE A 9 14.69 18.35 6.79
N THR A 10 13.76 19.22 6.44
CA THR A 10 13.59 20.49 7.14
C THR A 10 12.17 20.66 7.64
N SER A 11 12.02 20.90 8.93
CA SER A 11 10.71 21.11 9.54
C SER A 11 10.68 22.43 10.28
N VAL A 12 9.77 23.32 9.87
CA VAL A 12 9.67 24.65 10.46
C VAL A 12 8.29 24.90 11.07
N SER A 13 8.25 25.11 12.38
CA SER A 13 6.99 25.38 13.06
C SER A 13 6.47 26.77 12.72
N ARG A 14 5.15 26.89 12.64
CA ARG A 14 4.51 28.17 12.39
C ARG A 14 3.40 28.39 13.41
N PRO A 15 3.76 28.99 14.55
CA PRO A 15 2.81 29.25 15.65
C PRO A 15 1.54 29.94 15.18
N GLY A 16 0.40 29.38 15.53
CA GLY A 16 -0.89 29.97 15.22
C GLY A 16 -1.29 29.86 13.76
N ARG A 17 -0.44 29.23 12.96
CA ARG A 17 -0.73 29.06 11.53
C ARG A 17 -0.83 27.60 11.13
N GLY A 18 -1.16 26.75 12.09
CA GLY A 18 -1.42 25.35 11.82
C GLY A 18 -0.20 24.45 11.81
N GLU A 19 -0.26 23.40 11.00
CA GLU A 19 0.80 22.40 10.93
C GLU A 19 2.11 22.98 10.42
N PRO A 20 3.23 22.51 10.96
CA PRO A 20 4.57 22.94 10.57
C PRO A 20 4.87 22.59 9.12
N ARG A 21 5.66 23.43 8.46
CA ARG A 21 6.11 23.14 7.10
C ARG A 21 7.12 21.99 7.13
N PHE A 22 6.97 21.05 6.20
CA PHE A 22 7.89 19.93 6.11
C PHE A 22 8.37 19.74 4.67
N ILE A 23 9.69 19.75 4.49
CA ILE A 23 10.27 19.58 3.17
C ILE A 23 11.35 18.51 3.17
N ALA A 24 11.20 17.53 2.30
CA ALA A 24 12.17 16.45 2.18
C ALA A 24 12.71 16.38 0.76
N VAL A 25 14.02 16.19 0.64
CA VAL A 25 14.66 16.05 -0.67
C VAL A 25 15.73 14.97 -0.63
N GLY A 26 15.81 14.20 -1.72
CA GLY A 26 16.81 13.17 -1.84
C GLY A 26 17.85 13.51 -2.90
N TYR A 27 19.10 13.15 -2.64
CA TYR A 27 20.18 13.41 -3.57
C TYR A 27 21.00 12.16 -3.82
N VAL A 28 21.40 11.96 -5.07
CA VAL A 28 22.48 11.06 -5.40
C VAL A 28 23.63 11.94 -5.86
N ASP A 29 24.69 11.98 -5.07
CA ASP A 29 25.78 12.92 -5.32
C ASP A 29 25.24 14.34 -5.35
N ASP A 30 25.52 15.07 -6.42
CA ASP A 30 25.07 16.45 -6.54
C ASP A 30 23.81 16.56 -7.41
N THR A 31 23.02 15.50 -7.42
CA THR A 31 21.79 15.47 -8.21
C THR A 31 20.58 15.08 -7.36
N GLN A 32 19.62 15.99 -7.24
CA GLN A 32 18.38 15.70 -6.53
C GLN A 32 17.49 14.81 -7.38
N PHE A 33 16.88 13.80 -6.75
CA PHE A 33 16.04 12.87 -7.49
C PHE A 33 14.59 12.78 -6.98
N VAL A 34 14.36 13.21 -5.75
CA VAL A 34 13.00 13.21 -5.20
C VAL A 34 12.75 14.39 -4.28
N ARG A 35 11.49 14.60 -3.93
CA ARG A 35 11.11 15.64 -2.98
C ARG A 35 9.68 15.47 -2.46
N PHE A 36 9.42 16.03 -1.29
CA PHE A 36 8.09 16.06 -0.72
C PHE A 36 7.86 17.39 -0.02
N ASP A 37 6.78 18.07 -0.39
CA ASP A 37 6.45 19.36 0.20
C ASP A 37 5.07 19.30 0.86
N SER A 38 5.05 19.40 2.18
CA SER A 38 3.81 19.30 2.95
C SER A 38 2.75 20.29 2.46
N ASP A 39 3.20 21.41 1.89
CA ASP A 39 2.28 22.44 1.43
C ASP A 39 1.90 22.29 -0.04
N ALA A 40 2.29 21.17 -0.65
CA ALA A 40 1.92 20.89 -2.04
C ALA A 40 0.61 20.10 -2.07
N ALA A 41 -0.12 20.22 -3.18
CA ALA A 41 -1.44 19.61 -3.29
C ALA A 41 -1.39 18.09 -3.39
N SER A 42 -0.33 17.56 -4.01
CA SER A 42 -0.24 16.12 -4.28
C SER A 42 -0.10 15.28 -3.02
N GLN A 43 0.61 15.80 -2.03
CA GLN A 43 0.87 15.04 -0.80
C GLN A 43 1.58 13.74 -1.12
N ARG A 44 2.50 13.80 -2.08
CA ARG A 44 3.24 12.62 -2.51
C ARG A 44 4.72 12.93 -2.67
N MET A 45 5.54 11.87 -2.62
CA MET A 45 6.92 11.99 -3.01
C MET A 45 6.94 12.11 -4.53
N GLU A 46 7.67 13.10 -5.04
CA GLU A 46 7.68 13.34 -6.47
C GLU A 46 9.08 13.14 -7.05
N PRO A 47 9.15 12.72 -8.33
CA PRO A 47 10.43 12.57 -9.02
C PRO A 47 11.01 13.94 -9.37
N ARG A 48 12.33 14.07 -9.32
CA ARG A 48 12.99 15.32 -9.68
C ARG A 48 14.16 15.03 -10.61
N ALA A 49 14.30 13.76 -10.97
CA ALA A 49 15.28 13.33 -11.96
C ALA A 49 14.61 12.34 -12.89
N PRO A 50 14.89 12.45 -14.20
CA PRO A 50 14.26 11.59 -15.21
C PRO A 50 14.48 10.10 -14.97
N TRP A 51 15.58 9.74 -14.32
CA TRP A 51 15.94 8.34 -14.14
C TRP A 51 15.24 7.64 -12.98
N ILE A 52 14.47 8.40 -12.21
CA ILE A 52 13.72 7.82 -11.09
C ILE A 52 12.26 7.62 -11.48
N GLU A 53 11.85 8.29 -12.55
CA GLU A 53 10.46 8.20 -13.03
C GLU A 53 10.10 6.79 -13.47
N GLN A 54 11.12 5.96 -13.72
CA GLN A 54 10.89 4.59 -14.17
C GLN A 54 10.43 3.69 -13.03
N GLU A 55 10.61 4.17 -11.80
CA GLU A 55 10.16 3.43 -10.62
C GLU A 55 8.64 3.33 -10.60
N GLY A 56 8.13 2.11 -10.56
CA GLY A 56 6.69 1.87 -10.56
C GLY A 56 5.96 2.53 -9.41
N PRO A 57 4.63 2.32 -9.36
CA PRO A 57 3.75 2.90 -8.33
C PRO A 57 4.07 2.38 -6.94
N GLU A 58 4.59 1.15 -6.87
CA GLU A 58 4.94 0.55 -5.59
C GLU A 58 6.02 1.36 -4.91
N TYR A 59 7.00 1.80 -5.70
CA TYR A 59 8.09 2.63 -5.18
C TYR A 59 7.55 3.95 -4.65
N TRP A 60 6.68 4.59 -5.42
CA TRP A 60 6.16 5.90 -5.07
C TRP A 60 5.17 5.85 -3.91
N ASP A 61 4.31 4.83 -3.90
CA ASP A 61 3.40 4.63 -2.78
C ASP A 61 4.21 4.43 -1.50
N GLY A 62 5.21 3.55 -1.58
CA GLY A 62 6.06 3.25 -0.44
C GLY A 62 6.79 4.48 0.08
N GLU A 63 7.52 5.15 -0.81
CA GLU A 63 8.26 6.34 -0.43
C GLU A 63 7.33 7.42 0.11
N THR A 64 6.13 7.51 -0.45
CA THR A 64 5.14 8.47 0.01
C THR A 64 4.74 8.19 1.46
N ARG A 65 4.54 6.91 1.79
CA ARG A 65 4.15 6.52 3.14
C ARG A 65 5.24 6.83 4.15
N LYS A 66 6.48 6.48 3.81
CA LYS A 66 7.59 6.66 4.73
C LYS A 66 7.91 8.13 4.98
N VAL A 67 7.79 8.95 3.94
CA VAL A 67 8.09 10.37 4.07
C VAL A 67 7.00 11.07 4.89
N LYS A 68 5.77 10.54 4.81
CA LYS A 68 4.68 11.05 5.63
C LYS A 68 4.93 10.73 7.09
N ALA A 69 5.45 9.52 7.35
CA ALA A 69 5.80 9.11 8.70
C ALA A 69 6.94 9.97 9.23
N HIS A 70 7.93 10.20 8.38
CA HIS A 70 9.02 11.12 8.70
C HIS A 70 8.43 12.47 9.12
N SER A 71 7.48 12.95 8.34
CA SER A 71 6.85 14.24 8.56
C SER A 71 6.19 14.31 9.94
N GLN A 72 5.37 13.30 10.24
CA GLN A 72 4.65 13.27 11.51
C GLN A 72 5.60 13.20 12.71
N THR A 73 6.70 12.47 12.55
CA THR A 73 7.69 12.36 13.61
C THR A 73 8.29 13.72 13.93
N HIS A 74 8.58 14.49 12.89
CA HIS A 74 9.18 15.82 13.05
C HIS A 74 8.21 16.81 13.68
N ARG A 75 6.93 16.68 13.36
CA ARG A 75 5.91 17.56 13.95
C ARG A 75 5.89 17.39 15.46
N VAL A 76 6.02 16.15 15.91
CA VAL A 76 6.07 15.86 17.34
C VAL A 76 7.38 16.36 17.94
N ASP A 77 8.48 16.13 17.23
CA ASP A 77 9.80 16.55 17.69
C ASP A 77 9.84 18.04 18.02
N LEU A 78 9.18 18.85 17.20
CA LEU A 78 9.13 20.30 17.41
C LEU A 78 8.57 20.64 18.79
N GLY A 79 7.56 19.89 19.21
CA GLY A 79 6.95 20.10 20.51
C GLY A 79 7.86 19.67 21.64
N THR A 80 8.45 18.48 21.48
CA THR A 80 9.35 17.93 22.49
C THR A 80 10.54 18.85 22.72
N LEU A 81 11.09 19.39 21.63
CA LEU A 81 12.22 20.29 21.72
C LEU A 81 11.84 21.63 22.34
N ARG A 82 10.63 22.09 22.05
CA ARG A 82 10.13 23.32 22.63
C ARG A 82 10.05 23.16 24.15
N GLY A 83 9.86 21.92 24.59
CA GLY A 83 9.78 21.62 26.00
C GLY A 83 11.17 21.48 26.62
N TYR A 84 12.05 20.76 25.94
CA TYR A 84 13.41 20.56 26.43
C TYR A 84 14.08 21.90 26.76
N TYR A 85 13.82 22.91 25.92
CA TYR A 85 14.49 24.20 26.06
C TYR A 85 13.60 25.28 26.66
N ASN A 86 12.46 24.88 27.21
CA ASN A 86 11.56 25.80 27.90
C ASN A 86 11.27 27.05 27.07
N GLN A 87 10.81 26.84 25.84
CA GLN A 87 10.52 27.93 24.93
C GLN A 87 9.02 28.16 24.78
N SER A 88 8.63 29.39 24.43
CA SER A 88 7.22 29.73 24.28
C SER A 88 6.61 29.04 23.07
N GLU A 89 5.31 29.20 22.89
CA GLU A 89 4.60 28.58 21.77
C GLU A 89 4.40 29.55 20.62
N ALA A 90 4.89 30.77 20.79
CA ALA A 90 4.70 31.82 19.79
C ALA A 90 5.88 31.92 18.84
N GLY A 91 7.01 31.33 19.23
CA GLY A 91 8.21 31.40 18.42
C GLY A 91 8.27 30.32 17.36
N SER A 92 8.84 30.66 16.20
CA SER A 92 9.04 29.69 15.13
C SER A 92 10.41 29.05 15.26
N HIS A 93 10.45 27.73 15.15
CA HIS A 93 11.71 26.99 15.28
C HIS A 93 11.93 26.02 14.12
N THR A 94 13.18 25.60 13.95
CA THR A 94 13.54 24.73 12.84
C THR A 94 14.21 23.45 13.30
N VAL A 95 13.75 22.32 12.77
CA VAL A 95 14.43 21.05 12.96
C VAL A 95 14.93 20.55 11.61
N GLN A 96 16.19 20.11 11.58
CA GLN A 96 16.77 19.57 10.36
C GLN A 96 17.36 18.20 10.61
N ARG A 97 17.12 17.28 9.68
CA ARG A 97 17.73 15.96 9.73
C ARG A 97 18.39 15.60 8.41
N MET A 98 19.52 14.93 8.50
CA MET A 98 20.22 14.45 7.32
C MET A 98 20.80 13.06 7.59
N TYR A 99 20.59 12.15 6.66
CA TYR A 99 21.24 10.85 6.72
C TYR A 99 21.56 10.34 5.32
N GLY A 100 22.48 9.37 5.25
CA GLY A 100 22.90 8.84 3.97
C GLY A 100 24.21 8.08 4.08
N CYS A 101 24.73 7.65 2.93
CA CYS A 101 25.92 6.81 2.90
C CYS A 101 26.88 7.21 1.77
N ASP A 102 28.17 7.00 2.03
CA ASP A 102 29.19 7.21 1.01
C ASP A 102 29.75 5.87 0.56
N VAL A 103 30.07 5.77 -0.73
CA VAL A 103 30.72 4.58 -1.27
C VAL A 103 31.90 4.98 -2.13
N GLY A 104 32.94 4.14 -2.15
CA GLY A 104 34.13 4.42 -2.93
C GLY A 104 33.92 4.15 -4.41
N SER A 105 35.01 4.17 -5.17
CA SER A 105 34.95 3.92 -6.61
C SER A 105 34.47 2.50 -6.88
N ASP A 106 34.74 1.59 -5.96
CA ASP A 106 34.30 0.21 -6.08
C ASP A 106 32.87 0.03 -5.59
N TRP A 107 32.20 1.16 -5.34
CA TRP A 107 30.80 1.16 -4.93
C TRP A 107 30.57 0.42 -3.62
N ARG A 108 31.63 0.26 -2.83
CA ARG A 108 31.53 -0.40 -1.54
C ARG A 108 31.36 0.62 -0.42
N PHE A 109 30.58 0.25 0.59
CA PHE A 109 30.30 1.16 1.70
C PHE A 109 31.57 1.78 2.27
N LEU A 110 31.49 3.05 2.63
CA LEU A 110 32.67 3.78 3.09
C LEU A 110 32.37 4.56 4.37
N ARG A 111 31.14 5.01 4.52
CA ARG A 111 30.78 5.90 5.62
C ARG A 111 29.29 6.19 5.66
N GLY A 112 28.73 6.29 6.86
CA GLY A 112 27.31 6.54 7.02
C GLY A 112 27.02 7.71 7.95
N TYR A 113 25.91 8.40 7.71
CA TYR A 113 25.55 9.57 8.50
C TYR A 113 24.10 9.52 9.01
N HIS A 114 23.85 10.24 10.10
CA HIS A 114 22.51 10.46 10.60
C HIS A 114 22.57 11.55 11.66
N GLN A 115 22.19 12.76 11.29
CA GLN A 115 22.42 13.92 12.14
C GLN A 115 21.18 14.81 12.30
N TYR A 116 21.06 15.43 13.46
CA TYR A 116 19.96 16.34 13.76
C TYR A 116 20.49 17.70 14.18
N ALA A 117 19.78 18.75 13.78
CA ALA A 117 20.10 20.10 14.21
C ALA A 117 18.85 20.81 14.67
N TYR A 118 18.98 21.66 15.69
CA TYR A 118 17.86 22.45 16.18
C TYR A 118 18.18 23.94 16.08
N ASP A 119 17.41 24.65 15.29
CA ASP A 119 17.62 26.08 15.07
C ASP A 119 19.04 26.37 14.56
N GLY A 120 19.50 25.53 13.63
CA GLY A 120 20.78 25.76 12.96
C GLY A 120 22.00 25.27 13.71
N LYS A 121 21.79 24.58 14.83
CA LYS A 121 22.91 24.08 15.62
C LYS A 121 22.84 22.57 15.84
N ASP A 122 24.00 21.91 15.79
CA ASP A 122 24.10 20.49 16.07
C ASP A 122 23.31 20.14 17.32
N TYR A 123 22.43 19.15 17.21
CA TYR A 123 21.69 18.66 18.36
C TYR A 123 22.16 17.26 18.74
N ILE A 124 22.02 16.33 17.81
CA ILE A 124 22.50 14.97 18.02
C ILE A 124 22.99 14.38 16.72
N ALA A 125 24.04 13.57 16.79
CA ALA A 125 24.64 13.00 15.59
C ALA A 125 25.23 11.62 15.84
N LEU A 126 24.91 10.67 14.96
CA LEU A 126 25.51 9.35 15.00
C LEU A 126 26.99 9.45 14.66
N LYS A 127 27.84 8.83 15.45
CA LYS A 127 29.28 8.86 15.21
C LYS A 127 29.67 7.93 14.07
N GLU A 128 30.92 8.04 13.62
CA GLU A 128 31.37 7.29 12.46
C GLU A 128 31.31 5.77 12.66
N ASP A 129 31.42 5.32 13.91
CA ASP A 129 31.33 3.89 14.20
C ASP A 129 29.89 3.40 14.08
N LEU A 130 28.97 4.33 13.89
CA LEU A 130 27.56 4.00 13.77
C LEU A 130 27.08 3.22 14.99
N ARG A 131 27.73 3.44 16.12
CA ARG A 131 27.40 2.75 17.36
C ARG A 131 27.15 3.71 18.51
N SER A 132 27.70 4.91 18.40
CA SER A 132 27.62 5.89 19.48
C SER A 132 27.04 7.22 19.01
N TRP A 133 26.60 8.03 19.97
CA TRP A 133 25.97 9.32 19.66
C TRP A 133 26.75 10.49 20.23
N THR A 134 26.64 11.64 19.57
CA THR A 134 27.25 12.86 20.05
C THR A 134 26.17 13.82 20.55
N ALA A 135 26.23 14.16 21.84
CA ALA A 135 25.29 15.08 22.44
C ALA A 135 26.03 16.17 23.20
N ALA A 136 25.78 17.43 22.83
CA ALA A 136 26.52 18.55 23.39
C ALA A 136 25.94 19.07 24.70
N ASP A 137 24.62 19.07 24.80
CA ASP A 137 23.98 19.62 26.00
C ASP A 137 23.04 18.61 26.66
N MET A 138 22.45 19.04 27.78
CA MET A 138 21.54 18.18 28.54
C MET A 138 20.39 17.71 27.65
N ALA A 139 19.71 18.64 26.99
CA ALA A 139 18.61 18.29 26.10
C ALA A 139 18.97 17.10 25.21
N ALA A 140 20.10 17.21 24.52
CA ALA A 140 20.56 16.14 23.64
C ALA A 140 20.84 14.87 24.42
N GLN A 141 21.37 15.02 25.63
CA GLN A 141 21.62 13.89 26.51
C GLN A 141 20.37 13.03 26.68
N THR A 142 19.26 13.66 27.03
CA THR A 142 18.00 12.94 27.19
C THR A 142 17.67 12.12 25.96
N THR A 143 17.70 12.77 24.81
CA THR A 143 17.44 12.11 23.54
C THR A 143 18.36 10.91 23.36
N LYS A 144 19.64 11.12 23.67
CA LYS A 144 20.64 10.07 23.56
C LYS A 144 20.28 8.84 24.39
N HIS A 145 19.85 9.04 25.63
CA HIS A 145 19.44 7.94 26.48
C HIS A 145 18.26 7.21 25.87
N LYS A 146 17.25 7.97 25.47
CA LYS A 146 16.07 7.42 24.81
C LYS A 146 16.45 6.52 23.63
N TRP A 147 17.31 7.05 22.76
CA TRP A 147 17.71 6.34 21.55
C TRP A 147 18.62 5.15 21.84
N GLU A 148 19.33 5.22 22.97
CA GLU A 148 20.19 4.12 23.39
C GLU A 148 19.35 2.93 23.84
N ALA A 149 18.28 3.22 24.56
CA ALA A 149 17.41 2.18 25.11
C ALA A 149 16.59 1.50 24.00
N ALA A 150 16.26 2.27 22.97
CA ALA A 150 15.49 1.73 21.85
C ALA A 150 16.40 1.16 20.77
N HIS A 151 17.70 1.12 21.07
CA HIS A 151 18.69 0.58 20.15
C HIS A 151 18.52 1.14 18.74
N VAL A 152 18.44 2.47 18.65
CA VAL A 152 18.23 3.14 17.37
C VAL A 152 19.44 3.03 16.44
N ALA A 153 20.63 3.14 17.00
CA ALA A 153 21.86 3.09 16.22
C ALA A 153 21.98 1.79 15.42
N GLU A 154 21.63 0.68 16.08
CA GLU A 154 21.76 -0.64 15.46
C GLU A 154 20.88 -0.79 14.23
N GLN A 155 19.71 -0.18 14.28
CA GLN A 155 18.77 -0.25 13.16
C GLN A 155 19.19 0.71 12.05
N LEU A 156 19.63 1.91 12.43
CA LEU A 156 20.12 2.89 11.48
C LEU A 156 21.33 2.32 10.73
N ARG A 157 22.20 1.62 11.46
CA ARG A 157 23.39 1.03 10.85
C ARG A 157 23.02 0.02 9.78
N ALA A 158 21.99 -0.78 10.05
CA ALA A 158 21.51 -1.76 9.10
C ALA A 158 21.13 -1.08 7.78
N TYR A 159 20.46 0.05 7.90
CA TYR A 159 20.02 0.80 6.72
C TYR A 159 21.21 1.42 5.97
N LEU A 160 22.09 2.09 6.72
CA LEU A 160 23.20 2.80 6.11
C LEU A 160 24.21 1.88 5.43
N GLU A 161 24.42 0.70 6.01
CA GLU A 161 25.39 -0.25 5.47
C GLU A 161 24.75 -1.19 4.45
N GLY A 162 23.43 -1.32 4.52
CA GLY A 162 22.72 -2.24 3.63
C GLY A 162 21.84 -1.53 2.62
N THR A 163 20.60 -1.27 3.00
CA THR A 163 19.61 -0.66 2.11
C THR A 163 20.13 0.58 1.40
N CYS A 164 20.69 1.52 2.16
CA CYS A 164 21.18 2.77 1.61
C CYS A 164 22.19 2.53 0.49
N VAL A 165 23.17 1.67 0.76
CA VAL A 165 24.19 1.34 -0.21
C VAL A 165 23.60 0.63 -1.44
N GLU A 166 22.78 -0.38 -1.18
CA GLU A 166 22.16 -1.17 -2.24
C GLU A 166 21.39 -0.29 -3.23
N TRP A 167 20.52 0.56 -2.69
CA TRP A 167 19.68 1.42 -3.53
C TRP A 167 20.48 2.54 -4.17
N LEU A 168 21.57 2.95 -3.54
CA LEU A 168 22.48 3.92 -4.15
C LEU A 168 23.04 3.31 -5.42
N ARG A 169 23.45 2.05 -5.33
CA ARG A 169 23.95 1.32 -6.48
C ARG A 169 22.89 1.24 -7.58
N ARG A 170 21.66 0.91 -7.18
CA ARG A 170 20.57 0.80 -8.13
C ARG A 170 20.34 2.10 -8.91
N TYR A 171 20.38 3.22 -8.19
CA TYR A 171 20.19 4.53 -8.81
C TYR A 171 21.32 4.85 -9.78
N LEU A 172 22.54 4.53 -9.38
CA LEU A 172 23.70 4.75 -10.23
C LEU A 172 23.56 3.99 -11.55
N GLU A 173 23.13 2.73 -11.46
CA GLU A 173 22.92 1.90 -12.64
C GLU A 173 21.79 2.45 -13.49
N ASN A 174 20.62 2.62 -12.88
CA ASN A 174 19.45 3.10 -13.59
C ASN A 174 19.65 4.46 -14.25
N GLY A 175 20.47 5.30 -13.63
CA GLY A 175 20.75 6.62 -14.16
C GLY A 175 22.21 6.79 -14.55
N LYS A 176 22.75 5.79 -15.24
CA LYS A 176 24.16 5.79 -15.59
C LYS A 176 24.58 6.98 -16.46
N GLU A 177 23.78 7.30 -17.46
CA GLU A 177 24.14 8.35 -18.41
C GLU A 177 24.42 9.69 -17.75
N THR A 178 23.74 9.96 -16.63
CA THR A 178 23.90 11.24 -15.95
C THR A 178 24.63 11.12 -14.61
N LEU A 179 24.36 10.04 -13.88
CA LEU A 179 24.97 9.86 -12.56
C LEU A 179 26.40 9.36 -12.63
N GLN A 180 26.75 8.67 -13.71
CA GLN A 180 28.09 8.12 -13.87
C GLN A 180 28.92 8.89 -14.88
N ARG A 181 28.44 10.08 -15.25
CA ARG A 181 29.15 10.92 -16.19
C ARG A 181 30.14 11.81 -15.46
N THR A 182 31.25 12.14 -16.11
CA THR A 182 32.19 13.12 -15.59
C THR A 182 32.45 14.18 -16.64
N ASP A 183 31.87 15.36 -16.43
CA ASP A 183 32.03 16.46 -17.37
C ASP A 183 33.18 17.38 -16.97
N ALA A 184 34.31 17.23 -17.65
CA ALA A 184 35.44 18.11 -17.44
C ALA A 184 34.98 19.54 -17.67
N PRO A 185 35.48 20.48 -16.86
CA PRO A 185 35.07 21.89 -16.97
C PRO A 185 35.54 22.53 -18.27
N LYS A 186 34.68 23.35 -18.86
CA LYS A 186 35.09 24.21 -19.97
C LYS A 186 35.70 25.47 -19.36
N THR A 187 36.97 25.71 -19.65
CA THR A 187 37.68 26.82 -19.01
C THR A 187 38.09 27.91 -20.00
N HIS A 188 37.96 29.15 -19.56
CA HIS A 188 38.44 30.29 -20.32
C HIS A 188 38.75 31.44 -19.37
N MET A 189 39.29 32.52 -19.91
CA MET A 189 39.78 33.63 -19.09
C MET A 189 39.28 34.96 -19.64
N THR A 190 38.86 35.85 -18.75
CA THR A 190 38.42 37.18 -19.15
C THR A 190 39.35 38.26 -18.60
N HIS A 191 39.44 39.38 -19.31
CA HIS A 191 40.32 40.47 -18.93
C HIS A 191 39.61 41.81 -19.09
N HIS A 192 39.49 42.55 -17.98
CA HIS A 192 38.82 43.84 -18.01
C HIS A 192 39.58 44.89 -17.18
N ALA A 193 39.86 46.03 -17.80
CA ALA A 193 40.54 47.12 -17.11
C ALA A 193 39.63 47.80 -16.10
N VAL A 194 40.00 47.73 -14.83
CA VAL A 194 39.23 48.40 -13.78
C VAL A 194 39.66 49.86 -13.70
N SER A 195 40.88 50.13 -14.13
CA SER A 195 41.43 51.48 -14.11
C SER A 195 42.59 51.60 -15.10
N ASP A 196 43.44 52.59 -14.89
CA ASP A 196 44.58 52.83 -15.76
C ASP A 196 45.74 51.92 -15.42
N HIS A 197 45.87 51.58 -14.14
CA HIS A 197 47.03 50.84 -13.66
C HIS A 197 46.72 49.39 -13.31
N GLU A 198 45.45 49.01 -13.42
CA GLU A 198 45.04 47.66 -13.02
C GLU A 198 44.00 47.04 -13.96
N ALA A 199 43.88 45.72 -13.90
CA ALA A 199 42.88 44.99 -14.67
C ALA A 199 42.47 43.71 -13.96
N THR A 200 41.24 43.27 -14.18
CA THR A 200 40.75 42.05 -13.57
C THR A 200 40.94 40.85 -14.50
N LEU A 201 41.66 39.85 -14.01
CA LEU A 201 41.75 38.56 -14.70
C LEU A 201 40.85 37.56 -14.01
N ARG A 202 39.88 37.03 -14.75
CA ARG A 202 38.93 36.08 -14.18
C ARG A 202 39.03 34.71 -14.88
N CYS A 203 39.26 33.68 -14.08
CA CYS A 203 39.37 32.32 -14.60
C CYS A 203 38.04 31.57 -14.43
N TRP A 204 37.49 31.09 -15.54
CA TRP A 204 36.18 30.46 -15.54
C TRP A 204 36.23 28.94 -15.65
N ALA A 205 35.36 28.28 -14.89
CA ALA A 205 35.12 26.84 -15.05
C ALA A 205 33.62 26.62 -15.24
N LEU A 206 33.24 26.06 -16.37
CA LEU A 206 31.82 25.92 -16.71
C LEU A 206 31.44 24.50 -17.14
N SER A 207 30.15 24.19 -16.98
CA SER A 207 29.59 22.93 -17.46
C SER A 207 30.29 21.69 -16.93
N PHE A 208 30.75 21.73 -15.68
CA PHE A 208 31.44 20.58 -15.12
C PHE A 208 30.56 19.78 -14.15
N TYR A 209 30.90 18.51 -14.00
CA TYR A 209 30.22 17.61 -13.08
C TYR A 209 31.17 16.48 -12.72
N PRO A 210 31.29 16.15 -11.42
CA PRO A 210 30.50 16.68 -10.30
C PRO A 210 30.90 18.11 -9.93
N ALA A 211 30.32 18.61 -8.83
CA ALA A 211 30.53 19.98 -8.40
C ALA A 211 31.91 20.23 -7.80
N GLU A 212 32.50 19.19 -7.20
CA GLU A 212 33.79 19.33 -6.54
C GLU A 212 34.87 19.77 -7.53
N ILE A 213 35.57 20.86 -7.19
CA ILE A 213 36.60 21.41 -8.06
C ILE A 213 37.54 22.34 -7.31
N THR A 214 38.74 22.51 -7.82
CA THR A 214 39.71 23.43 -7.23
C THR A 214 40.15 24.48 -8.25
N LEU A 215 40.03 25.76 -7.87
CA LEU A 215 40.45 26.87 -8.71
C LEU A 215 41.37 27.80 -7.93
N THR A 216 42.60 27.96 -8.40
CA THR A 216 43.54 28.84 -7.73
C THR A 216 44.33 29.71 -8.70
N TRP A 217 44.76 30.87 -8.22
CA TRP A 217 45.64 31.75 -8.96
C TRP A 217 47.04 31.73 -8.36
N GLN A 218 48.05 31.81 -9.21
CA GLN A 218 49.42 31.92 -8.76
C GLN A 218 50.14 33.07 -9.45
N ARG A 219 51.02 33.73 -8.71
CA ARG A 219 51.88 34.75 -9.28
C ARG A 219 53.33 34.29 -9.17
N ASP A 220 53.94 33.99 -10.31
CA ASP A 220 55.29 33.43 -10.33
C ASP A 220 55.35 32.19 -9.45
N GLY A 221 54.31 31.38 -9.51
CA GLY A 221 54.27 30.12 -8.80
C GLY A 221 53.84 30.20 -7.35
N GLU A 222 53.59 31.41 -6.87
CA GLU A 222 53.17 31.60 -5.47
C GLU A 222 51.67 31.81 -5.35
N ASP A 223 51.04 31.03 -4.48
CA ASP A 223 49.59 31.09 -4.30
C ASP A 223 49.12 32.47 -3.88
N GLN A 224 47.92 32.83 -4.34
CA GLN A 224 47.38 34.16 -4.12
C GLN A 224 46.07 34.09 -3.36
N THR A 225 45.91 33.04 -2.55
CA THR A 225 44.69 32.77 -1.81
C THR A 225 43.96 34.02 -1.31
N GLN A 226 44.67 34.87 -0.59
CA GLN A 226 44.04 36.02 0.06
C GLN A 226 43.90 37.24 -0.85
N ASP A 227 44.48 37.16 -2.04
CA ASP A 227 44.40 38.25 -3.01
C ASP A 227 43.53 37.88 -4.21
N THR A 228 42.91 36.70 -4.15
CA THR A 228 42.01 36.27 -5.22
C THR A 228 40.58 36.17 -4.69
N GLU A 229 39.62 36.58 -5.52
CA GLU A 229 38.22 36.43 -5.16
C GLU A 229 37.68 35.10 -5.66
N LEU A 230 37.23 34.26 -4.72
CA LEU A 230 36.65 32.97 -5.04
C LEU A 230 35.14 32.97 -4.77
N VAL A 231 34.35 32.77 -5.82
CA VAL A 231 32.92 32.61 -5.63
C VAL A 231 32.61 31.16 -5.29
N GLU A 232 31.50 30.95 -4.59
CA GLU A 232 31.07 29.59 -4.25
C GLU A 232 30.66 28.83 -5.49
N THR A 233 31.01 27.55 -5.55
CA THR A 233 30.58 26.70 -6.66
C THR A 233 29.06 26.73 -6.77
N ARG A 234 28.57 27.04 -7.96
CA ARG A 234 27.15 27.33 -8.15
C ARG A 234 26.54 26.50 -9.28
N PRO A 235 25.26 26.10 -9.10
CA PRO A 235 24.55 25.31 -10.11
C PRO A 235 24.13 26.16 -11.31
N ALA A 236 24.34 25.63 -12.52
CA ALA A 236 23.90 26.31 -13.73
C ALA A 236 22.41 26.11 -13.95
N GLY A 237 21.85 25.10 -13.29
CA GLY A 237 20.43 24.81 -13.40
C GLY A 237 20.15 23.66 -14.35
N ASP A 238 21.15 23.24 -15.10
CA ASP A 238 21.00 22.17 -16.07
C ASP A 238 21.64 20.88 -15.59
N GLY A 239 22.11 20.88 -14.35
CA GLY A 239 22.75 19.70 -13.79
C GLY A 239 24.25 19.84 -13.68
N THR A 240 24.80 20.86 -14.33
CA THR A 240 26.23 21.15 -14.24
C THR A 240 26.48 22.28 -13.25
N PHE A 241 27.74 22.64 -13.08
CA PHE A 241 28.11 23.66 -12.11
C PHE A 241 29.10 24.68 -12.66
N GLN A 242 29.23 25.80 -11.95
CA GLN A 242 30.12 26.88 -12.37
C GLN A 242 30.94 27.38 -11.19
N LYS A 243 32.00 28.12 -11.51
CA LYS A 243 32.85 28.72 -10.50
C LYS A 243 33.91 29.58 -11.19
N TRP A 244 34.29 30.68 -10.55
CA TRP A 244 35.39 31.48 -11.06
C TRP A 244 36.25 32.09 -9.97
N ALA A 245 37.52 32.30 -10.31
CA ALA A 245 38.47 32.95 -9.41
C ALA A 245 39.08 34.15 -10.13
N ALA A 246 38.97 35.32 -9.51
CA ALA A 246 39.47 36.54 -10.13
C ALA A 246 40.63 37.12 -9.34
N VAL A 247 41.53 37.80 -10.05
CA VAL A 247 42.67 38.46 -9.41
C VAL A 247 42.92 39.81 -10.05
N VAL A 248 43.25 40.81 -9.24
CA VAL A 248 43.56 42.13 -9.76
C VAL A 248 45.04 42.22 -10.13
N VAL A 249 45.30 42.41 -11.42
CA VAL A 249 46.66 42.44 -11.94
C VAL A 249 47.06 43.85 -12.37
N PRO A 250 48.22 44.31 -11.91
CA PRO A 250 48.78 45.60 -12.36
C PRO A 250 49.14 45.52 -13.83
N SER A 251 48.71 46.51 -14.61
CA SER A 251 48.95 46.51 -16.06
C SER A 251 50.40 46.19 -16.42
N GLY A 252 50.59 45.08 -17.12
CA GLY A 252 51.91 44.67 -17.56
C GLY A 252 52.43 43.43 -16.87
N GLN A 253 51.64 42.88 -15.94
CA GLN A 253 52.06 41.71 -15.18
C GLN A 253 51.20 40.47 -15.48
N GLU A 254 50.42 40.53 -16.55
CA GLU A 254 49.54 39.42 -16.92
C GLU A 254 50.29 38.09 -17.00
N GLN A 255 51.48 38.11 -17.59
CA GLN A 255 52.24 36.90 -17.83
C GLN A 255 52.67 36.19 -16.55
N ARG A 256 52.77 36.95 -15.46
CA ARG A 256 53.23 36.41 -14.19
C ARG A 256 52.18 35.48 -13.55
N TYR A 257 50.93 35.65 -13.95
CA TYR A 257 49.83 34.95 -13.30
C TYR A 257 49.43 33.66 -13.99
N THR A 258 49.11 32.63 -13.21
CA THR A 258 48.62 31.37 -13.74
C THR A 258 47.41 30.87 -12.97
N CYS A 259 46.37 30.45 -13.71
CA CYS A 259 45.20 29.85 -13.10
C CYS A 259 45.34 28.34 -13.15
N HIS A 260 45.04 27.68 -12.04
CA HIS A 260 45.17 26.23 -11.97
C HIS A 260 43.83 25.57 -11.70
N VAL A 261 43.48 24.58 -12.52
CA VAL A 261 42.19 23.92 -12.43
C VAL A 261 42.34 22.42 -12.15
N GLN A 262 41.70 21.94 -11.10
CA GLN A 262 41.71 20.53 -10.77
C GLN A 262 40.27 20.01 -10.71
N HIS A 263 40.00 18.95 -11.47
CA HIS A 263 38.67 18.37 -11.49
C HIS A 263 38.70 16.91 -11.91
N GLU A 264 37.78 16.13 -11.36
CA GLU A 264 37.68 14.70 -11.63
C GLU A 264 37.76 14.37 -13.12
N GLY A 265 37.15 15.20 -13.94
CA GLY A 265 37.11 14.96 -15.38
C GLY A 265 38.38 15.32 -16.12
N LEU A 266 39.35 15.87 -15.40
CA LEU A 266 40.62 16.26 -16.01
C LEU A 266 41.71 15.23 -15.67
N PRO A 267 42.35 14.67 -16.71
CA PRO A 267 43.44 13.72 -16.52
C PRO A 267 44.54 14.30 -15.64
N LYS A 268 45.01 15.49 -16.00
CA LYS A 268 45.99 16.21 -15.19
C LYS A 268 45.52 17.63 -14.93
N PRO A 269 45.97 18.23 -13.83
CA PRO A 269 45.59 19.62 -13.51
C PRO A 269 45.93 20.56 -14.65
N LEU A 270 45.00 21.47 -14.97
CA LEU A 270 45.21 22.42 -16.05
C LEU A 270 45.90 23.69 -15.55
N THR A 271 46.77 24.24 -16.39
CA THR A 271 47.44 25.51 -16.09
C THR A 271 47.15 26.51 -17.19
N LEU A 272 46.55 27.64 -16.83
CA LEU A 272 46.18 28.66 -17.79
C LEU A 272 46.85 29.98 -17.45
N ARG A 273 47.26 30.73 -18.48
CA ARG A 273 47.81 32.06 -18.28
C ARG A 273 47.47 32.97 -19.45
N TRP A 274 47.05 34.19 -19.14
CA TRP A 274 46.72 35.17 -20.16
C TRP A 274 47.95 35.50 -21.00
N GLU A 275 47.86 35.28 -22.30
CA GLU A 275 48.97 35.57 -23.20
C GLU A 275 48.54 35.53 -24.67
N MET B 1 18.53 33.02 18.93
CA MET B 1 18.74 31.97 17.95
C MET B 1 19.71 32.41 16.87
N ILE B 2 20.42 31.46 16.28
CA ILE B 2 21.42 31.78 15.26
C ILE B 2 20.77 32.26 13.96
N GLN B 3 21.42 33.23 13.33
CA GLN B 3 20.95 33.77 12.06
C GLN B 3 22.14 33.99 11.14
N ARG B 4 22.05 33.46 9.93
CA ARG B 4 23.14 33.64 8.97
C ARG B 4 22.62 34.35 7.71
N THR B 5 23.39 35.34 7.25
CA THR B 5 22.99 36.13 6.10
C THR B 5 23.26 35.39 4.79
N PRO B 6 22.29 35.45 3.86
CA PRO B 6 22.41 34.75 2.57
C PRO B 6 23.50 35.34 1.68
N LYS B 7 24.28 34.46 1.05
CA LYS B 7 25.20 34.87 0.00
C LYS B 7 24.41 34.87 -1.31
N ILE B 8 24.71 35.83 -2.19
CA ILE B 8 23.94 35.99 -3.41
C ILE B 8 24.80 36.00 -4.67
N GLN B 9 24.39 35.21 -5.65
CA GLN B 9 25.02 35.25 -6.97
C GLN B 9 23.95 35.34 -8.06
N VAL B 10 24.07 36.35 -8.91
CA VAL B 10 23.20 36.49 -10.07
C VAL B 10 24.00 36.18 -11.31
N TYR B 11 23.49 35.28 -12.15
CA TYR B 11 24.24 34.82 -13.32
C TYR B 11 23.35 34.11 -14.32
N SER B 12 23.87 33.88 -15.51
CA SER B 12 23.14 33.16 -16.55
C SER B 12 23.65 31.73 -16.68
N ARG B 13 22.77 30.81 -17.07
CA ARG B 13 23.14 29.41 -17.24
C ARG B 13 24.24 29.27 -18.29
N HIS B 14 24.07 29.96 -19.40
CA HIS B 14 25.06 29.97 -20.47
C HIS B 14 25.66 31.36 -20.60
N PRO B 15 26.84 31.47 -21.23
CA PRO B 15 27.42 32.80 -21.50
C PRO B 15 26.40 33.69 -22.19
N ALA B 16 26.30 34.94 -21.75
CA ALA B 16 25.30 35.87 -22.27
C ALA B 16 25.53 36.19 -23.75
N GLU B 17 24.51 35.94 -24.56
CA GLU B 17 24.55 36.29 -25.97
C GLU B 17 23.25 36.98 -26.38
N ASN B 18 23.35 38.25 -26.74
CA ASN B 18 22.17 39.04 -27.10
C ASN B 18 21.34 38.39 -28.19
N GLY B 19 20.05 38.19 -27.90
CA GLY B 19 19.13 37.61 -28.86
C GLY B 19 18.99 36.11 -28.73
N LYS B 20 19.76 35.52 -27.81
CA LYS B 20 19.74 34.07 -27.63
C LYS B 20 19.15 33.66 -26.29
N SER B 21 18.21 32.73 -26.34
CA SER B 21 17.53 32.25 -25.14
C SER B 21 18.52 31.80 -24.08
N ASN B 22 18.15 31.95 -22.81
CA ASN B 22 19.04 31.65 -21.70
C ASN B 22 18.26 31.52 -20.40
N PHE B 23 18.95 31.36 -19.29
CA PHE B 23 18.31 31.31 -17.99
C PHE B 23 18.98 32.28 -17.02
N LEU B 24 18.17 33.12 -16.39
CA LEU B 24 18.68 34.02 -15.36
C LEU B 24 18.61 33.32 -14.01
N ASN B 25 19.76 33.12 -13.39
CA ASN B 25 19.83 32.45 -12.09
C ASN B 25 20.12 33.41 -10.94
N CYS B 26 19.46 33.18 -9.82
CA CYS B 26 19.84 33.82 -8.56
C CYS B 26 20.03 32.74 -7.52
N TYR B 27 21.28 32.56 -7.09
CA TYR B 27 21.61 31.51 -6.14
C TYR B 27 21.86 32.10 -4.75
N VAL B 28 21.01 31.72 -3.80
CA VAL B 28 21.16 32.17 -2.42
C VAL B 28 21.55 30.99 -1.53
N SER B 29 22.58 31.17 -0.71
CA SER B 29 23.10 30.09 0.11
C SER B 29 23.65 30.58 1.44
N GLY B 30 23.89 29.65 2.36
CA GLY B 30 24.50 29.96 3.63
C GLY B 30 23.64 30.79 4.56
N PHE B 31 22.33 30.73 4.38
CA PHE B 31 21.42 31.50 5.21
C PHE B 31 20.64 30.65 6.21
N HIS B 32 20.12 31.30 7.24
CA HIS B 32 19.34 30.64 8.28
C HIS B 32 18.70 31.73 9.14
N PRO B 33 17.40 31.58 9.46
CA PRO B 33 16.52 30.47 9.11
C PRO B 33 16.15 30.44 7.63
N SER B 34 15.20 29.58 7.28
CA SER B 34 14.88 29.30 5.88
C SER B 34 13.92 30.31 5.24
N ASP B 35 13.22 31.09 6.06
CA ASP B 35 12.33 32.11 5.53
C ASP B 35 13.13 33.14 4.75
N ILE B 36 12.78 33.33 3.49
CA ILE B 36 13.55 34.20 2.61
C ILE B 36 12.75 34.67 1.41
N GLU B 37 13.02 35.89 0.96
CA GLU B 37 12.35 36.43 -0.22
C GLU B 37 13.35 36.71 -1.32
N VAL B 38 13.11 36.10 -2.48
CA VAL B 38 13.97 36.28 -3.64
C VAL B 38 13.17 36.65 -4.88
N ASP B 39 13.48 37.81 -5.45
CA ASP B 39 12.82 38.27 -6.67
C ASP B 39 13.84 38.54 -7.76
N LEU B 40 13.48 38.21 -8.99
CA LEU B 40 14.30 38.55 -10.14
C LEU B 40 13.72 39.78 -10.81
N LEU B 41 14.56 40.78 -11.03
CA LEU B 41 14.10 42.06 -11.56
C LEU B 41 14.52 42.26 -13.01
N LYS B 42 13.64 42.92 -13.78
CA LYS B 42 13.94 43.30 -15.15
C LYS B 42 13.68 44.79 -15.34
N ASN B 43 14.72 45.60 -15.25
CA ASN B 43 14.60 47.05 -15.33
C ASN B 43 13.80 47.61 -14.15
N GLY B 44 13.92 46.96 -13.00
CA GLY B 44 13.27 47.42 -11.80
C GLY B 44 11.98 46.67 -11.49
N GLU B 45 11.39 46.07 -12.52
CA GLU B 45 10.15 45.32 -12.35
C GLU B 45 10.44 43.86 -11.99
N ARG B 46 9.83 43.38 -10.93
CA ARG B 46 9.99 41.99 -10.54
C ARG B 46 9.33 41.06 -11.55
N ILE B 47 9.97 39.94 -11.84
CA ILE B 47 9.45 38.97 -12.79
C ILE B 47 8.53 37.97 -12.10
N GLU B 48 7.43 37.62 -12.76
CA GLU B 48 6.41 36.77 -12.15
C GLU B 48 6.64 35.28 -12.39
N LYS B 49 7.10 34.94 -13.60
CA LYS B 49 7.33 33.55 -13.96
C LYS B 49 8.68 33.05 -13.44
N VAL B 50 8.84 33.07 -12.12
CA VAL B 50 10.11 32.67 -11.51
C VAL B 50 9.97 31.39 -10.69
N GLU B 51 10.70 30.35 -11.09
CA GLU B 51 10.71 29.09 -10.37
C GLU B 51 11.89 29.03 -9.40
N HIS B 52 11.83 28.09 -8.46
CA HIS B 52 12.94 27.89 -7.53
C HIS B 52 13.09 26.43 -7.17
N SER B 53 14.33 26.03 -6.85
CA SER B 53 14.61 24.67 -6.46
C SER B 53 13.97 24.34 -5.11
N ASP B 54 13.99 23.06 -4.74
CA ASP B 54 13.43 22.62 -3.47
C ASP B 54 14.40 22.92 -2.33
N LEU B 55 13.88 23.45 -1.24
CA LEU B 55 14.70 23.82 -0.09
C LEU B 55 15.63 22.68 0.36
N SER B 56 16.93 22.97 0.36
CA SER B 56 17.92 22.01 0.83
C SER B 56 18.99 22.76 1.63
N PHE B 57 19.89 22.03 2.26
CA PHE B 57 20.93 22.66 3.08
C PHE B 57 22.29 21.99 2.98
N SER B 58 23.32 22.70 3.40
CA SER B 58 24.68 22.21 3.34
C SER B 58 25.07 21.43 4.60
N LYS B 59 26.32 20.97 4.63
CA LYS B 59 26.85 20.23 5.77
C LYS B 59 26.71 21.01 7.07
N ASP B 60 26.92 22.32 7.00
CA ASP B 60 26.87 23.17 8.19
C ASP B 60 25.45 23.62 8.53
N TRP B 61 24.47 22.95 7.94
CA TRP B 61 23.06 23.18 8.25
C TRP B 61 22.43 24.42 7.61
N SER B 62 23.24 25.22 6.93
CA SER B 62 22.73 26.44 6.29
C SER B 62 22.05 26.11 4.96
N PHE B 63 20.95 26.82 4.69
CA PHE B 63 20.13 26.53 3.51
C PHE B 63 20.66 27.14 2.22
N TYR B 64 20.22 26.58 1.10
CA TYR B 64 20.49 27.17 -0.22
C TYR B 64 19.31 26.97 -1.16
N LEU B 65 19.06 27.98 -2.00
CA LEU B 65 17.97 27.94 -2.97
C LEU B 65 18.44 28.48 -4.31
N LEU B 66 17.91 27.91 -5.38
CA LEU B 66 18.17 28.42 -6.72
C LEU B 66 16.89 28.94 -7.38
N TYR B 67 16.82 30.26 -7.56
CA TYR B 67 15.71 30.86 -8.29
C TYR B 67 16.14 31.07 -9.73
N TYR B 68 15.24 30.81 -10.67
CA TYR B 68 15.58 30.87 -12.08
C TYR B 68 14.39 31.20 -12.96
N THR B 69 14.66 31.83 -14.10
CA THR B 69 13.63 32.16 -15.07
C THR B 69 14.22 32.19 -16.47
N GLU B 70 13.40 31.83 -17.46
CA GLU B 70 13.83 31.82 -18.85
C GLU B 70 13.87 33.26 -19.37
N PHE B 71 14.97 33.66 -19.97
CA PHE B 71 15.11 35.03 -20.47
C PHE B 71 16.02 35.13 -21.69
N THR B 72 15.92 36.24 -22.40
CA THR B 72 16.77 36.51 -23.56
C THR B 72 17.44 37.87 -23.41
N PRO B 73 18.75 37.85 -23.13
CA PRO B 73 19.52 39.07 -22.85
C PRO B 73 19.56 40.03 -24.03
N THR B 74 19.67 41.32 -23.73
CA THR B 74 19.85 42.35 -24.75
C THR B 74 20.84 43.38 -24.21
N GLU B 75 21.26 44.30 -25.06
CA GLU B 75 22.21 45.32 -24.64
C GLU B 75 21.64 46.25 -23.59
N LYS B 76 20.40 46.69 -23.79
CA LYS B 76 19.79 47.70 -22.94
C LYS B 76 19.14 47.14 -21.66
N ASP B 77 18.66 45.90 -21.73
CA ASP B 77 17.97 45.30 -20.61
C ASP B 77 18.83 45.14 -19.36
N GLU B 78 18.27 45.56 -18.23
CA GLU B 78 18.94 45.47 -16.94
C GLU B 78 18.31 44.37 -16.09
N TYR B 79 19.14 43.55 -15.48
CA TYR B 79 18.63 42.49 -14.61
C TYR B 79 19.28 42.53 -13.23
N ALA B 80 18.54 42.12 -12.21
CA ALA B 80 19.03 42.14 -10.86
C ALA B 80 18.28 41.13 -9.98
N CYS B 81 18.85 40.83 -8.82
CA CYS B 81 18.20 39.94 -7.87
C CYS B 81 17.95 40.68 -6.56
N ARG B 82 16.70 40.66 -6.12
CA ARG B 82 16.33 41.29 -4.86
C ARG B 82 16.11 40.21 -3.80
N VAL B 83 16.87 40.30 -2.72
CA VAL B 83 16.79 39.31 -1.64
C VAL B 83 16.48 39.98 -0.31
N ASN B 84 15.49 39.44 0.40
CA ASN B 84 15.18 39.91 1.75
C ASN B 84 15.24 38.77 2.75
N HIS B 85 15.76 39.07 3.94
CA HIS B 85 15.98 38.06 4.96
C HIS B 85 16.06 38.73 6.32
N VAL B 86 15.81 37.96 7.38
CA VAL B 86 15.81 38.52 8.74
C VAL B 86 17.16 39.13 9.10
N THR B 87 18.22 38.70 8.43
CA THR B 87 19.57 39.18 8.72
C THR B 87 19.89 40.48 7.97
N LEU B 88 18.95 40.97 7.19
CA LEU B 88 19.16 42.19 6.41
C LEU B 88 18.26 43.33 6.88
N SER B 89 18.88 44.47 7.19
CA SER B 89 18.13 45.64 7.60
C SER B 89 17.33 46.20 6.43
N GLN B 90 17.78 45.88 5.22
CA GLN B 90 17.07 46.29 4.00
C GLN B 90 17.35 45.29 2.88
N PRO B 91 16.35 45.07 2.02
CA PRO B 91 16.49 44.12 0.90
C PRO B 91 17.74 44.39 0.09
N LYS B 92 18.52 43.35 -0.17
CA LYS B 92 19.77 43.50 -0.93
C LYS B 92 19.54 43.31 -2.42
N ILE B 93 19.93 44.33 -3.19
CA ILE B 93 19.83 44.26 -4.64
C ILE B 93 21.20 43.94 -5.23
N VAL B 94 21.27 42.87 -6.02
CA VAL B 94 22.50 42.52 -6.71
C VAL B 94 22.27 42.52 -8.22
N LYS B 95 22.89 43.49 -8.90
CA LYS B 95 22.73 43.62 -10.35
C LYS B 95 23.45 42.50 -11.08
N TRP B 96 22.86 42.04 -12.17
CA TRP B 96 23.47 41.01 -13.00
C TRP B 96 24.57 41.58 -13.87
N ASP B 97 25.76 40.99 -13.77
CA ASP B 97 26.88 41.36 -14.61
C ASP B 97 27.25 40.19 -15.52
N ARG B 98 27.26 40.44 -16.82
CA ARG B 98 27.56 39.41 -17.81
C ARG B 98 28.89 38.72 -17.52
N ASP B 99 29.80 39.47 -16.91
CA ASP B 99 31.17 39.00 -16.69
C ASP B 99 31.37 38.39 -15.31
N MET B 100 30.26 38.11 -14.62
CA MET B 100 30.31 37.53 -13.29
C MET B 100 29.31 36.39 -13.10
N ARG C 1 16.23 5.67 -1.57
CA ARG C 1 15.32 4.85 -0.77
C ARG C 1 15.33 5.31 0.68
N LEU C 2 14.19 5.83 1.15
CA LEU C 2 14.07 6.33 2.52
C LEU C 2 14.32 5.25 3.56
N TYR C 3 14.75 5.68 4.74
CA TYR C 3 14.80 4.79 5.90
C TYR C 3 13.39 4.31 6.15
N GLN C 4 13.22 2.99 6.25
CA GLN C 4 11.89 2.39 6.28
C GLN C 4 11.42 2.06 7.70
N ASN C 5 12.34 2.08 8.65
CA ASN C 5 12.00 1.81 10.05
C ASN C 5 11.42 3.06 10.71
N PRO C 6 10.37 2.87 11.53
CA PRO C 6 9.70 3.97 12.22
C PRO C 6 10.69 4.83 13.02
N THR C 7 10.97 6.03 12.53
CA THR C 7 11.89 6.94 13.19
C THR C 7 11.47 7.26 14.62
N THR C 8 12.34 6.96 15.57
CA THR C 8 12.06 7.22 16.97
C THR C 8 11.99 8.72 17.24
N TYR C 9 11.25 9.09 18.28
CA TYR C 9 11.04 10.50 18.61
C TYR C 9 12.22 11.12 19.35
N ILE C 10 12.41 12.42 19.14
CA ILE C 10 13.42 13.18 19.88
C ILE C 10 13.05 13.23 21.36
N GLY D 1 23.13 -10.15 -5.51
CA GLY D 1 23.03 -8.87 -6.17
C GLY D 1 24.01 -8.73 -7.32
N SER D 2 25.21 -8.27 -7.00
CA SER D 2 26.26 -8.09 -8.02
C SER D 2 26.87 -9.43 -8.41
N HIS D 3 27.23 -9.58 -9.68
CA HIS D 3 27.82 -10.81 -10.17
C HIS D 3 28.97 -10.54 -11.14
N SER D 4 29.79 -11.56 -11.38
CA SER D 4 30.96 -11.41 -12.23
C SER D 4 31.31 -12.70 -12.96
N MET D 5 31.93 -12.56 -14.13
CA MET D 5 32.53 -13.67 -14.83
C MET D 5 33.97 -13.30 -15.17
N ARG D 6 34.89 -14.24 -14.98
CA ARG D 6 36.30 -13.97 -15.23
C ARG D 6 36.99 -15.17 -15.85
N TYR D 7 37.97 -14.90 -16.70
CA TYR D 7 38.86 -15.93 -17.21
C TYR D 7 40.29 -15.59 -16.84
N PHE D 8 41.01 -16.57 -16.30
CA PHE D 8 42.40 -16.38 -15.92
C PHE D 8 43.30 -17.27 -16.76
N PHE D 9 44.30 -16.67 -17.39
CA PHE D 9 45.20 -17.40 -18.28
C PHE D 9 46.64 -17.30 -17.81
N THR D 10 47.31 -18.43 -17.68
CA THR D 10 48.71 -18.45 -17.27
C THR D 10 49.57 -19.20 -18.28
N SER D 11 50.62 -18.54 -18.75
CA SER D 11 51.55 -19.16 -19.69
C SER D 11 52.97 -19.11 -19.11
N VAL D 12 53.59 -20.27 -18.96
CA VAL D 12 54.93 -20.35 -18.40
C VAL D 12 55.89 -21.07 -19.33
N SER D 13 56.91 -20.35 -19.80
CA SER D 13 57.89 -20.93 -20.71
C SER D 13 58.83 -21.89 -20.00
N ARG D 14 59.11 -23.01 -20.64
CA ARG D 14 60.04 -24.00 -20.09
C ARG D 14 61.18 -24.24 -21.07
N PRO D 15 62.14 -23.32 -21.11
CA PRO D 15 63.28 -23.42 -22.03
C PRO D 15 63.97 -24.79 -21.94
N GLY D 16 64.00 -25.51 -23.05
CA GLY D 16 64.68 -26.79 -23.11
C GLY D 16 63.85 -27.97 -22.64
N ARG D 17 62.71 -27.69 -22.03
CA ARG D 17 61.84 -28.75 -21.52
C ARG D 17 60.58 -28.90 -22.35
N GLY D 18 60.55 -28.28 -23.52
CA GLY D 18 59.42 -28.42 -24.42
C GLY D 18 58.56 -27.19 -24.54
N GLU D 19 57.29 -27.39 -24.89
CA GLU D 19 56.33 -26.30 -25.05
C GLU D 19 55.99 -25.67 -23.72
N PRO D 20 55.71 -24.36 -23.73
CA PRO D 20 55.31 -23.64 -22.52
C PRO D 20 54.02 -24.20 -21.92
N ARG D 21 53.93 -24.19 -20.60
CA ARG D 21 52.72 -24.64 -19.91
C ARG D 21 51.63 -23.59 -20.03
N PHE D 22 50.44 -24.02 -20.40
CA PHE D 22 49.30 -23.10 -20.52
C PHE D 22 48.11 -23.60 -19.72
N ILE D 23 47.58 -22.75 -18.86
CA ILE D 23 46.43 -23.09 -18.06
C ILE D 23 45.36 -22.00 -18.11
N ALA D 24 44.13 -22.39 -18.40
CA ALA D 24 43.02 -21.47 -18.45
C ALA D 24 41.93 -21.90 -17.48
N VAL D 25 41.40 -20.95 -16.71
CA VAL D 25 40.29 -21.24 -15.82
C VAL D 25 39.22 -20.16 -15.93
N GLY D 26 37.96 -20.57 -15.78
CA GLY D 26 36.86 -19.64 -15.83
C GLY D 26 36.06 -19.66 -14.55
N TYR D 27 35.65 -18.48 -14.10
CA TYR D 27 34.87 -18.35 -12.87
C TYR D 27 33.58 -17.60 -13.10
N VAL D 28 32.54 -17.98 -12.36
CA VAL D 28 31.38 -17.13 -12.16
C VAL D 28 31.34 -16.79 -10.68
N ASP D 29 31.53 -15.51 -10.36
CA ASP D 29 31.70 -15.11 -8.98
C ASP D 29 32.83 -15.91 -8.36
N ASP D 30 32.54 -16.61 -7.26
CA ASP D 30 33.56 -17.38 -6.55
C ASP D 30 33.51 -18.87 -6.90
N THR D 31 32.92 -19.19 -8.04
CA THR D 31 32.79 -20.59 -8.46
C THR D 31 33.42 -20.82 -9.82
N GLN D 32 34.39 -21.74 -9.88
CA GLN D 32 35.01 -22.12 -11.14
C GLN D 32 34.09 -23.08 -11.89
N PHE D 33 34.03 -22.96 -13.21
CA PHE D 33 33.14 -23.80 -14.00
C PHE D 33 33.83 -24.49 -15.19
N VAL D 34 34.99 -23.98 -15.59
CA VAL D 34 35.75 -24.59 -16.68
C VAL D 34 37.25 -24.45 -16.50
N ARG D 35 38.02 -25.25 -17.23
CA ARG D 35 39.47 -25.15 -17.22
C ARG D 35 40.11 -25.86 -18.41
N PHE D 36 41.33 -25.47 -18.74
CA PHE D 36 42.11 -26.14 -19.77
C PHE D 36 43.56 -26.22 -19.35
N ASP D 37 44.15 -27.41 -19.48
CA ASP D 37 45.53 -27.64 -19.09
C ASP D 37 46.31 -28.25 -20.25
N SER D 38 47.28 -27.50 -20.77
CA SER D 38 48.04 -27.91 -21.94
C SER D 38 48.80 -29.23 -21.74
N ASP D 39 48.89 -29.67 -20.49
CA ASP D 39 49.62 -30.90 -20.17
C ASP D 39 48.69 -32.09 -19.93
N ALA D 40 47.41 -31.81 -19.70
CA ALA D 40 46.42 -32.86 -19.53
C ALA D 40 46.30 -33.65 -20.83
N ALA D 41 45.76 -34.87 -20.73
CA ALA D 41 45.69 -35.76 -21.88
C ALA D 41 44.60 -35.37 -22.87
N SER D 42 43.48 -34.88 -22.34
CA SER D 42 42.30 -34.61 -23.16
C SER D 42 42.51 -33.52 -24.22
N GLN D 43 43.31 -32.52 -23.90
CA GLN D 43 43.52 -31.39 -24.79
C GLN D 43 42.19 -30.71 -25.12
N ARG D 44 41.32 -30.64 -24.11
CA ARG D 44 40.00 -30.06 -24.29
C ARG D 44 39.64 -29.12 -23.15
N MET D 45 38.68 -28.23 -23.39
CA MET D 45 38.09 -27.46 -22.31
C MET D 45 37.19 -28.39 -21.50
N GLU D 46 37.41 -28.46 -20.19
CA GLU D 46 36.67 -29.37 -19.34
C GLU D 46 35.79 -28.64 -18.34
N PRO D 47 34.62 -29.22 -18.02
CA PRO D 47 33.71 -28.64 -17.02
C PRO D 47 34.25 -28.86 -15.61
N ARG D 48 33.94 -27.93 -14.71
CA ARG D 48 34.38 -28.03 -13.32
C ARG D 48 33.23 -27.71 -12.38
N ALA D 49 32.05 -27.51 -12.96
CA ALA D 49 30.84 -27.29 -12.20
C ALA D 49 29.71 -28.13 -12.82
N PRO D 50 28.80 -28.63 -11.98
CA PRO D 50 27.72 -29.52 -12.43
C PRO D 50 26.82 -28.86 -13.47
N TRP D 51 26.53 -27.57 -13.30
CA TRP D 51 25.55 -26.88 -14.13
C TRP D 51 26.05 -26.54 -15.54
N ILE D 52 27.35 -26.67 -15.77
CA ILE D 52 27.91 -26.38 -17.09
C ILE D 52 28.04 -27.65 -17.93
N GLU D 53 27.96 -28.80 -17.27
CA GLU D 53 28.06 -30.08 -17.96
C GLU D 53 26.90 -30.30 -18.93
N GLN D 54 25.82 -29.55 -18.72
CA GLN D 54 24.62 -29.69 -19.54
C GLN D 54 24.79 -29.09 -20.92
N GLU D 55 25.76 -28.18 -21.06
CA GLU D 55 26.06 -27.57 -22.36
C GLU D 55 26.40 -28.65 -23.37
N GLY D 56 26.00 -28.44 -24.62
CA GLY D 56 26.16 -29.43 -25.65
C GLY D 56 27.56 -29.51 -26.25
N PRO D 57 27.76 -30.44 -27.20
CA PRO D 57 29.04 -30.65 -27.88
C PRO D 57 29.51 -29.40 -28.60
N GLU D 58 28.56 -28.63 -29.12
CA GLU D 58 28.89 -27.40 -29.84
C GLU D 58 29.60 -26.41 -28.92
N TYR D 59 29.08 -26.26 -27.71
CA TYR D 59 29.68 -25.38 -26.72
C TYR D 59 31.11 -25.81 -26.44
N TRP D 60 31.29 -27.10 -26.15
CA TRP D 60 32.60 -27.62 -25.78
C TRP D 60 33.59 -27.63 -26.94
N ASP D 61 33.08 -27.85 -28.15
CA ASP D 61 33.93 -27.79 -29.34
C ASP D 61 34.42 -26.36 -29.53
N GLY D 62 33.49 -25.41 -29.46
CA GLY D 62 33.82 -24.01 -29.63
C GLY D 62 34.81 -23.52 -28.57
N GLU D 63 34.49 -23.76 -27.31
CA GLU D 63 35.36 -23.34 -26.21
C GLU D 63 36.74 -23.97 -26.34
N THR D 64 36.79 -25.23 -26.73
CA THR D 64 38.05 -25.93 -26.92
C THR D 64 38.89 -25.25 -28.00
N ARG D 65 38.25 -24.96 -29.13
CA ARG D 65 38.94 -24.29 -30.23
C ARG D 65 39.50 -22.94 -29.80
N LYS D 66 38.64 -22.11 -29.22
CA LYS D 66 39.04 -20.76 -28.80
C LYS D 66 40.18 -20.77 -27.79
N VAL D 67 40.09 -21.65 -26.79
CA VAL D 67 41.11 -21.71 -25.76
C VAL D 67 42.46 -22.16 -26.33
N LYS D 68 42.43 -23.01 -27.34
CA LYS D 68 43.64 -23.44 -28.02
C LYS D 68 44.27 -22.25 -28.75
N ALA D 69 43.42 -21.44 -29.37
CA ALA D 69 43.89 -20.23 -30.05
C ALA D 69 44.52 -19.28 -29.05
N HIS D 70 43.88 -19.12 -27.90
CA HIS D 70 44.44 -18.33 -26.80
C HIS D 70 45.83 -18.86 -26.48
N SER D 71 45.93 -20.17 -26.34
CA SER D 71 47.19 -20.82 -25.97
C SER D 71 48.31 -20.48 -26.94
N GLN D 72 48.05 -20.67 -28.22
CA GLN D 72 49.07 -20.45 -29.25
C GLN D 72 49.51 -18.99 -29.32
N THR D 73 48.59 -18.07 -29.07
CA THR D 73 48.91 -16.65 -29.05
C THR D 73 49.85 -16.33 -27.90
N HIS D 74 49.58 -16.90 -26.73
CA HIS D 74 50.41 -16.70 -25.56
C HIS D 74 51.81 -17.26 -25.77
N ARG D 75 51.89 -18.35 -26.53
CA ARG D 75 53.18 -18.97 -26.83
C ARG D 75 54.05 -18.00 -27.61
N VAL D 76 53.43 -17.26 -28.53
CA VAL D 76 54.14 -16.27 -29.32
C VAL D 76 54.53 -15.08 -28.46
N ASP D 77 53.59 -14.63 -27.62
CA ASP D 77 53.81 -13.49 -26.75
C ASP D 77 55.05 -13.68 -25.87
N LEU D 78 55.24 -14.90 -25.37
CA LEU D 78 56.40 -15.21 -24.55
C LEU D 78 57.70 -14.83 -25.26
N GLY D 79 57.82 -15.24 -26.51
CA GLY D 79 58.98 -14.90 -27.32
C GLY D 79 59.05 -13.40 -27.58
N THR D 80 57.92 -12.82 -27.95
CA THR D 80 57.85 -11.39 -28.26
C THR D 80 58.28 -10.55 -27.06
N LEU D 81 57.89 -10.98 -25.86
CA LEU D 81 58.24 -10.28 -24.63
C LEU D 81 59.68 -10.55 -24.23
N ARG D 82 60.19 -11.73 -24.59
CA ARG D 82 61.58 -12.08 -24.33
C ARG D 82 62.49 -11.28 -25.25
N GLY D 83 61.88 -10.59 -26.21
CA GLY D 83 62.63 -9.72 -27.10
C GLY D 83 62.57 -8.28 -26.61
N TYR D 84 61.37 -7.83 -26.23
CA TYR D 84 61.17 -6.45 -25.78
C TYR D 84 62.11 -6.06 -24.64
N TYR D 85 62.30 -6.97 -23.70
CA TYR D 85 63.12 -6.68 -22.51
C TYR D 85 64.55 -7.19 -22.63
N ASN D 86 64.92 -7.68 -23.82
CA ASN D 86 66.26 -8.20 -24.04
C ASN D 86 66.69 -9.21 -22.99
N GLN D 87 66.12 -10.40 -23.06
CA GLN D 87 66.41 -11.46 -22.10
C GLN D 87 66.89 -12.73 -22.77
N SER D 88 67.62 -13.55 -22.03
CA SER D 88 68.15 -14.80 -22.55
C SER D 88 67.05 -15.83 -22.76
N GLU D 89 67.30 -16.81 -23.63
CA GLU D 89 66.31 -17.83 -23.94
C GLU D 89 66.31 -18.96 -22.91
N ALA D 90 67.17 -18.84 -21.90
CA ALA D 90 67.32 -19.89 -20.90
C ALA D 90 66.35 -19.71 -19.74
N GLY D 91 65.92 -18.48 -19.49
CA GLY D 91 65.09 -18.18 -18.36
C GLY D 91 63.61 -18.49 -18.55
N SER D 92 63.00 -19.04 -17.51
CA SER D 92 61.56 -19.29 -17.51
C SER D 92 60.81 -18.00 -17.19
N HIS D 93 59.75 -17.73 -17.94
CA HIS D 93 59.00 -16.49 -17.75
C HIS D 93 57.50 -16.71 -17.74
N THR D 94 56.77 -15.76 -17.16
CA THR D 94 55.34 -15.91 -16.94
C THR D 94 54.50 -14.84 -17.63
N VAL D 95 53.48 -15.26 -18.35
CA VAL D 95 52.49 -14.36 -18.92
C VAL D 95 51.11 -14.69 -18.35
N GLN D 96 50.43 -13.67 -17.84
CA GLN D 96 49.08 -13.86 -17.32
C GLN D 96 48.13 -12.89 -18.00
N ARG D 97 46.94 -13.38 -18.33
CA ARG D 97 45.87 -12.51 -18.82
C ARG D 97 44.57 -12.79 -18.06
N MET D 98 43.82 -11.72 -17.80
CA MET D 98 42.52 -11.85 -17.16
C MET D 98 41.52 -10.95 -17.87
N TYR D 99 40.36 -11.50 -18.18
CA TYR D 99 39.25 -10.69 -18.68
C TYR D 99 37.89 -11.21 -18.22
N GLY D 100 36.89 -10.36 -18.33
CA GLY D 100 35.55 -10.68 -17.86
C GLY D 100 34.75 -9.43 -17.58
N CYS D 101 33.61 -9.60 -16.93
CA CYS D 101 32.72 -8.47 -16.69
C CYS D 101 31.94 -8.60 -15.39
N ASP D 102 31.49 -7.45 -14.87
CA ASP D 102 30.61 -7.42 -13.71
C ASP D 102 29.23 -6.94 -14.15
N VAL D 103 28.19 -7.42 -13.47
CA VAL D 103 26.85 -6.91 -13.67
C VAL D 103 26.25 -6.50 -12.34
N GLY D 104 25.44 -5.45 -12.37
CA GLY D 104 24.80 -4.94 -11.17
C GLY D 104 23.60 -5.76 -10.77
N SER D 105 22.73 -5.18 -9.93
CA SER D 105 21.56 -5.90 -9.46
C SER D 105 20.53 -6.14 -10.58
N ASP D 106 20.55 -5.30 -11.59
CA ASP D 106 19.68 -5.45 -12.76
C ASP D 106 20.26 -6.44 -13.76
N TRP D 107 21.43 -7.00 -13.43
CA TRP D 107 22.12 -7.92 -14.33
C TRP D 107 22.56 -7.23 -15.61
N ARG D 108 22.60 -5.89 -15.57
CA ARG D 108 23.07 -5.11 -16.70
C ARG D 108 24.56 -4.86 -16.58
N PHE D 109 25.23 -4.68 -17.72
CA PHE D 109 26.66 -4.42 -17.72
C PHE D 109 27.01 -3.34 -16.70
N LEU D 110 28.15 -3.50 -16.04
CA LEU D 110 28.56 -2.56 -15.02
C LEU D 110 30.02 -2.17 -15.20
N ARG D 111 30.84 -3.14 -15.60
CA ARG D 111 32.28 -2.94 -15.65
C ARG D 111 32.96 -4.08 -16.42
N GLY D 112 33.97 -3.74 -17.22
CA GLY D 112 34.68 -4.73 -18.01
C GLY D 112 36.18 -4.71 -17.75
N TYR D 113 36.82 -5.86 -17.93
CA TYR D 113 38.25 -5.98 -17.68
C TYR D 113 38.99 -6.68 -18.82
N HIS D 114 40.26 -6.32 -18.98
CA HIS D 114 41.17 -7.01 -19.89
C HIS D 114 42.60 -6.57 -19.58
N GLN D 115 43.34 -7.43 -18.87
CA GLN D 115 44.65 -7.05 -18.36
C GLN D 115 45.70 -8.12 -18.60
N TYR D 116 46.93 -7.68 -18.82
CA TYR D 116 48.07 -8.59 -18.97
C TYR D 116 49.11 -8.30 -17.91
N ALA D 117 49.87 -9.32 -17.53
CA ALA D 117 51.01 -9.15 -16.65
C ALA D 117 52.19 -9.97 -17.15
N TYR D 118 53.39 -9.42 -17.03
CA TYR D 118 54.59 -10.15 -17.41
C TYR D 118 55.49 -10.32 -16.19
N ASP D 119 55.76 -11.56 -15.83
CA ASP D 119 56.58 -11.88 -14.67
C ASP D 119 56.02 -11.24 -13.39
N GLY D 120 54.70 -11.21 -13.29
CA GLY D 120 54.04 -10.79 -12.07
C GLY D 120 53.83 -9.29 -11.93
N LYS D 121 54.14 -8.55 -12.98
CA LYS D 121 53.94 -7.10 -12.96
C LYS D 121 52.99 -6.64 -14.06
N ASP D 122 52.18 -5.63 -13.75
CA ASP D 122 51.30 -5.02 -14.74
C ASP D 122 52.05 -4.72 -16.03
N TYR D 123 51.49 -5.15 -17.15
CA TYR D 123 52.09 -4.86 -18.45
C TYR D 123 51.21 -3.89 -19.23
N ILE D 124 50.05 -4.37 -19.67
CA ILE D 124 49.07 -3.52 -20.33
C ILE D 124 47.68 -3.85 -19.83
N ALA D 125 46.81 -2.85 -19.77
CA ALA D 125 45.45 -3.04 -19.27
C ALA D 125 44.46 -2.13 -19.97
N LEU D 126 43.30 -2.67 -20.29
CA LEU D 126 42.22 -1.88 -20.86
C LEU D 126 41.59 -1.04 -19.76
N LYS D 127 41.47 0.26 -19.99
CA LYS D 127 40.91 1.16 -19.00
C LYS D 127 39.40 0.97 -18.86
N GLU D 128 38.81 1.61 -17.85
CA GLU D 128 37.40 1.44 -17.53
C GLU D 128 36.49 1.86 -18.69
N ASP D 129 36.85 2.93 -19.38
CA ASP D 129 36.05 3.40 -20.52
C ASP D 129 36.06 2.38 -21.65
N LEU D 130 36.92 1.38 -21.54
CA LEU D 130 37.00 0.31 -22.53
C LEU D 130 37.38 0.86 -23.91
N ARG D 131 38.15 1.94 -23.92
CA ARG D 131 38.57 2.57 -25.18
C ARG D 131 40.06 2.84 -25.21
N SER D 132 40.65 3.04 -24.03
CA SER D 132 42.05 3.40 -23.93
C SER D 132 42.85 2.39 -23.11
N TRP D 133 44.16 2.37 -23.31
CA TRP D 133 45.04 1.42 -22.64
C TRP D 133 45.98 2.08 -21.65
N THR D 134 46.34 1.35 -20.60
CA THR D 134 47.33 1.81 -19.63
C THR D 134 48.62 1.04 -19.80
N ALA D 135 49.66 1.72 -20.30
CA ALA D 135 50.95 1.07 -20.54
C ALA D 135 51.93 1.36 -19.42
N ALA D 136 52.40 0.30 -18.77
CA ALA D 136 53.31 0.41 -17.64
C ALA D 136 54.64 1.05 -18.03
N ASP D 137 55.32 0.44 -19.01
CA ASP D 137 56.65 0.89 -19.39
C ASP D 137 56.82 1.03 -20.90
N MET D 138 58.08 1.20 -21.32
CA MET D 138 58.40 1.40 -22.74
C MET D 138 57.91 0.24 -23.61
N ALA D 139 58.19 -0.99 -23.18
CA ALA D 139 57.79 -2.18 -23.93
C ALA D 139 56.29 -2.21 -24.13
N ALA D 140 55.54 -1.91 -23.06
CA ALA D 140 54.09 -1.92 -23.11
C ALA D 140 53.57 -0.88 -24.10
N GLN D 141 54.30 0.22 -24.25
CA GLN D 141 53.93 1.27 -25.17
C GLN D 141 53.83 0.72 -26.60
N THR D 142 54.82 -0.09 -26.98
CA THR D 142 54.84 -0.70 -28.30
C THR D 142 53.56 -1.48 -28.54
N THR D 143 53.21 -2.35 -27.61
CA THR D 143 51.98 -3.14 -27.70
C THR D 143 50.78 -2.21 -27.76
N LYS D 144 50.78 -1.19 -26.90
CA LYS D 144 49.70 -0.21 -26.86
C LYS D 144 49.44 0.38 -28.24
N HIS D 145 50.50 0.84 -28.90
CA HIS D 145 50.37 1.41 -30.24
C HIS D 145 49.87 0.37 -31.23
N LYS D 146 50.47 -0.82 -31.18
CA LYS D 146 50.07 -1.92 -32.04
C LYS D 146 48.57 -2.21 -31.93
N TRP D 147 48.07 -2.23 -30.70
CA TRP D 147 46.68 -2.58 -30.44
C TRP D 147 45.71 -1.44 -30.77
N GLU D 148 46.18 -0.21 -30.65
CA GLU D 148 45.37 0.94 -31.05
C GLU D 148 45.12 0.93 -32.54
N ALA D 149 46.18 0.63 -33.29
CA ALA D 149 46.12 0.61 -34.75
C ALA D 149 45.19 -0.48 -35.27
N ALA D 150 45.13 -1.59 -34.54
CA ALA D 150 44.27 -2.71 -34.93
C ALA D 150 42.90 -2.61 -34.28
N HIS D 151 42.64 -1.49 -33.60
CA HIS D 151 41.36 -1.24 -32.95
C HIS D 151 40.95 -2.42 -32.06
N VAL D 152 41.89 -2.91 -31.27
CA VAL D 152 41.65 -4.05 -30.39
C VAL D 152 40.60 -3.74 -29.33
N ALA D 153 40.63 -2.52 -28.81
CA ALA D 153 39.72 -2.11 -27.74
C ALA D 153 38.26 -2.19 -28.16
N GLU D 154 37.96 -1.71 -29.36
CA GLU D 154 36.59 -1.69 -29.87
C GLU D 154 35.99 -3.09 -29.93
N GLN D 155 36.82 -4.07 -30.29
CA GLN D 155 36.37 -5.45 -30.39
C GLN D 155 36.15 -6.04 -29.00
N LEU D 156 37.09 -5.82 -28.10
CA LEU D 156 36.97 -6.29 -26.73
C LEU D 156 35.72 -5.70 -26.06
N ARG D 157 35.50 -4.41 -26.26
CA ARG D 157 34.35 -3.73 -25.67
C ARG D 157 33.04 -4.42 -26.08
N ALA D 158 32.92 -4.76 -27.36
CA ALA D 158 31.72 -5.40 -27.87
C ALA D 158 31.47 -6.74 -27.17
N TYR D 159 32.55 -7.42 -26.82
CA TYR D 159 32.45 -8.70 -26.12
C TYR D 159 32.10 -8.50 -24.65
N LEU D 160 32.79 -7.57 -24.00
CA LEU D 160 32.59 -7.31 -22.59
C LEU D 160 31.20 -6.78 -22.27
N GLU D 161 30.66 -5.96 -23.18
CA GLU D 161 29.35 -5.36 -22.99
C GLU D 161 28.23 -6.25 -23.50
N GLY D 162 28.55 -7.14 -24.44
CA GLY D 162 27.55 -8.00 -25.04
C GLY D 162 27.63 -9.44 -24.61
N THR D 163 28.40 -10.24 -25.35
CA THR D 163 28.53 -11.67 -25.08
C THR D 163 28.79 -11.99 -23.61
N CYS D 164 29.86 -11.40 -23.07
CA CYS D 164 30.26 -11.65 -21.69
C CYS D 164 29.08 -11.50 -20.73
N VAL D 165 28.42 -10.36 -20.80
CA VAL D 165 27.25 -10.10 -19.95
C VAL D 165 26.14 -11.10 -20.23
N GLU D 166 25.85 -11.31 -21.52
CA GLU D 166 24.77 -12.19 -21.94
C GLU D 166 24.94 -13.62 -21.45
N TRP D 167 26.14 -14.17 -21.60
CA TRP D 167 26.40 -15.53 -21.15
C TRP D 167 26.53 -15.64 -19.64
N LEU D 168 26.99 -14.57 -19.00
CA LEU D 168 27.00 -14.52 -17.53
C LEU D 168 25.57 -14.74 -17.03
N ARG D 169 24.63 -14.03 -17.64
CA ARG D 169 23.21 -14.20 -17.31
C ARG D 169 22.76 -15.64 -17.47
N ARG D 170 23.16 -16.25 -18.59
CA ARG D 170 22.80 -17.63 -18.88
C ARG D 170 23.29 -18.59 -17.80
N TYR D 171 24.56 -18.43 -17.40
CA TYR D 171 25.14 -19.29 -16.37
C TYR D 171 24.41 -19.14 -15.05
N LEU D 172 24.05 -17.90 -14.72
CA LEU D 172 23.35 -17.60 -13.47
C LEU D 172 22.00 -18.32 -13.42
N GLU D 173 21.36 -18.46 -14.57
CA GLU D 173 20.06 -19.13 -14.65
C GLU D 173 20.21 -20.64 -14.66
N ASN D 174 21.11 -21.15 -15.50
CA ASN D 174 21.35 -22.58 -15.60
C ASN D 174 21.93 -23.17 -14.31
N GLY D 175 22.76 -22.38 -13.63
CA GLY D 175 23.35 -22.81 -12.37
C GLY D 175 22.74 -22.07 -11.19
N LYS D 176 21.45 -21.78 -11.29
CA LYS D 176 20.73 -21.03 -10.28
C LYS D 176 20.90 -21.61 -8.87
N GLU D 177 20.75 -22.93 -8.75
CA GLU D 177 20.78 -23.59 -7.45
C GLU D 177 22.06 -23.29 -6.65
N THR D 178 23.19 -23.19 -7.36
CA THR D 178 24.47 -22.96 -6.69
C THR D 178 24.99 -21.54 -6.84
N LEU D 179 24.74 -20.93 -8.00
CA LEU D 179 25.25 -19.60 -8.28
C LEU D 179 24.46 -18.48 -7.63
N GLN D 180 23.16 -18.71 -7.42
CA GLN D 180 22.31 -17.69 -6.81
C GLN D 180 21.97 -18.03 -5.37
N ARG D 181 22.71 -18.98 -4.81
CA ARG D 181 22.51 -19.37 -3.42
C ARG D 181 23.35 -18.48 -2.51
N THR D 182 22.89 -18.30 -1.28
CA THR D 182 23.69 -17.65 -0.25
C THR D 182 23.72 -18.52 1.00
N ASP D 183 24.89 -19.08 1.28
CA ASP D 183 25.07 -19.93 2.46
C ASP D 183 25.62 -19.11 3.61
N ALA D 184 24.76 -18.76 4.57
CA ALA D 184 25.19 -18.04 5.75
C ALA D 184 26.22 -18.87 6.51
N PRO D 185 27.24 -18.20 7.06
CA PRO D 185 28.32 -18.89 7.79
C PRO D 185 27.81 -19.61 9.02
N LYS D 186 28.36 -20.79 9.30
CA LYS D 186 28.15 -21.45 10.57
C LYS D 186 29.23 -20.96 11.52
N THR D 187 28.83 -20.30 12.60
CA THR D 187 29.79 -19.68 13.50
C THR D 187 29.88 -20.36 14.86
N HIS D 188 31.07 -20.32 15.45
CA HIS D 188 31.29 -20.81 16.80
C HIS D 188 32.60 -20.24 17.34
N MET D 189 32.88 -20.48 18.60
CA MET D 189 34.04 -19.88 19.25
C MET D 189 34.84 -20.91 20.05
N THR D 190 36.17 -20.82 19.97
CA THR D 190 37.03 -21.74 20.70
C THR D 190 37.90 -21.00 21.73
N HIS D 191 38.14 -21.64 22.86
CA HIS D 191 38.93 -21.07 23.94
C HIS D 191 40.04 -22.03 24.34
N HIS D 192 41.28 -21.60 24.21
CA HIS D 192 42.42 -22.45 24.56
C HIS D 192 43.49 -21.67 25.33
N ALA D 193 43.90 -22.22 26.46
CA ALA D 193 44.87 -21.57 27.33
C ALA D 193 46.30 -21.74 26.81
N VAL D 194 46.92 -20.64 26.41
CA VAL D 194 48.31 -20.64 25.97
C VAL D 194 49.22 -20.65 27.20
N SER D 195 48.73 -20.02 28.26
CA SER D 195 49.40 -20.00 29.58
C SER D 195 48.25 -19.78 30.56
N ASP D 196 48.55 -19.22 31.73
CA ASP D 196 47.51 -19.02 32.73
C ASP D 196 47.31 -17.53 33.02
N HIS D 197 48.00 -16.70 32.24
CA HIS D 197 47.80 -15.25 32.30
C HIS D 197 47.03 -14.83 31.05
N GLU D 198 47.09 -15.69 30.03
CA GLU D 198 46.44 -15.41 28.75
C GLU D 198 45.73 -16.63 28.17
N ALA D 199 44.84 -16.36 27.23
CA ALA D 199 44.11 -17.41 26.52
C ALA D 199 43.72 -16.95 25.12
N THR D 200 43.52 -17.90 24.21
CA THR D 200 43.18 -17.57 22.84
C THR D 200 41.69 -17.72 22.57
N LEU D 201 41.07 -16.63 22.10
CA LEU D 201 39.69 -16.68 21.64
C LEU D 201 39.64 -16.64 20.12
N ARG D 202 39.18 -17.72 19.52
CA ARG D 202 39.09 -17.80 18.07
C ARG D 202 37.64 -17.84 17.58
N CYS D 203 37.31 -16.94 16.67
CA CYS D 203 35.96 -16.84 16.13
C CYS D 203 35.90 -17.49 14.75
N TRP D 204 35.03 -18.47 14.58
CA TRP D 204 34.97 -19.26 13.35
C TRP D 204 33.78 -18.92 12.45
N ALA D 205 34.03 -18.93 11.15
CA ALA D 205 32.96 -18.82 10.15
C ALA D 205 33.16 -19.93 9.11
N LEU D 206 32.21 -20.84 9.01
CA LEU D 206 32.36 -22.00 8.15
C LEU D 206 31.20 -22.20 7.17
N SER D 207 31.50 -22.85 6.04
CA SER D 207 30.48 -23.24 5.06
C SER D 207 29.68 -22.07 4.52
N PHE D 208 30.34 -20.94 4.24
CA PHE D 208 29.63 -19.79 3.72
C PHE D 208 29.94 -19.51 2.25
N TYR D 209 28.98 -18.89 1.57
CA TYR D 209 29.14 -18.48 0.18
C TYR D 209 28.24 -17.29 -0.10
N PRO D 210 28.76 -16.27 -0.80
CA PRO D 210 30.09 -16.22 -1.41
C PRO D 210 31.21 -16.01 -0.39
N ALA D 211 32.43 -15.81 -0.90
CA ALA D 211 33.60 -15.63 -0.05
C ALA D 211 33.53 -14.34 0.75
N GLU D 212 32.91 -13.32 0.17
CA GLU D 212 32.82 -12.00 0.81
C GLU D 212 32.32 -12.11 2.25
N ILE D 213 33.15 -11.71 3.21
CA ILE D 213 32.78 -11.79 4.61
C ILE D 213 33.60 -10.82 5.46
N THR D 214 33.04 -10.43 6.60
CA THR D 214 33.72 -9.53 7.53
C THR D 214 33.73 -10.09 8.95
N LEU D 215 34.93 -10.43 9.43
CA LEU D 215 35.10 -10.91 10.80
C LEU D 215 35.96 -9.94 11.59
N THR D 216 35.44 -9.43 12.70
CA THR D 216 36.18 -8.51 13.55
C THR D 216 35.95 -8.77 15.03
N TRP D 217 36.95 -8.45 15.84
CA TRP D 217 36.85 -8.54 17.28
C TRP D 217 36.74 -7.15 17.90
N GLN D 218 36.03 -7.06 19.01
CA GLN D 218 35.90 -5.80 19.74
C GLN D 218 36.10 -6.00 21.23
N ARG D 219 36.71 -5.01 21.87
CA ARG D 219 36.87 -5.02 23.32
C ARG D 219 36.17 -3.79 23.90
N ASP D 220 35.15 -4.03 24.71
CA ASP D 220 34.34 -2.94 25.27
C ASP D 220 33.79 -2.03 24.16
N GLY D 221 33.50 -2.62 23.01
CA GLY D 221 32.92 -1.89 21.90
C GLY D 221 33.94 -1.22 21.01
N GLU D 222 35.22 -1.41 21.31
CA GLU D 222 36.29 -0.82 20.51
C GLU D 222 36.97 -1.88 19.66
N ASP D 223 37.09 -1.60 18.36
CA ASP D 223 37.69 -2.55 17.43
C ASP D 223 39.15 -2.84 17.78
N GLN D 224 39.54 -4.10 17.67
CA GLN D 224 40.91 -4.50 17.93
C GLN D 224 41.63 -4.77 16.62
N THR D 225 41.42 -3.87 15.66
CA THR D 225 41.98 -4.00 14.32
C THR D 225 43.44 -4.44 14.33
N GLN D 226 44.25 -3.78 15.15
CA GLN D 226 45.68 -4.05 15.19
C GLN D 226 46.09 -4.98 16.35
N ASP D 227 45.14 -5.77 16.83
CA ASP D 227 45.41 -6.69 17.93
C ASP D 227 44.69 -8.03 17.77
N THR D 228 44.27 -8.32 16.54
CA THR D 228 43.64 -9.61 16.24
C THR D 228 44.33 -10.25 15.04
N GLU D 229 44.54 -11.56 15.11
CA GLU D 229 45.09 -12.28 13.98
C GLU D 229 43.99 -12.71 13.02
N LEU D 230 44.06 -12.20 11.79
CA LEU D 230 43.12 -12.59 10.74
C LEU D 230 43.76 -13.55 9.77
N VAL D 231 43.03 -14.59 9.39
CA VAL D 231 43.50 -15.49 8.34
C VAL D 231 42.79 -15.16 7.04
N GLU D 232 43.49 -15.38 5.94
CA GLU D 232 42.89 -15.18 4.62
C GLU D 232 41.71 -16.13 4.45
N THR D 233 40.62 -15.63 3.88
CA THR D 233 39.48 -16.48 3.55
C THR D 233 39.95 -17.64 2.68
N ARG D 234 39.57 -18.85 3.06
CA ARG D 234 40.09 -20.06 2.41
C ARG D 234 38.97 -20.98 1.92
N PRO D 235 39.25 -21.75 0.87
CA PRO D 235 38.27 -22.68 0.29
C PRO D 235 38.17 -23.97 1.11
N ALA D 236 36.94 -24.39 1.40
CA ALA D 236 36.73 -25.65 2.11
C ALA D 236 36.94 -26.82 1.15
N GLY D 237 36.77 -26.56 -0.15
CA GLY D 237 36.95 -27.59 -1.16
C GLY D 237 35.65 -28.15 -1.68
N ASP D 238 34.54 -27.67 -1.12
CA ASP D 238 33.21 -28.14 -1.50
C ASP D 238 32.37 -27.00 -2.06
N GLY D 239 33.01 -25.89 -2.39
CA GLY D 239 32.33 -24.74 -2.94
C GLY D 239 32.09 -23.65 -1.92
N THR D 240 32.31 -23.98 -0.63
CA THR D 240 32.14 -22.99 0.43
C THR D 240 33.49 -22.50 0.92
N PHE D 241 33.47 -21.46 1.75
CA PHE D 241 34.71 -20.87 2.24
C PHE D 241 34.79 -20.85 3.76
N GLN D 242 35.97 -20.55 4.27
CA GLN D 242 36.22 -20.54 5.71
C GLN D 242 37.03 -19.30 6.10
N LYS D 243 36.94 -18.92 7.36
CA LYS D 243 37.71 -17.80 7.88
C LYS D 243 37.58 -17.73 9.40
N TRP D 244 38.64 -17.30 10.06
CA TRP D 244 38.58 -17.08 11.50
C TRP D 244 39.42 -15.90 11.96
N ALA D 245 38.97 -15.26 13.05
CA ALA D 245 39.70 -14.17 13.66
C ALA D 245 40.00 -14.55 15.11
N ALA D 246 41.24 -14.35 15.53
CA ALA D 246 41.65 -14.73 16.88
C ALA D 246 42.22 -13.56 17.66
N VAL D 247 42.03 -13.60 18.97
CA VAL D 247 42.53 -12.54 19.85
C VAL D 247 43.05 -13.15 21.15
N VAL D 248 44.10 -12.55 21.70
CA VAL D 248 44.65 -12.99 22.97
C VAL D 248 43.98 -12.25 24.12
N VAL D 249 43.43 -13.00 25.06
CA VAL D 249 42.68 -12.42 26.17
C VAL D 249 43.33 -12.70 27.52
N PRO D 250 43.61 -11.63 28.28
CA PRO D 250 44.19 -11.74 29.62
C PRO D 250 43.20 -12.40 30.58
N SER D 251 43.72 -13.07 31.61
CA SER D 251 42.88 -13.77 32.58
C SER D 251 41.74 -12.91 33.09
N GLY D 252 40.52 -13.43 32.99
CA GLY D 252 39.36 -12.78 33.55
C GLY D 252 38.80 -11.64 32.72
N GLN D 253 39.04 -11.67 31.41
CA GLN D 253 38.55 -10.60 30.54
C GLN D 253 37.74 -11.09 29.35
N GLU D 254 37.45 -12.39 29.31
CA GLU D 254 36.69 -12.97 28.20
C GLU D 254 35.39 -12.23 27.90
N GLN D 255 34.69 -11.76 28.93
CA GLN D 255 33.41 -11.09 28.72
C GLN D 255 33.54 -9.72 28.05
N ARG D 256 34.76 -9.19 28.00
CA ARG D 256 34.97 -7.88 27.42
C ARG D 256 34.95 -7.94 25.89
N TYR D 257 35.21 -9.13 25.34
CA TYR D 257 35.38 -9.28 23.91
C TYR D 257 34.11 -9.74 23.18
N THR D 258 33.92 -9.23 21.98
CA THR D 258 32.81 -9.63 21.13
C THR D 258 33.28 -9.81 19.69
N CYS D 259 32.89 -10.94 19.09
CA CYS D 259 33.18 -11.19 17.69
C CYS D 259 31.98 -10.75 16.85
N HIS D 260 32.26 -10.02 15.77
CA HIS D 260 31.21 -9.52 14.91
C HIS D 260 31.30 -10.10 13.50
N VAL D 261 30.21 -10.72 13.05
CA VAL D 261 30.19 -11.39 11.76
C VAL D 261 29.19 -10.75 10.82
N GLN D 262 29.66 -10.37 9.63
CA GLN D 262 28.80 -9.81 8.60
C GLN D 262 28.92 -10.61 7.32
N HIS D 263 27.78 -11.07 6.80
CA HIS D 263 27.76 -11.83 5.56
C HIS D 263 26.41 -11.66 4.86
N GLU D 264 26.41 -11.72 3.54
CA GLU D 264 25.20 -11.51 2.75
C GLU D 264 24.08 -12.45 3.17
N GLY D 265 24.44 -13.62 3.70
CA GLY D 265 23.46 -14.61 4.08
C GLY D 265 22.91 -14.47 5.49
N LEU D 266 23.29 -13.38 6.16
CA LEU D 266 22.81 -13.13 7.52
C LEU D 266 21.80 -11.99 7.56
N PRO D 267 20.58 -12.29 8.02
CA PRO D 267 19.52 -11.28 8.13
C PRO D 267 20.04 -10.02 8.82
N LYS D 268 20.70 -10.21 9.96
CA LYS D 268 21.40 -9.12 10.63
C LYS D 268 22.77 -9.59 11.06
N PRO D 269 23.74 -8.66 11.14
CA PRO D 269 25.08 -9.02 11.58
C PRO D 269 25.03 -9.77 12.91
N LEU D 270 25.94 -10.72 13.11
CA LEU D 270 25.95 -11.50 14.34
C LEU D 270 26.93 -10.92 15.36
N THR D 271 26.58 -11.04 16.63
CA THR D 271 27.46 -10.65 17.72
C THR D 271 27.66 -11.82 18.66
N LEU D 272 28.88 -12.33 18.72
CA LEU D 272 29.19 -13.48 19.55
C LEU D 272 30.15 -13.09 20.67
N ARG D 273 29.98 -13.69 21.83
CA ARG D 273 30.84 -13.42 22.99
C ARG D 273 30.94 -14.61 23.92
N TRP D 274 32.16 -14.99 24.28
CA TRP D 274 32.37 -16.11 25.19
C TRP D 274 31.68 -15.86 26.53
N GLU D 275 30.73 -16.71 26.87
CA GLU D 275 29.99 -16.58 28.12
C GLU D 275 29.26 -17.88 28.47
N MET E 1 63.38 -10.04 -11.41
CA MET E 1 62.03 -10.59 -11.50
C MET E 1 61.38 -10.66 -10.12
N ILE E 2 60.10 -10.29 -10.06
CA ILE E 2 59.39 -10.30 -8.79
C ILE E 2 59.14 -11.72 -8.31
N GLN E 3 59.30 -11.93 -7.01
CA GLN E 3 59.09 -13.23 -6.39
C GLN E 3 58.35 -13.03 -5.07
N ARG E 4 57.20 -13.69 -4.93
CA ARG E 4 56.42 -13.58 -3.71
C ARG E 4 56.31 -14.91 -2.98
N THR E 5 56.50 -14.89 -1.67
CA THR E 5 56.48 -16.11 -0.88
C THR E 5 55.06 -16.59 -0.63
N PRO E 6 54.82 -17.90 -0.78
CA PRO E 6 53.50 -18.51 -0.60
C PRO E 6 53.02 -18.45 0.84
N LYS E 7 51.78 -18.02 1.04
CA LYS E 7 51.14 -18.16 2.33
C LYS E 7 50.60 -19.58 2.43
N ILE E 8 50.65 -20.16 3.63
CA ILE E 8 50.28 -21.54 3.80
C ILE E 8 49.26 -21.73 4.91
N GLN E 9 48.20 -22.48 4.61
CA GLN E 9 47.21 -22.85 5.62
C GLN E 9 46.90 -24.33 5.53
N VAL E 10 47.10 -25.05 6.64
CA VAL E 10 46.72 -26.45 6.71
C VAL E 10 45.48 -26.60 7.56
N TYR E 11 44.45 -27.22 7.01
CA TYR E 11 43.16 -27.33 7.69
C TYR E 11 42.31 -28.41 7.05
N SER E 12 41.23 -28.79 7.73
CA SER E 12 40.31 -29.80 7.22
C SER E 12 39.05 -29.14 6.65
N ARG E 13 38.38 -29.84 5.75
CA ARG E 13 37.15 -29.33 5.15
C ARG E 13 36.05 -29.17 6.20
N HIS E 14 35.89 -30.20 7.04
CA HIS E 14 34.90 -30.18 8.11
C HIS E 14 35.60 -30.18 9.47
N PRO E 15 34.88 -29.77 10.52
CA PRO E 15 35.44 -29.88 11.87
C PRO E 15 35.92 -31.29 12.12
N ALA E 16 37.19 -31.44 12.49
CA ALA E 16 37.78 -32.75 12.70
C ALA E 16 37.06 -33.54 13.79
N GLU E 17 36.60 -34.74 13.43
CA GLU E 17 36.05 -35.68 14.39
C GLU E 17 36.71 -37.02 14.16
N ASN E 18 37.33 -37.57 15.19
CA ASN E 18 38.01 -38.85 15.08
C ASN E 18 37.11 -39.94 14.51
N GLY E 19 37.64 -40.72 13.57
CA GLY E 19 36.91 -41.82 12.99
C GLY E 19 35.95 -41.45 11.88
N LYS E 20 35.84 -40.15 11.59
CA LYS E 20 34.92 -39.66 10.57
C LYS E 20 35.65 -39.11 9.35
N SER E 21 35.25 -39.59 8.17
CA SER E 21 35.91 -39.19 6.92
C SER E 21 35.86 -37.68 6.70
N ASN E 22 36.92 -37.16 6.09
CA ASN E 22 37.10 -35.72 5.96
C ASN E 22 38.09 -35.43 4.83
N PHE E 23 38.35 -34.15 4.59
CA PHE E 23 39.37 -33.77 3.62
C PHE E 23 40.46 -32.94 4.29
N LEU E 24 41.72 -33.33 4.06
CA LEU E 24 42.85 -32.57 4.54
C LEU E 24 43.29 -31.58 3.48
N ASN E 25 43.21 -30.29 3.80
CA ASN E 25 43.55 -29.24 2.84
C ASN E 25 44.85 -28.53 3.16
N CYS E 26 45.60 -28.20 2.12
CA CYS E 26 46.71 -27.27 2.24
C CYS E 26 46.55 -26.18 1.19
N TYR E 27 46.26 -24.96 1.66
CA TYR E 27 46.03 -23.83 0.78
C TYR E 27 47.29 -22.97 0.65
N VAL E 28 47.82 -22.87 -0.56
CA VAL E 28 48.95 -21.99 -0.82
C VAL E 28 48.51 -20.83 -1.69
N SER E 29 48.87 -19.61 -1.30
CA SER E 29 48.39 -18.41 -1.99
C SER E 29 49.40 -17.27 -1.96
N GLY E 30 49.19 -16.29 -2.82
CA GLY E 30 49.99 -15.08 -2.85
C GLY E 30 51.43 -15.28 -3.30
N PHE E 31 51.69 -16.36 -4.00
CA PHE E 31 53.07 -16.66 -4.43
C PHE E 31 53.32 -16.38 -5.90
N HIS E 32 54.60 -16.24 -6.25
CA HIS E 32 55.02 -15.98 -7.62
C HIS E 32 56.51 -16.27 -7.72
N PRO E 33 56.94 -16.95 -8.80
CA PRO E 33 56.08 -17.47 -9.87
C PRO E 33 55.27 -18.69 -9.45
N SER E 34 54.68 -19.37 -10.43
CA SER E 34 53.73 -20.45 -10.16
C SER E 34 54.38 -21.78 -9.77
N ASP E 35 55.62 -21.99 -10.21
CA ASP E 35 56.34 -23.22 -9.88
C ASP E 35 56.43 -23.41 -8.37
N ILE E 36 55.80 -24.48 -7.88
CA ILE E 36 55.75 -24.73 -6.45
C ILE E 36 55.59 -26.22 -6.16
N GLU E 37 56.10 -26.65 -5.02
CA GLU E 37 55.97 -28.05 -4.59
C GLU E 37 55.21 -28.14 -3.28
N VAL E 38 54.05 -28.77 -3.32
CA VAL E 38 53.24 -28.94 -2.12
C VAL E 38 52.96 -30.40 -1.84
N ASP E 39 53.35 -30.87 -0.66
CA ASP E 39 53.11 -32.24 -0.25
C ASP E 39 52.32 -32.31 1.05
N LEU E 40 51.46 -33.32 1.15
CA LEU E 40 50.75 -33.59 2.40
C LEU E 40 51.46 -34.71 3.15
N LEU E 41 51.65 -34.52 4.45
CA LEU E 41 52.41 -35.46 5.25
C LEU E 41 51.58 -36.12 6.34
N LYS E 42 51.68 -37.44 6.42
CA LYS E 42 51.08 -38.20 7.52
C LYS E 42 52.19 -38.82 8.33
N ASN E 43 52.38 -38.31 9.55
CA ASN E 43 53.45 -38.79 10.42
C ASN E 43 54.82 -38.71 9.74
N GLY E 44 55.05 -37.64 9.01
CA GLY E 44 56.33 -37.42 8.36
C GLY E 44 56.39 -37.89 6.92
N GLU E 45 55.60 -38.91 6.60
CA GLU E 45 55.61 -39.50 5.26
C GLU E 45 54.64 -38.79 4.32
N ARG E 46 55.05 -38.60 3.07
CA ARG E 46 54.20 -37.93 2.09
C ARG E 46 53.05 -38.83 1.65
N ILE E 47 51.86 -38.23 1.54
CA ILE E 47 50.68 -38.95 1.09
C ILE E 47 50.62 -38.95 -0.43
N GLU E 48 50.46 -40.12 -1.02
CA GLU E 48 50.53 -40.27 -2.47
C GLU E 48 49.25 -39.84 -3.20
N LYS E 49 48.11 -40.10 -2.59
CA LYS E 49 46.84 -39.79 -3.22
C LYS E 49 46.42 -38.34 -2.97
N VAL E 50 47.13 -37.40 -3.58
CA VAL E 50 46.87 -35.99 -3.37
C VAL E 50 46.53 -35.26 -4.67
N GLU E 51 45.42 -34.53 -4.66
CA GLU E 51 44.98 -33.75 -5.81
C GLU E 51 45.12 -32.26 -5.52
N HIS E 52 45.13 -31.44 -6.57
CA HIS E 52 45.17 -29.99 -6.40
C HIS E 52 44.24 -29.28 -7.37
N SER E 53 43.77 -28.10 -6.99
CA SER E 53 42.88 -27.33 -7.83
C SER E 53 43.61 -26.78 -9.05
N ASP E 54 42.87 -26.22 -9.98
CA ASP E 54 43.44 -25.66 -11.21
C ASP E 54 44.11 -24.32 -10.92
N LEU E 55 45.35 -24.18 -11.37
CA LEU E 55 46.11 -22.96 -11.16
C LEU E 55 45.32 -21.70 -11.52
N SER E 56 45.15 -20.83 -10.55
CA SER E 56 44.48 -19.56 -10.76
C SER E 56 45.23 -18.46 -10.00
N PHE E 57 44.81 -17.21 -10.16
CA PHE E 57 45.49 -16.10 -9.50
C PHE E 57 44.56 -14.97 -9.09
N SER E 58 45.03 -14.15 -8.16
CA SER E 58 44.23 -13.06 -7.60
C SER E 58 44.36 -11.78 -8.41
N LYS E 59 43.85 -10.69 -7.85
CA LYS E 59 43.90 -9.38 -8.50
C LYS E 59 45.33 -8.91 -8.74
N ASP E 60 46.21 -9.16 -7.77
CA ASP E 60 47.60 -8.71 -7.86
C ASP E 60 48.48 -9.68 -8.64
N TRP E 61 47.86 -10.62 -9.33
CA TRP E 61 48.56 -11.57 -10.20
C TRP E 61 49.23 -12.73 -9.45
N SER E 62 49.15 -12.71 -8.12
CA SER E 62 49.75 -13.79 -7.33
C SER E 62 48.87 -15.03 -7.39
N PHE E 63 49.51 -16.20 -7.47
CA PHE E 63 48.78 -17.46 -7.66
C PHE E 63 48.27 -18.06 -6.36
N TYR E 64 47.28 -18.94 -6.48
CA TYR E 64 46.80 -19.73 -5.36
C TYR E 64 46.38 -21.12 -5.79
N LEU E 65 46.65 -22.11 -4.94
CA LEU E 65 46.33 -23.49 -5.23
C LEU E 65 45.78 -24.18 -3.98
N LEU E 66 44.83 -25.08 -4.17
CA LEU E 66 44.32 -25.89 -3.07
C LEU E 66 44.72 -27.34 -3.24
N TYR E 67 45.58 -27.82 -2.35
CA TYR E 67 45.93 -29.23 -2.33
C TYR E 67 45.07 -29.94 -1.29
N TYR E 68 44.53 -31.09 -1.67
CA TYR E 68 43.61 -31.80 -0.79
C TYR E 68 43.70 -33.31 -0.94
N THR E 69 43.30 -34.02 0.11
CA THR E 69 43.24 -35.47 0.09
C THR E 69 42.20 -35.95 1.09
N GLU E 70 41.58 -37.08 0.79
CA GLU E 70 40.61 -37.67 1.69
C GLU E 70 41.34 -38.33 2.86
N PHE E 71 40.85 -38.11 4.08
CA PHE E 71 41.47 -38.73 5.24
C PHE E 71 40.51 -38.86 6.41
N THR E 72 40.92 -39.65 7.41
CA THR E 72 40.13 -39.85 8.61
C THR E 72 41.00 -39.56 9.83
N PRO E 73 40.73 -38.42 10.50
CA PRO E 73 41.51 -37.99 11.67
C PRO E 73 41.42 -38.98 12.81
N THR E 74 42.51 -39.10 13.58
CA THR E 74 42.53 -39.86 14.81
C THR E 74 43.23 -39.05 15.88
N GLU E 75 43.32 -39.59 17.09
CA GLU E 75 43.97 -38.88 18.18
C GLU E 75 45.48 -38.78 17.98
N LYS E 76 46.09 -39.87 17.52
CA LYS E 76 47.54 -39.99 17.49
C LYS E 76 48.18 -39.48 16.19
N ASP E 77 47.46 -39.59 15.08
CA ASP E 77 48.01 -39.25 13.77
C ASP E 77 48.33 -37.76 13.60
N GLU E 78 49.55 -37.49 13.15
CA GLU E 78 49.98 -36.12 12.88
C GLU E 78 49.95 -35.85 11.39
N TYR E 79 49.50 -34.66 10.99
CA TYR E 79 49.49 -34.28 9.59
C TYR E 79 50.17 -32.93 9.40
N ALA E 80 50.74 -32.72 8.22
CA ALA E 80 51.43 -31.47 7.92
C ALA E 80 51.49 -31.19 6.42
N CYS E 81 51.77 -29.94 6.08
CA CYS E 81 51.96 -29.56 4.68
C CYS E 81 53.38 -29.09 4.45
N ARG E 82 54.04 -29.69 3.47
CA ARG E 82 55.42 -29.33 3.13
C ARG E 82 55.45 -28.56 1.81
N VAL E 83 55.94 -27.33 1.86
CA VAL E 83 55.95 -26.47 0.68
C VAL E 83 57.34 -26.02 0.28
N ASN E 84 57.66 -26.16 -1.00
CA ASN E 84 58.91 -25.62 -1.53
C ASN E 84 58.67 -24.62 -2.65
N HIS E 85 59.43 -23.53 -2.64
CA HIS E 85 59.25 -22.45 -3.59
C HIS E 85 60.56 -21.68 -3.70
N VAL E 86 60.78 -21.03 -4.84
CA VAL E 86 62.04 -20.32 -5.08
C VAL E 86 62.34 -19.30 -3.98
N THR E 87 61.30 -18.79 -3.35
CA THR E 87 61.46 -17.77 -2.31
C THR E 87 61.82 -18.37 -0.96
N LEU E 88 61.99 -19.69 -0.91
CA LEU E 88 62.26 -20.38 0.34
C LEU E 88 63.65 -21.03 0.33
N SER E 89 64.45 -20.70 1.35
CA SER E 89 65.79 -21.26 1.49
C SER E 89 65.72 -22.77 1.70
N GLN E 90 64.61 -23.23 2.24
CA GLN E 90 64.37 -24.65 2.44
C GLN E 90 62.87 -24.91 2.53
N PRO E 91 62.43 -26.15 2.25
CA PRO E 91 61.01 -26.47 2.32
C PRO E 91 60.42 -26.09 3.66
N LYS E 92 59.25 -25.44 3.64
CA LYS E 92 58.59 -25.03 4.86
C LYS E 92 57.55 -26.06 5.31
N ILE E 93 57.64 -26.45 6.58
CA ILE E 93 56.71 -27.43 7.13
C ILE E 93 55.69 -26.76 8.02
N VAL E 94 54.40 -26.96 7.72
CA VAL E 94 53.34 -26.43 8.56
C VAL E 94 52.45 -27.56 9.08
N LYS E 95 52.43 -27.73 10.39
CA LYS E 95 51.66 -28.80 11.02
C LYS E 95 50.17 -28.50 10.95
N TRP E 96 49.36 -29.56 10.90
CA TRP E 96 47.91 -29.40 10.95
C TRP E 96 47.44 -29.26 12.39
N ASP E 97 46.68 -28.21 12.65
CA ASP E 97 46.11 -27.99 13.97
C ASP E 97 44.58 -27.96 13.87
N ARG E 98 43.93 -28.87 14.59
CA ARG E 98 42.48 -28.96 14.59
C ARG E 98 41.84 -27.62 14.90
N ASP E 99 42.46 -26.86 15.79
CA ASP E 99 41.91 -25.59 16.24
C ASP E 99 42.26 -24.45 15.28
N MET E 100 42.83 -24.79 14.14
CA MET E 100 43.23 -23.80 13.15
C MET E 100 42.83 -24.21 11.73
N ARG F 1 31.86 -17.69 -21.09
CA ARG F 1 32.16 -18.01 -22.49
C ARG F 1 33.32 -17.16 -23.02
N LEU F 2 34.30 -17.84 -23.62
CA LEU F 2 35.54 -17.20 -24.07
C LEU F 2 35.34 -16.13 -25.12
N TYR F 3 36.27 -15.18 -25.16
CA TYR F 3 36.32 -14.17 -26.20
C TYR F 3 36.49 -14.85 -27.56
N GLN F 4 35.52 -14.63 -28.45
CA GLN F 4 35.49 -15.33 -29.73
C GLN F 4 36.47 -14.76 -30.75
N ASN F 5 36.57 -13.44 -30.79
CA ASN F 5 37.43 -12.76 -31.75
C ASN F 5 38.90 -13.16 -31.58
N PRO F 6 39.61 -13.30 -32.71
CA PRO F 6 41.04 -13.65 -32.67
C PRO F 6 41.83 -12.67 -31.81
N THR F 7 42.43 -13.17 -30.73
CA THR F 7 43.24 -12.34 -29.86
C THR F 7 44.48 -11.84 -30.61
N THR F 8 44.86 -10.60 -30.37
CA THR F 8 46.00 -10.00 -31.06
C THR F 8 47.29 -10.23 -30.28
N TYR F 9 48.40 -10.36 -31.00
CA TYR F 9 49.69 -10.62 -30.38
C TYR F 9 50.24 -9.41 -29.64
N ILE F 10 51.00 -9.66 -28.58
CA ILE F 10 51.71 -8.62 -27.85
C ILE F 10 52.80 -8.04 -28.73
N GLY G 1 -20.18 7.51 5.52
CA GLY G 1 -21.52 7.34 6.05
C GLY G 1 -21.58 6.36 7.20
N SER G 2 -21.96 5.13 6.89
CA SER G 2 -22.06 4.08 7.89
C SER G 2 -20.68 3.52 8.24
N HIS G 3 -20.50 3.11 9.49
CA HIS G 3 -19.23 2.56 9.93
C HIS G 3 -19.42 1.40 10.90
N SER G 4 -18.36 0.62 11.10
CA SER G 4 -18.45 -0.57 11.95
C SER G 4 -17.12 -0.90 12.61
N MET G 5 -17.19 -1.59 13.73
CA MET G 5 -16.02 -2.17 14.38
C MET G 5 -16.33 -3.63 14.68
N ARG G 6 -15.37 -4.51 14.43
CA ARG G 6 -15.58 -5.94 14.66
C ARG G 6 -14.33 -6.59 15.24
N TYR G 7 -14.55 -7.56 16.11
CA TYR G 7 -13.47 -8.43 16.57
C TYR G 7 -13.76 -9.87 16.16
N PHE G 8 -12.78 -10.53 15.56
CA PHE G 8 -12.94 -11.91 15.14
C PHE G 8 -11.99 -12.80 15.91
N PHE G 9 -12.53 -13.82 16.57
CA PHE G 9 -11.73 -14.72 17.40
C PHE G 9 -11.80 -16.15 16.88
N THR G 10 -10.65 -16.77 16.71
CA THR G 10 -10.59 -18.16 16.25
C THR G 10 -9.74 -19.02 17.18
N SER G 11 -10.33 -20.10 17.68
CA SER G 11 -9.63 -21.03 18.54
C SER G 11 -9.67 -22.43 17.94
N VAL G 12 -8.50 -23.01 17.72
CA VAL G 12 -8.41 -24.34 17.11
C VAL G 12 -7.64 -25.31 18.00
N SER G 13 -8.31 -26.36 18.45
CA SER G 13 -7.70 -27.34 19.33
C SER G 13 -6.70 -28.22 18.56
N ARG G 14 -5.58 -28.53 19.21
CA ARG G 14 -4.57 -29.39 18.60
C ARG G 14 -4.26 -30.55 19.54
N PRO G 15 -5.12 -31.57 19.56
CA PRO G 15 -4.96 -32.72 20.44
C PRO G 15 -3.57 -33.34 20.33
N GLY G 16 -2.82 -33.34 21.42
CA GLY G 16 -1.51 -33.96 21.46
C GLY G 16 -0.39 -33.07 20.97
N ARG G 17 -0.74 -31.93 20.39
CA ARG G 17 0.26 -31.00 19.88
C ARG G 17 0.39 -29.75 20.76
N GLY G 18 -0.21 -29.82 21.95
CA GLY G 18 -0.11 -28.74 22.91
C GLY G 18 -1.36 -27.90 23.06
N GLU G 19 -1.18 -26.65 23.48
CA GLU G 19 -2.30 -25.72 23.66
C GLU G 19 -2.95 -25.36 22.34
N PRO G 20 -4.26 -25.11 22.36
CA PRO G 20 -5.00 -24.69 21.17
C PRO G 20 -4.48 -23.37 20.61
N ARG G 21 -4.53 -23.23 19.29
CA ARG G 21 -4.14 -21.99 18.63
C ARG G 21 -5.24 -20.95 18.79
N PHE G 22 -4.86 -19.76 19.21
CA PHE G 22 -5.82 -18.67 19.39
C PHE G 22 -5.40 -17.43 18.61
N ILE G 23 -6.28 -16.96 17.74
CA ILE G 23 -6.00 -15.76 16.95
C ILE G 23 -7.12 -14.74 17.07
N ALA G 24 -6.75 -13.51 17.41
CA ALA G 24 -7.71 -12.42 17.52
C ALA G 24 -7.35 -11.28 16.58
N VAL G 25 -8.35 -10.73 15.90
CA VAL G 25 -8.14 -9.58 15.04
C VAL G 25 -9.26 -8.57 15.21
N GLY G 26 -8.92 -7.30 15.08
CA GLY G 26 -9.91 -6.23 15.18
C GLY G 26 -9.96 -5.41 13.91
N TYR G 27 -11.17 -5.08 13.47
CA TYR G 27 -11.36 -4.29 12.26
C TYR G 27 -12.16 -3.03 12.52
N VAL G 28 -11.81 -1.97 11.81
CA VAL G 28 -12.69 -0.82 11.68
C VAL G 28 -13.08 -0.73 10.20
N ASP G 29 -14.35 -0.99 9.91
CA ASP G 29 -14.79 -1.12 8.53
C ASP G 29 -13.97 -2.22 7.84
N ASP G 30 -13.28 -1.86 6.77
CA ASP G 30 -12.48 -2.82 6.02
C ASP G 30 -10.98 -2.69 6.33
N THR G 31 -10.66 -2.14 7.50
CA THR G 31 -9.28 -1.96 7.89
C THR G 31 -8.98 -2.62 9.23
N GLN G 32 -8.08 -3.59 9.22
CA GLN G 32 -7.63 -4.23 10.45
C GLN G 32 -6.69 -3.27 11.18
N PHE G 33 -6.75 -3.27 12.51
CA PHE G 33 -5.90 -2.37 13.28
C PHE G 33 -5.17 -3.05 14.44
N VAL G 34 -5.63 -4.23 14.82
CA VAL G 34 -4.96 -5.00 15.87
C VAL G 34 -5.04 -6.50 15.63
N ARG G 35 -4.19 -7.25 16.32
CA ARG G 35 -4.23 -8.70 16.27
C ARG G 35 -3.43 -9.34 17.42
N PHE G 36 -3.81 -10.55 17.78
CA PHE G 36 -3.09 -11.33 18.77
C PHE G 36 -2.94 -12.76 18.30
N ASP G 37 -1.72 -13.29 18.38
CA ASP G 37 -1.44 -14.66 17.95
C ASP G 37 -0.79 -15.44 19.09
N SER G 38 -1.50 -16.44 19.59
CA SER G 38 -1.04 -17.23 20.71
C SER G 38 0.32 -17.91 20.46
N ASP G 39 0.70 -18.00 19.19
CA ASP G 39 1.94 -18.65 18.82
C ASP G 39 3.10 -17.68 18.58
N ALA G 40 2.76 -16.40 18.39
CA ALA G 40 3.79 -15.37 18.23
C ALA G 40 4.61 -15.25 19.52
N ALA G 41 5.79 -14.65 19.42
CA ALA G 41 6.70 -14.57 20.55
C ALA G 41 6.28 -13.53 21.58
N SER G 42 5.77 -12.39 21.11
CA SER G 42 5.47 -11.26 21.98
C SER G 42 4.41 -11.55 23.04
N GLN G 43 3.41 -12.35 22.68
CA GLN G 43 2.29 -12.62 23.58
C GLN G 43 1.58 -11.33 23.95
N ARG G 44 1.45 -10.43 22.98
CA ARG G 44 0.83 -9.14 23.20
C ARG G 44 -0.12 -8.77 22.08
N MET G 45 -1.07 -7.90 22.37
CA MET G 45 -1.89 -7.31 21.32
C MET G 45 -1.00 -6.36 20.52
N GLU G 46 -0.94 -6.56 19.21
CA GLU G 46 -0.07 -5.76 18.36
C GLU G 46 -0.85 -4.88 17.41
N PRO G 47 -0.31 -3.70 17.09
CA PRO G 47 -0.95 -2.80 16.12
C PRO G 47 -0.76 -3.29 14.70
N ARG G 48 -1.73 -3.02 13.83
CA ARG G 48 -1.65 -3.42 12.43
C ARG G 48 -2.06 -2.26 11.53
N ALA G 49 -2.30 -1.11 12.14
CA ALA G 49 -2.58 0.12 11.43
C ALA G 49 -1.75 1.24 12.06
N PRO G 50 -1.41 2.27 11.27
CA PRO G 50 -0.52 3.32 11.75
C PRO G 50 -1.16 4.24 12.79
N TRP G 51 -2.49 4.39 12.72
CA TRP G 51 -3.19 5.34 13.58
C TRP G 51 -3.46 4.81 14.99
N ILE G 52 -3.29 3.51 15.19
CA ILE G 52 -3.51 2.92 16.51
C ILE G 52 -2.21 2.85 17.31
N GLU G 53 -1.09 2.95 16.60
CA GLU G 53 0.23 2.91 17.24
C GLU G 53 0.42 4.07 18.20
N GLN G 54 -0.37 5.12 18.04
CA GLN G 54 -0.24 6.31 18.88
C GLN G 54 -0.81 6.06 20.27
N GLU G 55 -1.66 5.04 20.40
CA GLU G 55 -2.21 4.68 21.70
C GLU G 55 -1.09 4.33 22.67
N GLY G 56 -1.23 4.76 23.91
CA GLY G 56 -0.19 4.59 24.91
C GLY G 56 -0.08 3.19 25.50
N PRO G 57 0.87 3.00 26.43
CA PRO G 57 1.13 1.73 27.10
C PRO G 57 -0.10 1.19 27.81
N GLU G 58 -0.88 2.07 28.43
CA GLU G 58 -2.07 1.66 29.17
C GLU G 58 -3.04 0.93 28.25
N TYR G 59 -3.29 1.51 27.08
CA TYR G 59 -4.18 0.90 26.10
C TYR G 59 -3.73 -0.51 25.73
N TRP G 60 -2.43 -0.64 25.43
CA TRP G 60 -1.89 -1.92 25.00
C TRP G 60 -1.83 -2.94 26.12
N ASP G 61 -1.49 -2.50 27.33
CA ASP G 61 -1.49 -3.38 28.49
C ASP G 61 -2.90 -3.92 28.72
N GLY G 62 -3.88 -3.03 28.66
CA GLY G 62 -5.27 -3.41 28.85
C GLY G 62 -5.75 -4.37 27.79
N GLU G 63 -5.55 -4.03 26.53
CA GLU G 63 -5.98 -4.88 25.42
C GLU G 63 -5.29 -6.24 25.49
N THR G 64 -4.02 -6.24 25.87
CA THR G 64 -3.27 -7.48 26.00
C THR G 64 -3.86 -8.38 27.09
N ARG G 65 -4.16 -7.79 28.24
CA ARG G 65 -4.77 -8.53 29.34
C ARG G 65 -6.09 -9.14 28.91
N LYS G 66 -6.97 -8.31 28.37
CA LYS G 66 -8.30 -8.75 27.99
C LYS G 66 -8.28 -9.84 26.92
N VAL G 67 -7.42 -9.69 25.92
CA VAL G 67 -7.34 -10.68 24.85
C VAL G 67 -6.84 -12.04 25.36
N LYS G 68 -5.95 -11.99 26.36
CA LYS G 68 -5.49 -13.22 27.00
C LYS G 68 -6.63 -13.91 27.72
N ALA G 69 -7.47 -13.11 28.39
CA ALA G 69 -8.63 -13.63 29.09
C ALA G 69 -9.59 -14.27 28.09
N HIS G 70 -9.81 -13.59 26.98
CA HIS G 70 -10.61 -14.15 25.89
C HIS G 70 -10.04 -15.51 25.50
N SER G 71 -8.73 -15.54 25.33
CA SER G 71 -8.03 -16.76 24.93
C SER G 71 -8.31 -17.92 25.87
N GLN G 72 -8.11 -17.69 27.16
CA GLN G 72 -8.27 -18.74 28.16
C GLN G 72 -9.71 -19.25 28.24
N THR G 73 -10.67 -18.35 28.06
CA THR G 73 -12.08 -18.72 28.06
C THR G 73 -12.37 -19.66 26.89
N HIS G 74 -11.81 -19.34 25.73
CA HIS G 74 -12.01 -20.15 24.54
C HIS G 74 -11.39 -21.53 24.71
N ARG G 75 -10.23 -21.59 25.37
CA ARG G 75 -9.57 -22.86 25.63
C ARG G 75 -10.49 -23.78 26.43
N VAL G 76 -11.17 -23.20 27.41
CA VAL G 76 -12.12 -23.95 28.22
C VAL G 76 -13.34 -24.35 27.40
N ASP G 77 -13.83 -23.40 26.59
CA ASP G 77 -15.00 -23.62 25.75
C ASP G 77 -14.82 -24.82 24.84
N LEU G 78 -13.61 -25.00 24.32
CA LEU G 78 -13.31 -26.11 23.42
C LEU G 78 -13.63 -27.45 24.07
N GLY G 79 -13.20 -27.63 25.32
CA GLY G 79 -13.47 -28.85 26.05
C GLY G 79 -14.95 -28.99 26.35
N THR G 80 -15.56 -27.93 26.83
CA THR G 80 -16.98 -27.93 27.17
C THR G 80 -17.83 -28.34 25.97
N LEU G 81 -17.49 -27.83 24.80
CA LEU G 81 -18.22 -28.14 23.57
C LEU G 81 -17.96 -29.57 23.11
N ARG G 82 -16.77 -30.07 23.40
CA ARG G 82 -16.43 -31.46 23.07
C ARG G 82 -17.32 -32.39 23.89
N GLY G 83 -17.59 -32.00 25.13
CA GLY G 83 -18.47 -32.76 26.00
C GLY G 83 -19.91 -32.72 25.54
N TYR G 84 -20.38 -31.52 25.19
CA TYR G 84 -21.76 -31.35 24.75
C TYR G 84 -22.12 -32.28 23.60
N TYR G 85 -21.21 -32.40 22.64
CA TYR G 85 -21.48 -33.18 21.43
C TYR G 85 -20.90 -34.60 21.50
N ASN G 86 -20.43 -35.00 22.67
CA ASN G 86 -19.87 -36.33 22.86
C ASN G 86 -18.86 -36.68 21.77
N GLN G 87 -17.71 -36.00 21.80
CA GLN G 87 -16.68 -36.21 20.80
C GLN G 87 -15.37 -36.68 21.44
N SER G 88 -14.57 -37.39 20.65
CA SER G 88 -13.30 -37.92 21.14
C SER G 88 -12.31 -36.79 21.41
N GLU G 89 -11.28 -37.08 22.21
CA GLU G 89 -10.28 -36.08 22.57
C GLU G 89 -9.21 -35.94 21.49
N ALA G 90 -9.33 -36.73 20.43
CA ALA G 90 -8.31 -36.75 19.38
C ALA G 90 -8.65 -35.78 18.24
N GLY G 91 -9.92 -35.44 18.11
CA GLY G 91 -10.38 -34.59 17.03
C GLY G 91 -10.03 -33.12 17.19
N SER G 92 -9.57 -32.51 16.10
CA SER G 92 -9.31 -31.07 16.09
C SER G 92 -10.62 -30.33 15.79
N HIS G 93 -10.92 -29.32 16.60
CA HIS G 93 -12.18 -28.59 16.46
C HIS G 93 -11.99 -27.08 16.50
N THR G 94 -12.96 -26.35 15.97
CA THR G 94 -12.86 -24.91 15.83
C THR G 94 -13.95 -24.15 16.57
N VAL G 95 -13.54 -23.10 17.29
CA VAL G 95 -14.48 -22.18 17.90
C VAL G 95 -14.23 -20.78 17.37
N GLN G 96 -15.29 -20.12 16.90
CA GLN G 96 -15.18 -18.75 16.41
C GLN G 96 -16.18 -17.85 17.12
N ARG G 97 -15.72 -16.66 17.50
CA ARG G 97 -16.61 -15.63 18.03
C ARG G 97 -16.39 -14.31 17.31
N MET G 98 -17.48 -13.59 17.08
CA MET G 98 -17.41 -12.27 16.48
C MET G 98 -18.32 -11.32 17.24
N TYR G 99 -17.83 -10.12 17.53
CA TYR G 99 -18.67 -9.07 18.08
C TYR G 99 -18.21 -7.68 17.68
N GLY G 100 -19.12 -6.72 17.79
CA GLY G 100 -18.84 -5.35 17.38
C GLY G 100 -20.13 -4.60 17.15
N CYS G 101 -20.03 -3.42 16.55
CA CYS G 101 -21.19 -2.56 16.36
C CYS G 101 -21.13 -1.76 15.07
N ASP G 102 -22.31 -1.39 14.56
CA ASP G 102 -22.41 -0.49 13.42
C ASP G 102 -22.94 0.86 13.91
N VAL G 103 -22.53 1.93 13.25
CA VAL G 103 -23.09 3.25 13.50
C VAL G 103 -23.53 3.87 12.18
N GLY G 104 -24.54 4.73 12.25
CA GLY G 104 -25.07 5.37 11.06
C GLY G 104 -24.33 6.64 10.70
N SER G 105 -24.97 7.50 9.93
CA SER G 105 -24.34 8.74 9.49
C SER G 105 -24.14 9.73 10.64
N ASP G 106 -24.92 9.60 11.70
CA ASP G 106 -24.78 10.43 12.89
C ASP G 106 -23.77 9.84 13.86
N TRP G 107 -23.17 8.71 13.48
CA TRP G 107 -22.21 8.02 14.33
C TRP G 107 -22.86 7.55 15.63
N ARG G 108 -24.17 7.36 15.59
CA ARG G 108 -24.90 6.84 16.75
C ARG G 108 -25.13 5.34 16.58
N PHE G 109 -25.21 4.63 17.70
CA PHE G 109 -25.42 3.18 17.68
C PHE G 109 -26.52 2.81 16.71
N LEU G 110 -26.26 1.79 15.89
CA LEU G 110 -27.22 1.34 14.91
C LEU G 110 -27.57 -0.12 15.15
N ARG G 111 -26.55 -0.92 15.43
CA ARG G 111 -26.72 -2.37 15.50
C ARG G 111 -25.55 -3.02 16.20
N GLY G 112 -25.83 -4.06 16.99
CA GLY G 112 -24.80 -4.75 17.74
C GLY G 112 -24.77 -6.25 17.43
N TYR G 113 -23.60 -6.84 17.55
CA TYR G 113 -23.43 -8.27 17.25
C TYR G 113 -22.65 -9.00 18.34
N HIS G 114 -22.93 -10.29 18.48
CA HIS G 114 -22.19 -11.17 19.36
C HIS G 114 -22.64 -12.58 19.01
N GLN G 115 -21.78 -13.35 18.38
CA GLN G 115 -22.17 -14.65 17.82
C GLN G 115 -21.04 -15.65 17.94
N TYR G 116 -21.39 -16.90 18.20
CA TYR G 116 -20.42 -17.99 18.28
C TYR G 116 -20.68 -19.01 17.18
N ALA G 117 -19.62 -19.69 16.76
CA ALA G 117 -19.75 -20.80 15.82
C ALA G 117 -18.88 -21.96 16.28
N TYR G 118 -19.39 -23.18 16.11
CA TYR G 118 -18.62 -24.37 16.43
C TYR G 118 -18.45 -25.23 15.19
N ASP G 119 -17.20 -25.47 14.82
CA ASP G 119 -16.88 -26.24 13.62
C ASP G 119 -17.57 -25.68 12.38
N GLY G 120 -17.63 -24.35 12.29
CA GLY G 120 -18.14 -23.69 11.10
C GLY G 120 -19.64 -23.54 11.03
N LYS G 121 -20.33 -23.86 12.12
CA LYS G 121 -21.78 -23.73 12.15
C LYS G 121 -22.26 -22.82 13.27
N ASP G 122 -23.34 -22.08 12.99
CA ASP G 122 -23.98 -21.24 14.00
C ASP G 122 -24.22 -22.02 15.28
N TYR G 123 -23.72 -21.49 16.39
CA TYR G 123 -23.95 -22.13 17.69
C TYR G 123 -24.95 -21.31 18.51
N ILE G 124 -24.51 -20.15 18.99
CA ILE G 124 -25.39 -19.24 19.71
C ILE G 124 -25.15 -17.82 19.24
N ALA G 125 -26.22 -17.02 19.19
CA ALA G 125 -26.12 -15.66 18.70
C ALA G 125 -27.03 -14.72 19.47
N LEU G 126 -26.51 -13.54 19.79
CA LEU G 126 -27.32 -12.50 20.42
C LEU G 126 -28.23 -11.87 19.36
N LYS G 127 -29.52 -11.86 19.63
CA LYS G 127 -30.48 -11.29 18.68
C LYS G 127 -30.34 -9.78 18.59
N GLU G 128 -30.99 -9.19 17.59
CA GLU G 128 -30.87 -7.77 17.31
C GLU G 128 -31.27 -6.89 18.49
N ASP G 129 -32.27 -7.34 19.25
CA ASP G 129 -32.76 -6.57 20.39
C ASP G 129 -31.73 -6.54 21.53
N LEU G 130 -30.70 -7.35 21.41
CA LEU G 130 -29.62 -7.40 22.39
C LEU G 130 -30.13 -7.81 23.77
N ARG G 131 -31.17 -8.64 23.79
CA ARG G 131 -31.77 -9.09 25.04
C ARG G 131 -31.98 -10.60 25.05
N SER G 132 -32.20 -11.17 23.87
CA SER G 132 -32.48 -12.60 23.76
C SER G 132 -31.47 -13.32 22.87
N TRP G 133 -31.45 -14.65 22.94
CA TRP G 133 -30.48 -15.45 22.21
C TRP G 133 -31.13 -16.38 21.19
N THR G 134 -30.35 -16.73 20.16
CA THR G 134 -30.78 -17.71 19.17
C THR G 134 -29.94 -18.98 19.33
N ALA G 135 -30.59 -20.07 19.73
CA ALA G 135 -29.89 -21.35 19.92
C ALA G 135 -30.15 -22.30 18.76
N ALA G 136 -29.08 -22.67 18.06
CA ALA G 136 -29.19 -23.51 16.88
C ALA G 136 -29.73 -24.90 17.21
N ASP G 137 -29.19 -25.52 18.26
CA ASP G 137 -29.56 -26.90 18.60
C ASP G 137 -29.69 -27.13 20.10
N MET G 138 -29.68 -28.40 20.50
CA MET G 138 -29.84 -28.78 21.89
C MET G 138 -28.71 -28.29 22.78
N ALA G 139 -27.47 -28.49 22.32
CA ALA G 139 -26.30 -28.06 23.08
C ALA G 139 -26.33 -26.55 23.31
N ALA G 140 -26.68 -25.82 22.27
CA ALA G 140 -26.75 -24.36 22.34
C ALA G 140 -27.76 -23.90 23.37
N GLN G 141 -28.78 -24.72 23.60
CA GLN G 141 -29.82 -24.41 24.58
C GLN G 141 -29.22 -24.34 25.98
N THR G 142 -28.42 -25.32 26.33
CA THR G 142 -27.75 -25.36 27.63
C THR G 142 -27.02 -24.04 27.89
N THR G 143 -26.21 -23.63 26.92
CA THR G 143 -25.49 -22.37 27.02
C THR G 143 -26.47 -21.21 27.11
N LYS G 144 -27.50 -21.26 26.29
CA LYS G 144 -28.53 -20.21 26.27
C LYS G 144 -29.12 -19.98 27.67
N HIS G 145 -29.46 -21.07 28.35
CA HIS G 145 -30.01 -20.97 29.70
C HIS G 145 -28.95 -20.46 30.67
N LYS G 146 -27.74 -20.99 30.55
CA LYS G 146 -26.63 -20.58 31.39
C LYS G 146 -26.40 -19.07 31.32
N TRP G 147 -26.45 -18.54 30.10
CA TRP G 147 -26.17 -17.13 29.86
C TRP G 147 -27.33 -16.22 30.26
N GLU G 148 -28.55 -16.72 30.12
CA GLU G 148 -29.73 -15.98 30.56
C GLU G 148 -29.67 -15.77 32.08
N ALA G 149 -29.36 -16.86 32.79
CA ALA G 149 -29.32 -16.83 34.25
C ALA G 149 -28.26 -15.87 34.77
N ALA G 150 -27.17 -15.74 34.02
CA ALA G 150 -26.09 -14.85 34.42
C ALA G 150 -26.25 -13.46 33.83
N HIS G 151 -27.37 -13.24 33.15
CA HIS G 151 -27.68 -11.94 32.56
C HIS G 151 -26.55 -11.45 31.64
N VAL G 152 -25.98 -12.37 30.88
CA VAL G 152 -24.88 -12.05 29.98
C VAL G 152 -25.26 -10.99 28.95
N ALA G 153 -26.49 -11.06 28.45
CA ALA G 153 -26.96 -10.15 27.41
C ALA G 153 -26.96 -8.69 27.86
N GLU G 154 -27.37 -8.43 29.10
CA GLU G 154 -27.41 -7.07 29.61
C GLU G 154 -26.03 -6.43 29.61
N GLN G 155 -25.01 -7.23 29.95
CA GLN G 155 -23.64 -6.74 30.01
C GLN G 155 -23.10 -6.47 28.60
N LEU G 156 -23.39 -7.38 27.67
CA LEU G 156 -22.95 -7.21 26.30
C LEU G 156 -23.59 -5.98 25.67
N ARG G 157 -24.89 -5.80 25.88
CA ARG G 157 -25.60 -4.66 25.34
C ARG G 157 -25.00 -3.33 25.80
N ALA G 158 -24.63 -3.26 27.08
CA ALA G 158 -24.04 -2.06 27.64
C ALA G 158 -22.74 -1.72 26.91
N TYR G 159 -21.96 -2.74 26.59
CA TYR G 159 -20.70 -2.57 25.87
C TYR G 159 -20.94 -2.18 24.41
N LEU G 160 -21.85 -2.90 23.76
CA LEU G 160 -22.14 -2.67 22.35
C LEU G 160 -22.74 -1.30 22.09
N GLU G 161 -23.61 -0.86 23.00
CA GLU G 161 -24.28 0.42 22.84
C GLU G 161 -23.43 1.60 23.33
N GLY G 162 -22.54 1.34 24.27
CA GLY G 162 -21.71 2.38 24.85
C GLY G 162 -20.27 2.35 24.38
N THR G 163 -19.44 1.58 25.07
CA THR G 163 -18.01 1.50 24.79
C THR G 163 -17.70 1.29 23.31
N CYS G 164 -18.26 0.23 22.73
CA CYS G 164 -18.00 -0.11 21.34
C CYS G 164 -18.22 1.08 20.41
N VAL G 165 -19.38 1.72 20.55
CA VAL G 165 -19.71 2.90 19.76
C VAL G 165 -18.75 4.04 20.05
N GLU G 166 -18.49 4.26 21.34
CA GLU G 166 -17.63 5.36 21.78
C GLU G 166 -16.22 5.26 21.21
N TRP G 167 -15.62 4.07 21.31
CA TRP G 167 -14.26 3.87 20.82
C TRP G 167 -14.20 3.79 19.30
N LEU G 168 -15.27 3.32 18.68
CA LEU G 168 -15.36 3.34 17.23
C LEU G 168 -15.22 4.79 16.76
N ARG G 169 -15.94 5.69 17.40
CA ARG G 169 -15.84 7.11 17.11
C ARG G 169 -14.39 7.58 17.25
N ARG G 170 -13.75 7.22 18.36
CA ARG G 170 -12.37 7.63 18.61
C ARG G 170 -11.44 7.18 17.50
N TYR G 171 -11.55 5.93 17.09
CA TYR G 171 -10.71 5.40 16.03
C TYR G 171 -10.92 6.16 14.72
N LEU G 172 -12.17 6.48 14.42
CA LEU G 172 -12.51 7.20 13.19
C LEU G 172 -11.86 8.57 13.16
N GLU G 173 -11.76 9.21 14.31
CA GLU G 173 -11.15 10.53 14.41
C GLU G 173 -9.63 10.45 14.36
N ASN G 174 -9.06 9.55 15.17
CA ASN G 174 -7.61 9.38 15.21
C ASN G 174 -7.03 8.87 13.90
N GLY G 175 -7.78 8.01 13.22
CA GLY G 175 -7.36 7.47 11.94
C GLY G 175 -8.16 8.07 10.80
N LYS G 176 -8.56 9.32 10.96
CA LYS G 176 -9.37 10.02 9.98
C LYS G 176 -8.80 9.95 8.57
N GLU G 177 -7.48 10.13 8.46
CA GLU G 177 -6.82 10.15 7.16
C GLU G 177 -7.07 8.90 6.32
N THR G 178 -7.15 7.75 6.98
CA THR G 178 -7.34 6.49 6.27
C THR G 178 -8.75 5.93 6.42
N LEU G 179 -9.32 6.04 7.61
CA LEU G 179 -10.63 5.48 7.90
C LEU G 179 -11.77 6.26 7.25
N GLN G 180 -11.61 7.57 7.16
CA GLN G 180 -12.65 8.41 6.57
C GLN G 180 -12.27 8.84 5.16
N ARG G 181 -11.47 8.02 4.49
CA ARG G 181 -11.08 8.29 3.12
C ARG G 181 -11.96 7.51 2.16
N THR G 182 -12.16 8.07 0.97
CA THR G 182 -12.84 7.35 -0.10
C THR G 182 -11.94 7.34 -1.33
N ASP G 183 -11.41 6.17 -1.65
CA ASP G 183 -10.58 6.02 -2.83
C ASP G 183 -11.40 5.44 -3.99
N ALA G 184 -11.75 6.30 -4.94
CA ALA G 184 -12.50 5.87 -6.10
C ALA G 184 -11.66 4.90 -6.94
N PRO G 185 -12.31 3.86 -7.49
CA PRO G 185 -11.64 2.84 -8.29
C PRO G 185 -10.97 3.41 -9.54
N LYS G 186 -9.76 2.96 -9.83
CA LYS G 186 -9.12 3.23 -11.10
C LYS G 186 -9.61 2.16 -12.06
N THR G 187 -10.35 2.55 -13.08
CA THR G 187 -10.97 1.59 -13.98
C THR G 187 -10.33 1.56 -15.37
N HIS G 188 -10.33 0.39 -15.97
CA HIS G 188 -9.87 0.22 -17.34
C HIS G 188 -10.39 -1.10 -17.90
N MET G 189 -10.22 -1.31 -19.20
CA MET G 189 -10.78 -2.47 -19.88
C MET G 189 -9.72 -3.20 -20.68
N THR G 190 -9.75 -4.53 -20.64
CA THR G 190 -8.84 -5.33 -21.43
C THR G 190 -9.57 -6.17 -22.47
N HIS G 191 -8.93 -6.39 -23.61
CA HIS G 191 -9.50 -7.18 -24.69
C HIS G 191 -8.51 -8.23 -25.16
N HIS G 192 -8.89 -9.51 -25.03
CA HIS G 192 -8.02 -10.60 -25.43
C HIS G 192 -8.77 -11.65 -26.24
N ALA G 193 -8.16 -12.11 -27.32
CA ALA G 193 -8.79 -13.07 -28.22
C ALA G 193 -8.61 -14.50 -27.74
N VAL G 194 -9.72 -15.16 -27.44
CA VAL G 194 -9.70 -16.57 -27.04
C VAL G 194 -9.70 -17.43 -28.30
N SER G 195 -10.43 -16.96 -29.30
CA SER G 195 -10.50 -17.62 -30.60
C SER G 195 -10.62 -16.49 -31.61
N ASP G 196 -11.16 -16.78 -32.78
CA ASP G 196 -11.39 -15.73 -33.77
C ASP G 196 -12.88 -15.55 -34.00
N HIS G 197 -13.68 -16.22 -33.18
CA HIS G 197 -15.12 -16.07 -33.19
C HIS G 197 -15.58 -15.35 -31.91
N GLU G 198 -14.70 -15.33 -30.92
CA GLU G 198 -15.00 -14.73 -29.63
C GLU G 198 -13.81 -13.98 -29.04
N ALA G 199 -14.08 -13.16 -28.03
CA ALA G 199 -13.03 -12.42 -27.34
C ALA G 199 -13.46 -12.11 -25.90
N THR G 200 -12.49 -11.91 -25.03
CA THR G 200 -12.78 -11.61 -23.63
C THR G 200 -12.70 -10.12 -23.34
N LEU G 201 -13.79 -9.57 -22.82
CA LEU G 201 -13.79 -8.20 -22.33
C LEU G 201 -13.80 -8.20 -20.80
N ARG G 202 -12.73 -7.67 -20.21
CA ARG G 202 -12.61 -7.65 -18.76
C ARG G 202 -12.68 -6.23 -18.18
N CYS G 203 -13.55 -6.06 -17.19
CA CYS G 203 -13.73 -4.77 -16.57
C CYS G 203 -12.99 -4.67 -15.26
N TRP G 204 -12.04 -3.73 -15.16
CA TRP G 204 -11.18 -3.63 -13.98
C TRP G 204 -11.53 -2.49 -13.03
N ALA G 205 -11.46 -2.77 -11.73
CA ALA G 205 -11.57 -1.75 -10.69
C ALA G 205 -10.42 -1.93 -9.70
N LEU G 206 -9.55 -0.93 -9.60
CA LEU G 206 -8.36 -1.04 -8.76
C LEU G 206 -8.21 0.10 -7.76
N SER G 207 -7.45 -0.17 -6.70
CA SER G 207 -7.10 0.85 -5.70
C SER G 207 -8.31 1.57 -5.09
N PHE G 208 -9.39 0.84 -4.84
CA PHE G 208 -10.57 1.47 -4.27
C PHE G 208 -10.77 1.12 -2.80
N TYR G 209 -11.41 2.02 -2.07
CA TYR G 209 -11.77 1.81 -0.67
C TYR G 209 -12.98 2.66 -0.34
N PRO G 210 -13.97 2.08 0.37
CA PRO G 210 -13.93 0.73 0.95
C PRO G 210 -14.14 -0.37 -0.09
N ALA G 211 -14.29 -1.60 0.39
CA ALA G 211 -14.46 -2.76 -0.48
C ALA G 211 -15.77 -2.74 -1.25
N GLU G 212 -16.81 -2.19 -0.63
CA GLU G 212 -18.13 -2.14 -1.24
C GLU G 212 -18.09 -1.58 -2.66
N ILE G 213 -18.51 -2.40 -3.63
CA ILE G 213 -18.50 -1.98 -5.02
C ILE G 213 -19.44 -2.83 -5.87
N THR G 214 -19.93 -2.25 -6.97
CA THR G 214 -20.80 -2.96 -7.89
C THR G 214 -20.26 -2.90 -9.32
N LEU G 215 -19.95 -4.06 -9.87
CA LEU G 215 -19.48 -4.18 -11.25
C LEU G 215 -20.43 -5.04 -12.07
N THR G 216 -21.00 -4.46 -13.13
CA THR G 216 -21.94 -5.20 -13.97
C THR G 216 -21.70 -4.94 -15.46
N TRP G 217 -21.99 -5.95 -16.26
CA TRP G 217 -21.91 -5.82 -17.72
C TRP G 217 -23.32 -5.76 -18.30
N GLN G 218 -23.48 -4.99 -19.37
CA GLN G 218 -24.75 -4.90 -20.05
C GLN G 218 -24.59 -5.05 -21.56
N ARG G 219 -25.52 -5.76 -22.18
CA ARG G 219 -25.56 -5.87 -23.63
C ARG G 219 -26.82 -5.19 -24.16
N ASP G 220 -26.63 -4.14 -24.95
CA ASP G 220 -27.76 -3.36 -25.47
C ASP G 220 -28.65 -2.87 -24.34
N GLY G 221 -28.06 -2.58 -23.19
CA GLY G 221 -28.80 -2.04 -22.06
C GLY G 221 -29.43 -3.09 -21.17
N GLU G 222 -29.13 -4.37 -21.45
CA GLU G 222 -29.67 -5.46 -20.65
C GLU G 222 -28.58 -6.15 -19.84
N ASP G 223 -28.84 -6.32 -18.55
CA ASP G 223 -27.86 -6.93 -17.66
C ASP G 223 -27.54 -8.36 -18.06
N GLN G 224 -26.26 -8.71 -17.98
CA GLN G 224 -25.82 -10.06 -18.30
C GLN G 224 -25.49 -10.81 -17.02
N THR G 225 -26.36 -10.65 -16.02
CA THR G 225 -26.16 -11.25 -14.71
C THR G 225 -25.64 -12.69 -14.76
N GLN G 226 -26.27 -13.50 -15.61
CA GLN G 226 -25.93 -14.92 -15.69
C GLN G 226 -25.00 -15.25 -16.85
N ASP G 227 -24.37 -14.22 -17.42
CA ASP G 227 -23.45 -14.41 -18.54
C ASP G 227 -22.15 -13.63 -18.36
N THR G 228 -21.87 -13.24 -17.13
CA THR G 228 -20.62 -12.53 -16.82
C THR G 228 -19.86 -13.24 -15.71
N GLU G 229 -18.55 -13.35 -15.89
CA GLU G 229 -17.69 -13.94 -14.87
C GLU G 229 -17.27 -12.87 -13.86
N LEU G 230 -17.72 -13.01 -12.62
CA LEU G 230 -17.34 -12.11 -11.55
C LEU G 230 -16.30 -12.76 -10.65
N VAL G 231 -15.38 -11.96 -10.13
CA VAL G 231 -14.44 -12.43 -9.12
C VAL G 231 -14.77 -11.76 -7.79
N GLU G 232 -14.52 -12.49 -6.70
CA GLU G 232 -14.70 -11.94 -5.38
C GLU G 232 -13.78 -10.74 -5.21
N THR G 233 -14.29 -9.67 -4.60
CA THR G 233 -13.46 -8.52 -4.28
C THR G 233 -12.27 -9.00 -3.47
N ARG G 234 -11.08 -8.51 -3.81
CA ARG G 234 -9.84 -9.01 -3.20
C ARG G 234 -8.97 -7.86 -2.71
N PRO G 235 -8.21 -8.11 -1.63
CA PRO G 235 -7.31 -7.09 -1.07
C PRO G 235 -6.04 -6.94 -1.90
N ALA G 236 -5.64 -5.70 -2.17
CA ALA G 236 -4.42 -5.43 -2.91
C ALA G 236 -3.20 -5.63 -2.01
N GLY G 237 -3.40 -5.47 -0.71
CA GLY G 237 -2.33 -5.63 0.27
C GLY G 237 -1.83 -4.30 0.81
N ASP G 238 -2.35 -3.20 0.26
CA ASP G 238 -1.94 -1.87 0.68
C ASP G 238 -3.13 -1.11 1.28
N GLY G 239 -4.18 -1.83 1.62
CA GLY G 239 -5.36 -1.23 2.22
C GLY G 239 -6.47 -0.98 1.21
N THR G 240 -6.17 -1.15 -0.07
CA THR G 240 -7.17 -0.98 -1.11
C THR G 240 -7.62 -2.33 -1.64
N PHE G 241 -8.69 -2.33 -2.43
CA PHE G 241 -9.27 -3.58 -2.93
C PHE G 241 -9.33 -3.62 -4.45
N GLN G 242 -9.54 -4.82 -4.98
CA GLN G 242 -9.60 -5.03 -6.42
C GLN G 242 -10.82 -5.88 -6.77
N LYS G 243 -11.22 -5.80 -8.04
CA LYS G 243 -12.34 -6.60 -8.53
C LYS G 243 -12.49 -6.41 -10.04
N TRP G 244 -12.88 -7.47 -10.73
CA TRP G 244 -13.16 -7.36 -12.15
C TRP G 244 -14.32 -8.23 -12.63
N ALA G 245 -14.97 -7.78 -13.70
CA ALA G 245 -16.05 -8.52 -14.32
C ALA G 245 -15.71 -8.75 -15.79
N ALA G 246 -15.80 -10.00 -16.23
CA ALA G 246 -15.46 -10.34 -17.60
C ALA G 246 -16.64 -10.94 -18.36
N VAL G 247 -16.68 -10.70 -19.67
CA VAL G 247 -17.75 -11.24 -20.50
C VAL G 247 -17.18 -11.73 -21.82
N VAL G 248 -17.80 -12.77 -22.38
CA VAL G 248 -17.38 -13.31 -23.68
C VAL G 248 -18.17 -12.65 -24.79
N VAL G 249 -17.46 -12.01 -25.72
CA VAL G 249 -18.09 -11.24 -26.78
C VAL G 249 -17.80 -11.80 -28.16
N PRO G 250 -18.86 -12.12 -28.91
CA PRO G 250 -18.72 -12.60 -30.29
C PRO G 250 -18.11 -11.53 -31.18
N SER G 251 -17.26 -11.93 -32.12
CA SER G 251 -16.57 -10.99 -33.00
C SER G 251 -17.52 -9.95 -33.59
N GLY G 252 -17.14 -8.67 -33.47
CA GLY G 252 -17.88 -7.58 -34.06
C GLY G 252 -19.07 -7.11 -33.24
N GLN G 253 -19.07 -7.44 -31.95
CA GLN G 253 -20.17 -7.04 -31.08
C GLN G 253 -19.70 -6.22 -29.87
N GLU G 254 -18.40 -5.93 -29.83
CA GLU G 254 -17.82 -5.16 -28.73
C GLU G 254 -18.62 -3.92 -28.39
N GLN G 255 -19.16 -3.27 -29.43
CA GLN G 255 -19.89 -2.03 -29.25
C GLN G 255 -21.17 -2.20 -28.44
N ARG G 256 -21.71 -3.41 -28.42
CA ARG G 256 -22.98 -3.68 -27.73
C ARG G 256 -22.82 -3.69 -26.21
N TYR G 257 -21.60 -3.95 -25.74
CA TYR G 257 -21.38 -4.16 -24.32
C TYR G 257 -20.95 -2.90 -23.57
N THR G 258 -21.46 -2.75 -22.35
CA THR G 258 -21.08 -1.64 -21.49
C THR G 258 -20.85 -2.13 -20.07
N CYS G 259 -19.74 -1.71 -19.47
CA CYS G 259 -19.48 -2.02 -18.06
C CYS G 259 -19.93 -0.86 -17.19
N HIS G 260 -20.60 -1.19 -16.09
CA HIS G 260 -21.11 -0.18 -15.19
C HIS G 260 -20.48 -0.30 -13.80
N VAL G 261 -19.90 0.80 -13.33
CA VAL G 261 -19.20 0.80 -12.06
C VAL G 261 -19.85 1.74 -11.06
N GLN G 262 -20.21 1.21 -9.90
CA GLN G 262 -20.78 2.02 -8.83
C GLN G 262 -19.92 1.89 -7.57
N HIS G 263 -19.51 3.03 -7.02
CA HIS G 263 -18.69 3.05 -5.82
C HIS G 263 -18.88 4.39 -5.10
N GLU G 264 -18.77 4.38 -3.79
CA GLU G 264 -19.00 5.58 -2.99
C GLU G 264 -18.08 6.73 -3.41
N GLY G 265 -16.90 6.38 -3.91
CA GLY G 265 -15.91 7.38 -4.29
C GLY G 265 -16.14 8.00 -5.65
N LEU G 266 -17.19 7.57 -6.34
CA LEU G 266 -17.50 8.10 -7.66
C LEU G 266 -18.63 9.11 -7.62
N PRO G 267 -18.37 10.34 -8.11
CA PRO G 267 -19.40 11.38 -8.16
C PRO G 267 -20.67 10.85 -8.82
N LYS G 268 -20.50 10.13 -9.93
CA LYS G 268 -21.61 9.44 -10.57
C LYS G 268 -21.15 8.09 -11.11
N PRO G 269 -22.07 7.12 -11.21
CA PRO G 269 -21.73 5.80 -11.73
C PRO G 269 -21.05 5.90 -13.10
N LEU G 270 -20.04 5.07 -13.33
CA LEU G 270 -19.31 5.10 -14.59
C LEU G 270 -19.92 4.15 -15.62
N THR G 271 -19.85 4.55 -16.89
CA THR G 271 -20.25 3.68 -17.99
C THR G 271 -19.10 3.55 -18.96
N LEU G 272 -18.51 2.37 -19.01
CA LEU G 272 -17.35 2.12 -19.86
C LEU G 272 -17.71 1.16 -20.99
N ARG G 273 -17.13 1.41 -22.17
CA ARG G 273 -17.34 0.54 -23.31
C ARG G 273 -16.09 0.46 -24.18
N TRP G 274 -15.88 -0.67 -24.82
CA TRP G 274 -14.75 -0.84 -25.72
C TRP G 274 -15.02 -0.12 -27.03
N GLU G 275 -14.21 0.88 -27.33
CA GLU G 275 -14.40 1.68 -28.54
C GLU G 275 -13.13 2.44 -28.91
N MET H 1 -18.37 -33.16 10.10
CA MET H 1 -18.05 -31.75 10.27
C MET H 1 -18.05 -31.02 8.94
N ILE H 2 -18.53 -29.77 8.94
CA ILE H 2 -18.59 -29.00 7.70
C ILE H 2 -17.18 -28.67 7.20
N GLN H 3 -17.02 -28.73 5.88
CA GLN H 3 -15.74 -28.42 5.24
C GLN H 3 -16.02 -27.65 3.96
N ARG H 4 -15.37 -26.50 3.81
CA ARG H 4 -15.54 -25.69 2.60
C ARG H 4 -14.22 -25.53 1.86
N THR H 5 -14.24 -25.73 0.55
CA THR H 5 -13.03 -25.66 -0.26
C THR H 5 -12.64 -24.19 -0.51
N PRO H 6 -11.35 -23.89 -0.41
CA PRO H 6 -10.84 -22.52 -0.56
C PRO H 6 -10.95 -22.01 -1.98
N LYS H 7 -11.44 -20.79 -2.14
CA LYS H 7 -11.35 -20.09 -3.42
C LYS H 7 -9.93 -19.54 -3.52
N ILE H 8 -9.41 -19.46 -4.74
CA ILE H 8 -8.03 -19.04 -4.94
C ILE H 8 -7.91 -17.98 -6.04
N GLN H 9 -7.21 -16.90 -5.72
CA GLN H 9 -6.89 -15.88 -6.72
C GLN H 9 -5.41 -15.51 -6.65
N VAL H 10 -4.72 -15.61 -7.77
CA VAL H 10 -3.33 -15.19 -7.86
C VAL H 10 -3.25 -13.92 -8.69
N TYR H 11 -2.64 -12.89 -8.15
CA TYR H 11 -2.59 -11.58 -8.81
C TYR H 11 -1.52 -10.70 -8.19
N SER H 12 -1.21 -9.60 -8.87
CA SER H 12 -0.23 -8.65 -8.36
C SER H 12 -0.93 -7.46 -7.71
N ARG H 13 -0.24 -6.78 -6.80
CA ARG H 13 -0.80 -5.61 -6.12
C ARG H 13 -1.03 -4.47 -7.11
N HIS H 14 -0.06 -4.26 -7.99
CA HIS H 14 -0.16 -3.24 -9.02
C HIS H 14 -0.18 -3.89 -10.40
N PRO H 15 -0.64 -3.15 -11.41
CA PRO H 15 -0.57 -3.68 -12.78
C PRO H 15 0.87 -4.10 -13.10
N ALA H 16 1.04 -5.34 -13.54
CA ALA H 16 2.38 -5.88 -13.79
C ALA H 16 3.13 -5.10 -14.86
N GLU H 17 4.34 -4.66 -14.52
CA GLU H 17 5.24 -4.03 -15.48
C GLU H 17 6.61 -4.64 -15.31
N ASN H 18 7.14 -5.21 -16.38
CA ASN H 18 8.45 -5.86 -16.32
C ASN H 18 9.53 -4.92 -15.79
N GLY H 19 10.33 -5.42 -14.85
CA GLY H 19 11.43 -4.66 -14.29
C GLY H 19 11.04 -3.74 -13.15
N LYS H 20 9.75 -3.69 -12.82
CA LYS H 20 9.27 -2.81 -11.77
C LYS H 20 8.77 -3.57 -10.55
N SER H 21 9.28 -3.22 -9.38
CA SER H 21 8.96 -3.92 -8.14
C SER H 21 7.47 -3.94 -7.86
N ASN H 22 6.99 -5.04 -7.28
CA ASN H 22 5.58 -5.28 -7.09
C ASN H 22 5.37 -6.30 -5.99
N PHE H 23 4.12 -6.62 -5.70
CA PHE H 23 3.80 -7.70 -4.77
C PHE H 23 2.99 -8.79 -5.48
N LEU H 24 3.40 -10.04 -5.26
CA LEU H 24 2.65 -11.18 -5.78
C LEU H 24 1.70 -11.69 -4.69
N ASN H 25 0.41 -11.65 -4.97
CA ASN H 25 -0.59 -12.06 -3.98
C ASN H 25 -1.25 -13.40 -4.31
N CYS H 26 -1.52 -14.17 -3.27
CA CYS H 26 -2.41 -15.32 -3.38
C CYS H 26 -3.47 -15.23 -2.30
N TYR H 27 -4.70 -14.97 -2.73
CA TYR H 27 -5.81 -14.79 -1.80
C TYR H 27 -6.66 -16.06 -1.71
N VAL H 28 -6.67 -16.67 -0.53
CA VAL H 28 -7.51 -17.84 -0.28
C VAL H 28 -8.68 -17.47 0.62
N SER H 29 -9.89 -17.85 0.22
CA SER H 29 -11.08 -17.44 0.94
C SER H 29 -12.17 -18.50 0.94
N GLY H 30 -13.15 -18.33 1.83
CA GLY H 30 -14.31 -19.19 1.89
C GLY H 30 -14.02 -20.63 2.26
N PHE H 31 -12.91 -20.87 2.95
CA PHE H 31 -12.54 -22.23 3.33
C PHE H 31 -12.77 -22.53 4.81
N HIS H 32 -12.83 -23.83 5.12
CA HIS H 32 -13.05 -24.30 6.48
C HIS H 32 -12.72 -25.79 6.52
N PRO H 33 -11.99 -26.23 7.56
CA PRO H 33 -11.49 -25.41 8.66
C PRO H 33 -10.31 -24.52 8.25
N SER H 34 -9.62 -23.96 9.24
CA SER H 34 -8.59 -22.96 8.98
C SER H 34 -7.25 -23.53 8.52
N ASP H 35 -6.95 -24.76 8.94
CA ASP H 35 -5.69 -25.40 8.56
C ASP H 35 -5.54 -25.45 7.04
N ILE H 36 -4.51 -24.77 6.54
CA ILE H 36 -4.30 -24.65 5.10
C ILE H 36 -2.83 -24.42 4.77
N GLU H 37 -2.41 -24.93 3.62
CA GLU H 37 -1.04 -24.75 3.15
C GLU H 37 -1.02 -23.95 1.85
N VAL H 38 -0.44 -22.76 1.90
CA VAL H 38 -0.34 -21.92 0.71
C VAL H 38 1.11 -21.59 0.39
N ASP H 39 1.52 -21.89 -0.84
CA ASP H 39 2.87 -21.59 -1.29
C ASP H 39 2.88 -20.74 -2.56
N LEU H 40 3.85 -19.85 -2.65
CA LEU H 40 4.07 -19.08 -3.87
C LEU H 40 5.19 -19.72 -4.66
N LEU H 41 4.99 -19.88 -5.96
CA LEU H 41 5.96 -20.57 -6.80
C LEU H 41 6.55 -19.66 -7.88
N LYS H 42 7.87 -19.71 -8.00
CA LYS H 42 8.57 -19.03 -9.08
C LYS H 42 9.22 -20.09 -9.96
N ASN H 43 8.71 -20.23 -11.18
CA ASN H 43 9.20 -21.24 -12.11
C ASN H 43 9.21 -22.62 -11.47
N GLY H 44 8.14 -22.95 -10.75
CA GLY H 44 8.00 -24.26 -10.15
C GLY H 44 8.51 -24.36 -8.72
N GLU H 45 9.54 -23.58 -8.40
CA GLU H 45 10.14 -23.62 -7.07
C GLU H 45 9.40 -22.72 -6.09
N ARG H 46 9.34 -23.15 -4.84
CA ARG H 46 8.64 -22.38 -3.82
C ARG H 46 9.46 -21.18 -3.35
N ILE H 47 8.78 -20.06 -3.17
CA ILE H 47 9.41 -18.83 -2.70
C ILE H 47 9.44 -18.80 -1.17
N GLU H 48 10.62 -18.60 -0.60
CA GLU H 48 10.81 -18.71 0.84
C GLU H 48 10.33 -17.49 1.62
N LYS H 49 10.66 -16.29 1.13
CA LYS H 49 10.34 -15.06 1.84
C LYS H 49 8.88 -14.67 1.65
N VAL H 50 7.97 -15.51 2.14
CA VAL H 50 6.54 -15.26 1.96
C VAL H 50 5.83 -14.97 3.28
N GLU H 51 5.00 -13.95 3.28
CA GLU H 51 4.22 -13.58 4.46
C GLU H 51 2.73 -13.77 4.20
N HIS H 52 1.95 -13.79 5.27
CA HIS H 52 0.50 -13.87 5.14
C HIS H 52 -0.19 -12.99 6.17
N SER H 53 -1.42 -12.57 5.86
CA SER H 53 -2.18 -11.73 6.77
C SER H 53 -2.67 -12.55 7.96
N ASP H 54 -3.22 -11.85 8.95
CA ASP H 54 -3.74 -12.50 10.16
C ASP H 54 -5.05 -13.22 9.87
N LEU H 55 -5.17 -14.44 10.38
CA LEU H 55 -6.37 -15.24 10.15
C LEU H 55 -7.64 -14.51 10.56
N SER H 56 -8.56 -14.36 9.61
CA SER H 56 -9.85 -13.75 9.87
C SER H 56 -10.92 -14.52 9.10
N PHE H 57 -12.19 -14.14 9.29
CA PHE H 57 -13.27 -14.84 8.60
C PHE H 57 -14.45 -13.96 8.24
N SER H 58 -15.30 -14.47 7.36
CA SER H 58 -16.44 -13.71 6.84
C SER H 58 -17.69 -13.92 7.68
N LYS H 59 -18.80 -13.36 7.20
CA LYS H 59 -20.08 -13.47 7.89
C LYS H 59 -20.51 -14.92 8.09
N ASP H 60 -20.23 -15.75 7.10
CA ASP H 60 -20.63 -17.16 7.13
C ASP H 60 -19.61 -18.05 7.85
N TRP H 61 -18.67 -17.42 8.54
CA TRP H 61 -17.68 -18.13 9.36
C TRP H 61 -16.50 -18.71 8.57
N SER H 62 -16.56 -18.64 7.24
CA SER H 62 -15.47 -19.16 6.42
C SER H 62 -14.28 -18.21 6.46
N PHE H 63 -13.08 -18.77 6.49
CA PHE H 63 -11.86 -17.99 6.67
C PHE H 63 -11.31 -17.42 5.36
N TYR H 64 -10.43 -16.43 5.49
CA TYR H 64 -9.68 -15.90 4.35
C TYR H 64 -8.30 -15.44 4.78
N LEU H 65 -7.32 -15.67 3.92
CA LEU H 65 -5.94 -15.28 4.17
C LEU H 65 -5.32 -14.67 2.92
N LEU H 66 -4.45 -13.70 3.11
CA LEU H 66 -3.69 -13.13 2.00
C LEU H 66 -2.22 -13.47 2.11
N TYR H 67 -1.73 -14.27 1.17
CA TYR H 67 -0.31 -14.58 1.09
C TYR H 67 0.34 -13.68 0.06
N TYR H 68 1.47 -13.07 0.42
CA TYR H 68 2.11 -12.11 -0.45
C TYR H 68 3.63 -12.16 -0.35
N THR H 69 4.29 -11.67 -1.39
CA THR H 69 5.74 -11.57 -1.41
C THR H 69 6.16 -10.48 -2.39
N GLU H 70 7.26 -9.81 -2.08
CA GLU H 70 7.79 -8.78 -2.97
C GLU H 70 8.45 -9.44 -4.16
N PHE H 71 8.15 -8.94 -5.36
CA PHE H 71 8.76 -9.50 -6.56
C PHE H 71 8.79 -8.52 -7.72
N THR H 72 9.60 -8.84 -8.72
CA THR H 72 9.73 -8.02 -9.91
C THR H 72 9.46 -8.89 -11.14
N PRO H 73 8.32 -8.65 -11.80
CA PRO H 73 7.89 -9.46 -12.95
C PRO H 73 8.84 -9.31 -14.13
N THR H 74 8.96 -10.36 -14.93
CA THR H 74 9.69 -10.31 -16.18
C THR H 74 8.88 -11.02 -17.25
N GLU H 75 9.38 -11.02 -18.50
CA GLU H 75 8.68 -11.68 -19.59
C GLU H 75 8.65 -13.19 -19.42
N LYS H 76 9.76 -13.75 -18.93
CA LYS H 76 9.95 -15.20 -18.95
C LYS H 76 9.59 -15.91 -17.65
N ASP H 77 9.57 -15.17 -16.54
CA ASP H 77 9.32 -15.76 -15.23
C ASP H 77 7.85 -16.16 -15.02
N GLU H 78 7.64 -17.40 -14.65
CA GLU H 78 6.30 -17.91 -14.36
C GLU H 78 6.05 -17.92 -12.85
N TYR H 79 4.82 -17.61 -12.46
CA TYR H 79 4.46 -17.64 -11.05
C TYR H 79 3.14 -18.38 -10.84
N ALA H 80 2.98 -18.98 -9.67
CA ALA H 80 1.77 -19.74 -9.37
C ALA H 80 1.57 -19.88 -7.87
N CYS H 81 0.33 -20.17 -7.47
CA CYS H 81 0.02 -20.41 -6.08
C CYS H 81 -0.36 -21.87 -5.87
N ARG H 82 0.30 -22.52 -4.91
CA ARG H 82 0.01 -23.90 -4.59
C ARG H 82 -0.71 -23.99 -3.25
N VAL H 83 -1.93 -24.52 -3.27
CA VAL H 83 -2.75 -24.60 -2.07
C VAL H 83 -3.14 -26.03 -1.71
N ASN H 84 -3.01 -26.37 -0.43
CA ASN H 84 -3.47 -27.65 0.07
C ASN H 84 -4.45 -27.49 1.22
N HIS H 85 -5.50 -28.31 1.21
CA HIS H 85 -6.56 -28.20 2.20
C HIS H 85 -7.27 -29.56 2.29
N VAL H 86 -7.88 -29.83 3.44
CA VAL H 86 -8.53 -31.12 3.66
C VAL H 86 -9.57 -31.43 2.57
N THR H 87 -10.15 -30.38 1.99
CA THR H 87 -11.17 -30.54 0.97
C THR H 87 -10.58 -30.84 -0.40
N LEU H 88 -9.25 -30.93 -0.47
CA LEU H 88 -8.57 -31.14 -1.74
C LEU H 88 -7.90 -32.51 -1.80
N SER H 89 -8.24 -33.27 -2.83
CA SER H 89 -7.66 -34.60 -3.04
C SER H 89 -6.16 -34.48 -3.30
N GLN H 90 -5.74 -33.32 -3.79
CA GLN H 90 -4.33 -33.04 -4.05
C GLN H 90 -4.12 -31.54 -4.13
N PRO H 91 -2.89 -31.07 -3.89
CA PRO H 91 -2.59 -29.64 -3.92
C PRO H 91 -3.02 -28.99 -5.23
N LYS H 92 -3.76 -27.90 -5.15
CA LYS H 92 -4.23 -27.20 -6.33
C LYS H 92 -3.25 -26.10 -6.74
N ILE H 93 -2.85 -26.12 -8.01
CA ILE H 93 -1.94 -25.13 -8.56
C ILE H 93 -2.70 -24.12 -9.41
N VAL H 94 -2.53 -22.84 -9.10
CA VAL H 94 -3.16 -21.78 -9.90
C VAL H 94 -2.10 -20.81 -10.42
N LYS H 95 -1.91 -20.81 -11.73
CA LYS H 95 -0.91 -19.97 -12.36
C LYS H 95 -1.26 -18.49 -12.26
N TRP H 96 -0.25 -17.64 -12.17
CA TRP H 96 -0.46 -16.20 -12.19
C TRP H 96 -0.67 -15.73 -13.62
N ASP H 97 -1.74 -14.97 -13.83
CA ASP H 97 -2.02 -14.38 -15.13
C ASP H 97 -2.12 -12.87 -15.00
N ARG H 98 -1.27 -12.16 -15.74
CA ARG H 98 -1.24 -10.71 -15.70
C ARG H 98 -2.63 -10.12 -15.93
N ASP H 99 -3.35 -10.71 -16.88
CA ASP H 99 -4.67 -10.20 -17.27
C ASP H 99 -5.76 -10.66 -16.31
N MET H 100 -5.36 -11.17 -15.14
CA MET H 100 -6.32 -11.64 -14.15
C MET H 100 -5.89 -11.25 -12.73
N ARG I 1 -12.09 -1.14 20.99
CA ARG I 1 -11.40 -1.87 22.05
C ARG I 1 -12.22 -3.08 22.50
N LEU I 2 -11.54 -4.06 23.06
CA LEU I 2 -12.16 -5.33 23.44
C LEU I 2 -13.24 -5.18 24.52
N TYR I 3 -14.15 -6.15 24.55
CA TYR I 3 -15.13 -6.27 25.61
C TYR I 3 -14.41 -6.44 26.94
N GLN I 4 -14.62 -5.50 27.86
CA GLN I 4 -13.88 -5.48 29.11
C GLN I 4 -14.38 -6.49 30.14
N ASN I 5 -15.70 -6.68 30.17
CA ASN I 5 -16.31 -7.58 31.15
C ASN I 5 -15.85 -9.02 30.99
N PRO I 6 -15.59 -9.69 32.12
CA PRO I 6 -15.15 -11.10 32.14
C PRO I 6 -16.14 -12.00 31.40
N THR I 7 -15.79 -12.36 30.16
CA THR I 7 -16.65 -13.19 29.33
C THR I 7 -17.05 -14.49 30.03
N THR I 8 -18.27 -14.95 29.81
CA THR I 8 -18.77 -16.16 30.44
C THR I 8 -18.43 -17.40 29.62
N TYR I 9 -18.39 -18.55 30.28
CA TYR I 9 -18.05 -19.81 29.62
C TYR I 9 -19.25 -20.40 28.88
N ILE I 10 -18.97 -21.08 27.77
CA ILE I 10 -19.99 -21.80 27.04
C ILE I 10 -20.47 -22.99 27.87
N GLY J 1 -37.53 -4.48 10.08
CA GLY J 1 -37.66 -5.14 8.79
C GLY J 1 -37.32 -4.22 7.63
N SER J 2 -38.14 -4.28 6.59
CA SER J 2 -37.93 -3.45 5.40
C SER J 2 -38.54 -2.06 5.59
N HIS J 3 -38.04 -1.09 4.83
CA HIS J 3 -38.50 0.28 4.95
C HIS J 3 -38.58 0.99 3.60
N SER J 4 -39.24 2.14 3.57
CA SER J 4 -39.41 2.90 2.34
C SER J 4 -39.70 4.37 2.62
N MET J 5 -39.33 5.23 1.68
CA MET J 5 -39.70 6.63 1.72
C MET J 5 -40.48 6.99 0.47
N ARG J 6 -41.51 7.82 0.62
CA ARG J 6 -42.37 8.17 -0.50
C ARG J 6 -42.83 9.63 -0.43
N TYR J 7 -42.93 10.26 -1.59
CA TYR J 7 -43.54 11.57 -1.70
C TYR J 7 -44.74 11.48 -2.64
N PHE J 8 -45.87 12.00 -2.19
CA PHE J 8 -47.09 11.97 -3.00
C PHE J 8 -47.49 13.38 -3.39
N PHE J 9 -47.68 13.62 -4.67
CA PHE J 9 -48.01 14.95 -5.18
C PHE J 9 -49.34 14.94 -5.90
N THR J 10 -50.23 15.83 -5.50
CA THR J 10 -51.53 15.99 -6.16
C THR J 10 -51.76 17.42 -6.62
N SER J 11 -52.04 17.58 -7.90
CA SER J 11 -52.31 18.89 -8.47
C SER J 11 -53.67 18.91 -9.16
N VAL J 12 -54.56 19.76 -8.67
CA VAL J 12 -55.93 19.82 -9.20
C VAL J 12 -56.28 21.21 -9.74
N SER J 13 -56.47 21.30 -11.05
CA SER J 13 -56.83 22.57 -11.67
C SER J 13 -58.23 23.02 -11.27
N ARG J 14 -58.43 24.32 -11.22
CA ARG J 14 -59.74 24.89 -10.92
C ARG J 14 -60.04 26.01 -11.89
N PRO J 15 -60.67 25.66 -13.03
CA PRO J 15 -60.99 26.62 -14.09
C PRO J 15 -61.69 27.87 -13.56
N GLY J 16 -61.15 29.04 -13.89
CA GLY J 16 -61.76 30.30 -13.52
C GLY J 16 -61.68 30.62 -12.02
N ARG J 17 -60.87 29.86 -11.30
CA ARG J 17 -60.69 30.10 -9.87
C ARG J 17 -59.22 30.23 -9.50
N GLY J 18 -58.41 30.66 -10.45
CA GLY J 18 -57.00 30.93 -10.19
C GLY J 18 -56.09 29.73 -10.30
N GLU J 19 -54.99 29.76 -9.55
CA GLU J 19 -53.99 28.70 -9.60
C GLU J 19 -54.53 27.38 -9.07
N PRO J 20 -54.06 26.27 -9.66
CA PRO J 20 -54.46 24.91 -9.25
C PRO J 20 -54.03 24.59 -7.83
N ARG J 21 -54.84 23.80 -7.13
CA ARG J 21 -54.49 23.33 -5.79
C ARG J 21 -53.30 22.39 -5.88
N PHE J 22 -52.34 22.56 -4.97
CA PHE J 22 -51.18 21.67 -4.92
C PHE J 22 -50.96 21.15 -3.51
N ILE J 23 -50.89 19.83 -3.39
CA ILE J 23 -50.68 19.20 -2.08
C ILE J 23 -49.56 18.17 -2.16
N ALA J 24 -48.57 18.32 -1.28
CA ALA J 24 -47.46 17.39 -1.23
C ALA J 24 -47.31 16.83 0.18
N VAL J 25 -47.06 15.53 0.27
CA VAL J 25 -46.87 14.88 1.55
C VAL J 25 -45.75 13.85 1.48
N GLY J 26 -44.91 13.83 2.50
CA GLY J 26 -43.82 12.87 2.58
C GLY J 26 -44.13 11.78 3.58
N TYR J 27 -43.66 10.58 3.29
CA TYR J 27 -43.90 9.42 4.15
C TYR J 27 -42.62 8.62 4.35
N VAL J 28 -42.42 8.16 5.58
CA VAL J 28 -41.46 7.09 5.84
C VAL J 28 -42.27 5.89 6.31
N ASP J 29 -42.28 4.84 5.50
CA ASP J 29 -43.16 3.71 5.74
C ASP J 29 -44.60 4.20 5.82
N ASP J 30 -45.26 3.93 6.94
CA ASP J 30 -46.65 4.34 7.11
C ASP J 30 -46.80 5.55 8.03
N THR J 31 -45.77 6.40 8.05
CA THR J 31 -45.79 7.59 8.89
C THR J 31 -45.48 8.84 8.08
N GLN J 32 -46.45 9.74 7.98
CA GLN J 32 -46.24 11.01 7.29
C GLN J 32 -45.33 11.89 8.13
N PHE J 33 -44.40 12.59 7.49
CA PHE J 33 -43.47 13.45 8.22
C PHE J 33 -43.45 14.90 7.74
N VAL J 34 -43.89 15.15 6.52
CA VAL J 34 -43.96 16.51 6.00
C VAL J 34 -45.16 16.74 5.07
N ARG J 35 -45.45 18.00 4.81
CA ARG J 35 -46.50 18.36 3.86
C ARG J 35 -46.43 19.82 3.43
N PHE J 36 -47.02 20.12 2.29
CA PHE J 36 -47.10 21.48 1.77
C PHE J 36 -48.46 21.68 1.12
N ASP J 37 -49.18 22.71 1.56
CA ASP J 37 -50.51 23.00 1.03
C ASP J 37 -50.53 24.39 0.39
N SER J 38 -50.67 24.42 -0.93
CA SER J 38 -50.66 25.68 -1.67
C SER J 38 -51.70 26.67 -1.14
N ASP J 39 -52.77 26.14 -0.56
CA ASP J 39 -53.84 26.98 -0.04
C ASP J 39 -53.59 27.43 1.40
N ALA J 40 -52.56 26.89 2.02
CA ALA J 40 -52.21 27.27 3.39
C ALA J 40 -51.49 28.61 3.41
N ALA J 41 -51.55 29.28 4.56
CA ALA J 41 -51.03 30.65 4.68
C ALA J 41 -49.49 30.71 4.75
N SER J 42 -48.88 29.68 5.30
CA SER J 42 -47.43 29.69 5.54
C SER J 42 -46.63 29.63 4.25
N GLN J 43 -47.13 28.88 3.26
CA GLN J 43 -46.40 28.67 2.02
C GLN J 43 -45.05 28.03 2.31
N ARG J 44 -45.06 27.05 3.21
CA ARG J 44 -43.84 26.36 3.62
C ARG J 44 -44.08 24.87 3.76
N MET J 45 -43.02 24.08 3.60
CA MET J 45 -43.07 22.68 3.97
C MET J 45 -43.14 22.63 5.48
N GLU J 46 -44.11 21.88 6.01
CA GLU J 46 -44.31 21.81 7.45
C GLU J 46 -44.04 20.42 7.98
N PRO J 47 -43.55 20.33 9.23
CA PRO J 47 -43.33 19.04 9.88
C PRO J 47 -44.64 18.40 10.28
N ARG J 48 -44.71 17.07 10.23
CA ARG J 48 -45.92 16.34 10.61
C ARG J 48 -45.56 15.17 11.51
N ALA J 49 -44.26 15.03 11.79
CA ALA J 49 -43.79 14.04 12.75
C ALA J 49 -42.78 14.72 13.67
N PRO J 50 -42.80 14.35 14.96
CA PRO J 50 -41.94 14.97 15.97
C PRO J 50 -40.45 14.83 15.64
N TRP J 51 -40.07 13.76 14.97
CA TRP J 51 -38.66 13.46 14.74
C TRP J 51 -38.03 14.26 13.60
N ILE J 52 -38.86 14.92 12.81
CA ILE J 52 -38.36 15.75 11.71
C ILE J 52 -38.21 17.20 12.16
N GLU J 53 -38.81 17.53 13.30
CA GLU J 53 -38.79 18.88 13.82
C GLU J 53 -37.40 19.29 14.31
N GLN J 54 -36.49 18.33 14.41
CA GLN J 54 -35.12 18.61 14.86
C GLN J 54 -34.27 19.15 13.72
N GLU J 55 -34.73 18.95 12.49
CA GLU J 55 -34.07 19.51 11.32
C GLU J 55 -34.05 21.03 11.39
N GLY J 56 -32.93 21.63 11.02
CA GLY J 56 -32.78 23.07 11.13
C GLY J 56 -33.50 23.87 10.05
N PRO J 57 -33.33 25.20 10.08
CA PRO J 57 -33.93 26.12 9.11
C PRO J 57 -33.44 25.85 7.69
N GLU J 58 -32.21 25.36 7.58
CA GLU J 58 -31.62 25.06 6.27
C GLU J 58 -32.41 23.96 5.58
N TYR J 59 -32.82 22.96 6.35
CA TYR J 59 -33.62 21.86 5.83
C TYR J 59 -34.97 22.37 5.34
N TRP J 60 -35.62 23.17 6.18
CA TRP J 60 -36.95 23.67 5.89
C TRP J 60 -36.97 24.70 4.77
N ASP J 61 -35.98 25.58 4.74
CA ASP J 61 -35.84 26.53 3.65
C ASP J 61 -35.66 25.79 2.35
N GLY J 62 -34.74 24.83 2.34
CA GLY J 62 -34.44 24.04 1.16
C GLY J 62 -35.64 23.27 0.65
N GLU J 63 -36.24 22.48 1.53
CA GLU J 63 -37.41 21.68 1.17
C GLU J 63 -38.57 22.56 0.73
N THR J 64 -38.68 23.75 1.31
CA THR J 64 -39.71 24.70 0.92
C THR J 64 -39.49 25.19 -0.50
N ARG J 65 -38.23 25.47 -0.85
CA ARG J 65 -37.90 25.93 -2.20
C ARG J 65 -38.18 24.85 -3.24
N LYS J 66 -37.72 23.64 -2.96
CA LYS J 66 -37.86 22.55 -3.91
C LYS J 66 -39.31 22.11 -4.11
N VAL J 67 -40.12 22.25 -3.07
CA VAL J 67 -41.53 21.87 -3.17
C VAL J 67 -42.30 22.92 -3.96
N LYS J 68 -41.84 24.16 -3.89
CA LYS J 68 -42.43 25.23 -4.69
C LYS J 68 -42.10 25.01 -6.16
N ALA J 69 -40.88 24.55 -6.43
CA ALA J 69 -40.46 24.23 -7.79
C ALA J 69 -41.30 23.07 -8.32
N HIS J 70 -41.51 22.07 -7.48
CA HIS J 70 -42.39 20.96 -7.81
C HIS J 70 -43.76 21.52 -8.20
N SER J 71 -44.26 22.43 -7.37
CA SER J 71 -45.58 23.03 -7.57
C SER J 71 -45.69 23.71 -8.92
N GLN J 72 -44.71 24.54 -9.24
CA GLN J 72 -44.73 25.30 -10.50
C GLN J 72 -44.67 24.39 -11.71
N THR J 73 -43.91 23.30 -11.60
CA THR J 73 -43.80 22.34 -12.69
C THR J 73 -45.15 21.70 -12.99
N HIS J 74 -45.86 21.32 -11.93
CA HIS J 74 -47.16 20.67 -12.08
C HIS J 74 -48.21 21.62 -12.66
N ARG J 75 -48.16 22.88 -12.25
CA ARG J 75 -49.09 23.88 -12.78
C ARG J 75 -48.96 23.96 -14.30
N VAL J 76 -47.73 23.93 -14.79
CA VAL J 76 -47.47 23.94 -16.22
C VAL J 76 -47.96 22.63 -16.85
N ASP J 77 -47.62 21.51 -16.19
CA ASP J 77 -48.01 20.19 -16.67
C ASP J 77 -49.50 20.11 -16.98
N LEU J 78 -50.31 20.74 -16.14
CA LEU J 78 -51.76 20.71 -16.32
C LEU J 78 -52.18 21.28 -17.67
N GLY J 79 -51.53 22.37 -18.07
CA GLY J 79 -51.81 22.98 -19.36
C GLY J 79 -51.37 22.10 -20.51
N THR J 80 -50.15 21.58 -20.40
CA THR J 80 -49.59 20.71 -21.43
C THR J 80 -50.47 19.49 -21.67
N LEU J 81 -50.97 18.90 -20.59
CA LEU J 81 -51.82 17.72 -20.68
C LEU J 81 -53.18 18.05 -21.26
N ARG J 82 -53.70 19.23 -20.94
CA ARG J 82 -54.97 19.68 -21.50
C ARG J 82 -54.85 19.78 -23.01
N GLY J 83 -53.66 20.14 -23.48
CA GLY J 83 -53.38 20.22 -24.90
C GLY J 83 -53.22 18.85 -25.53
N TYR J 84 -52.39 18.02 -24.91
CA TYR J 84 -52.15 16.67 -25.41
C TYR J 84 -53.45 15.94 -25.71
N TYR J 85 -54.46 16.16 -24.87
CA TYR J 85 -55.71 15.43 -24.97
C TYR J 85 -56.87 16.26 -25.51
N ASN J 86 -56.55 17.46 -26.02
CA ASN J 86 -57.55 18.31 -26.65
C ASN J 86 -58.78 18.54 -25.78
N GLN J 87 -58.55 18.92 -24.52
CA GLN J 87 -59.64 19.15 -23.58
C GLN J 87 -59.92 20.64 -23.42
N SER J 88 -61.16 20.97 -23.04
CA SER J 88 -61.55 22.36 -22.85
C SER J 88 -60.83 22.97 -21.66
N GLU J 89 -61.06 24.26 -21.42
CA GLU J 89 -60.41 24.95 -20.32
C GLU J 89 -61.33 25.13 -19.13
N ALA J 90 -62.55 24.61 -19.24
CA ALA J 90 -63.55 24.77 -18.19
C ALA J 90 -63.62 23.56 -17.28
N GLY J 91 -62.89 22.51 -17.64
CA GLY J 91 -62.91 21.27 -16.88
C GLY J 91 -61.81 21.19 -15.84
N SER J 92 -62.12 20.58 -14.69
CA SER J 92 -61.13 20.36 -13.65
C SER J 92 -60.43 19.02 -13.86
N HIS J 93 -59.10 19.03 -13.80
CA HIS J 93 -58.34 17.81 -14.00
C HIS J 93 -57.31 17.59 -12.90
N THR J 94 -56.86 16.34 -12.77
CA THR J 94 -55.94 15.98 -11.69
C THR J 94 -54.64 15.37 -12.21
N VAL J 95 -53.52 15.90 -11.70
CA VAL J 95 -52.22 15.29 -11.94
C VAL J 95 -51.66 14.76 -10.63
N GLN J 96 -51.20 13.52 -10.63
CA GLN J 96 -50.60 12.93 -9.44
C GLN J 96 -49.21 12.40 -9.75
N ARG J 97 -48.28 12.63 -8.83
CA ARG J 97 -46.95 12.07 -8.95
C ARG J 97 -46.53 11.37 -7.65
N MET J 98 -45.80 10.27 -7.80
CA MET J 98 -45.24 9.58 -6.65
C MET J 98 -43.85 9.08 -6.97
N TYR J 99 -42.92 9.31 -6.05
CA TYR J 99 -41.59 8.72 -6.16
C TYR J 99 -41.03 8.38 -4.79
N GLY J 100 -40.03 7.50 -4.75
CA GLY J 100 -39.45 7.06 -3.51
C GLY J 100 -38.64 5.78 -3.67
N CYS J 101 -38.17 5.25 -2.56
CA CYS J 101 -37.29 4.09 -2.59
C CYS J 101 -37.62 3.06 -1.51
N ASP J 102 -37.36 1.81 -1.81
CA ASP J 102 -37.52 0.73 -0.84
C ASP J 102 -36.15 0.17 -0.44
N VAL J 103 -35.98 -0.09 0.85
CA VAL J 103 -34.76 -0.70 1.35
C VAL J 103 -35.10 -1.93 2.18
N GLY J 104 -34.19 -2.91 2.19
CA GLY J 104 -34.41 -4.14 2.93
C GLY J 104 -34.11 -3.98 4.40
N SER J 105 -34.08 -5.11 5.12
CA SER J 105 -33.78 -5.11 6.54
C SER J 105 -32.38 -4.59 6.82
N ASP J 106 -31.50 -4.72 5.84
CA ASP J 106 -30.13 -4.24 5.97
C ASP J 106 -30.01 -2.79 5.50
N TRP J 107 -31.16 -2.15 5.29
CA TRP J 107 -31.21 -0.74 4.92
C TRP J 107 -30.52 -0.47 3.58
N ARG J 108 -30.34 -1.51 2.78
CA ARG J 108 -29.73 -1.37 1.46
C ARG J 108 -30.80 -1.18 0.39
N PHE J 109 -30.50 -0.36 -0.60
CA PHE J 109 -31.43 -0.09 -1.69
C PHE J 109 -31.98 -1.38 -2.27
N LEU J 110 -33.26 -1.35 -2.65
CA LEU J 110 -33.93 -2.55 -3.12
C LEU J 110 -34.77 -2.26 -4.36
N ARG J 111 -35.28 -1.04 -4.46
CA ARG J 111 -36.24 -0.70 -5.50
C ARG J 111 -36.60 0.79 -5.48
N GLY J 112 -36.75 1.38 -6.66
CA GLY J 112 -37.08 2.79 -6.77
C GLY J 112 -38.29 3.05 -7.65
N TYR J 113 -39.00 4.15 -7.37
CA TYR J 113 -40.20 4.47 -8.13
C TYR J 113 -40.23 5.93 -8.60
N HIS J 114 -41.00 6.17 -9.65
CA HIS J 114 -41.30 7.52 -10.13
C HIS J 114 -42.43 7.35 -11.14
N GLN J 115 -43.60 7.85 -10.80
CA GLN J 115 -44.80 7.57 -11.59
C GLN J 115 -45.73 8.79 -11.67
N TYR J 116 -46.38 8.94 -12.81
CA TYR J 116 -47.35 10.00 -13.03
C TYR J 116 -48.70 9.41 -13.41
N ALA J 117 -49.77 10.04 -12.93
CA ALA J 117 -51.12 9.67 -13.34
C ALA J 117 -51.88 10.93 -13.76
N TYR J 118 -52.71 10.79 -14.79
CA TYR J 118 -53.55 11.89 -15.23
C TYR J 118 -55.01 11.51 -15.12
N ASP J 119 -55.75 12.27 -14.31
CA ASP J 119 -57.15 11.99 -14.05
C ASP J 119 -57.36 10.56 -13.56
N GLY J 120 -56.50 10.12 -12.65
CA GLY J 120 -56.66 8.84 -11.99
C GLY J 120 -56.13 7.63 -12.76
N LYS J 121 -55.56 7.86 -13.93
CA LYS J 121 -55.02 6.77 -14.73
C LYS J 121 -53.52 6.89 -14.98
N ASP J 122 -52.83 5.75 -14.97
CA ASP J 122 -51.41 5.71 -15.29
C ASP J 122 -51.11 6.52 -16.53
N TYR J 123 -50.13 7.41 -16.45
CA TYR J 123 -49.72 8.19 -17.61
C TYR J 123 -48.31 7.83 -18.06
N ILE J 124 -47.36 7.93 -17.13
CA ILE J 124 -45.99 7.49 -17.41
C ILE J 124 -45.33 7.00 -16.14
N ALA J 125 -44.49 5.98 -16.26
CA ALA J 125 -43.87 5.38 -15.10
C ALA J 125 -42.47 4.86 -15.40
N LEU J 126 -41.51 5.26 -14.58
CA LEU J 126 -40.16 4.73 -14.67
C LEU J 126 -40.18 3.23 -14.34
N LYS J 127 -39.56 2.43 -15.19
CA LYS J 127 -39.53 0.99 -14.98
C LYS J 127 -38.57 0.62 -13.85
N GLU J 128 -38.60 -0.64 -13.44
CA GLU J 128 -37.82 -1.12 -12.31
C GLU J 128 -36.31 -1.01 -12.54
N ASP J 129 -35.89 -1.10 -13.79
CA ASP J 129 -34.48 -0.98 -14.12
C ASP J 129 -34.01 0.47 -13.96
N LEU J 130 -34.96 1.36 -13.72
CA LEU J 130 -34.67 2.78 -13.56
C LEU J 130 -33.99 3.37 -14.78
N ARG J 131 -34.19 2.72 -15.93
CA ARG J 131 -33.56 3.15 -17.17
C ARG J 131 -34.59 3.39 -18.27
N SER J 132 -35.74 2.74 -18.16
CA SER J 132 -36.75 2.81 -19.22
C SER J 132 -38.08 3.35 -18.70
N TRP J 133 -38.94 3.78 -19.62
CA TRP J 133 -40.23 4.37 -19.28
C TRP J 133 -41.39 3.54 -19.82
N THR J 134 -42.53 3.64 -19.16
CA THR J 134 -43.75 2.98 -19.61
C THR J 134 -44.78 4.01 -20.04
N ALA J 135 -45.10 4.00 -21.33
CA ALA J 135 -46.09 4.92 -21.88
C ALA J 135 -47.18 4.15 -22.63
N ALA J 136 -48.43 4.35 -22.23
CA ALA J 136 -49.54 3.59 -22.78
C ALA J 136 -50.15 4.18 -24.04
N ASP J 137 -50.16 5.51 -24.14
CA ASP J 137 -50.75 6.18 -25.29
C ASP J 137 -49.82 7.18 -25.96
N MET J 138 -50.34 7.87 -26.96
CA MET J 138 -49.58 8.86 -27.72
C MET J 138 -49.04 9.97 -26.85
N ALA J 139 -49.95 10.58 -26.10
CA ALA J 139 -49.60 11.68 -25.22
C ALA J 139 -48.38 11.31 -24.38
N ALA J 140 -48.46 10.15 -23.74
CA ALA J 140 -47.36 9.67 -22.90
C ALA J 140 -46.10 9.43 -23.73
N GLN J 141 -46.28 8.93 -24.95
CA GLN J 141 -45.16 8.72 -25.86
C GLN J 141 -44.35 10.01 -26.00
N THR J 142 -45.04 11.09 -26.30
CA THR J 142 -44.41 12.41 -26.47
C THR J 142 -43.59 12.77 -25.24
N THR J 143 -44.19 12.66 -24.08
CA THR J 143 -43.49 12.93 -22.82
C THR J 143 -42.26 12.05 -22.71
N LYS J 144 -42.41 10.77 -23.04
CA LYS J 144 -41.32 9.81 -22.96
C LYS J 144 -40.12 10.24 -23.80
N HIS J 145 -40.37 10.66 -25.04
CA HIS J 145 -39.30 11.13 -25.91
C HIS J 145 -38.57 12.30 -25.28
N LYS J 146 -39.36 13.28 -24.84
CA LYS J 146 -38.80 14.45 -24.18
C LYS J 146 -37.87 14.06 -23.04
N TRP J 147 -38.36 13.20 -22.16
CA TRP J 147 -37.61 12.78 -20.98
C TRP J 147 -36.40 11.91 -21.34
N GLU J 148 -36.47 11.25 -22.49
CA GLU J 148 -35.36 10.45 -22.98
C GLU J 148 -34.20 11.33 -23.44
N ALA J 149 -34.54 12.42 -24.13
CA ALA J 149 -33.54 13.33 -24.65
C ALA J 149 -32.90 14.17 -23.55
N ALA J 150 -33.68 14.46 -22.51
CA ALA J 150 -33.17 15.24 -21.37
C ALA J 150 -32.54 14.32 -20.34
N HIS J 151 -32.45 13.04 -20.67
CA HIS J 151 -31.84 12.04 -19.79
C HIS J 151 -32.36 12.15 -18.36
N VAL J 152 -33.69 12.20 -18.23
CA VAL J 152 -34.33 12.34 -16.93
C VAL J 152 -34.15 11.10 -16.06
N ALA J 153 -34.23 9.93 -16.67
CA ALA J 153 -34.12 8.67 -15.95
C ALA J 153 -32.80 8.57 -15.18
N GLU J 154 -31.71 9.00 -15.82
CA GLU J 154 -30.38 8.90 -15.23
C GLU J 154 -30.26 9.76 -13.97
N GLN J 155 -30.89 10.92 -13.98
CA GLN J 155 -30.86 11.82 -12.84
C GLN J 155 -31.75 11.31 -11.71
N LEU J 156 -32.93 10.81 -12.08
CA LEU J 156 -33.85 10.23 -11.11
C LEU J 156 -33.21 9.03 -10.42
N ARG J 157 -32.48 8.22 -11.18
CA ARG J 157 -31.82 7.04 -10.64
C ARG J 157 -30.80 7.41 -9.58
N ALA J 158 -30.03 8.47 -9.83
CA ALA J 158 -29.05 8.95 -8.88
C ALA J 158 -29.71 9.26 -7.55
N TYR J 159 -30.84 9.96 -7.61
CA TYR J 159 -31.58 10.32 -6.41
C TYR J 159 -32.14 9.11 -5.69
N LEU J 160 -32.78 8.21 -6.44
CA LEU J 160 -33.43 7.05 -5.85
C LEU J 160 -32.44 6.07 -5.21
N GLU J 161 -31.30 5.88 -5.85
CA GLU J 161 -30.31 4.94 -5.35
C GLU J 161 -29.38 5.56 -4.30
N GLY J 162 -29.28 6.89 -4.34
CA GLY J 162 -28.40 7.60 -3.43
C GLY J 162 -29.16 8.44 -2.40
N THR J 163 -29.38 9.70 -2.74
CA THR J 163 -30.04 10.65 -1.83
C THR J 163 -31.24 10.06 -1.10
N CYS J 164 -32.20 9.53 -1.85
CA CYS J 164 -33.41 8.96 -1.26
C CYS J 164 -33.09 7.94 -0.18
N VAL J 165 -32.25 6.97 -0.51
CA VAL J 165 -31.85 5.93 0.44
C VAL J 165 -31.12 6.53 1.64
N GLU J 166 -30.12 7.36 1.38
CA GLU J 166 -29.31 7.97 2.42
C GLU J 166 -30.16 8.72 3.46
N TRP J 167 -31.06 9.57 2.97
CA TRP J 167 -31.91 10.36 3.84
C TRP J 167 -32.99 9.51 4.50
N LEU J 168 -33.37 8.42 3.86
CA LEU J 168 -34.30 7.47 4.47
C LEU J 168 -33.63 6.90 5.72
N ARG J 169 -32.38 6.51 5.58
CA ARG J 169 -31.59 6.01 6.70
C ARG J 169 -31.54 7.05 7.82
N ARG J 170 -31.23 8.29 7.45
CA ARG J 170 -31.13 9.37 8.42
C ARG J 170 -32.42 9.54 9.22
N TYR J 171 -33.56 9.46 8.53
CA TYR J 171 -34.86 9.59 9.18
C TYR J 171 -35.11 8.44 10.13
N LEU J 172 -34.80 7.23 9.69
CA LEU J 172 -34.95 6.05 10.53
C LEU J 172 -34.14 6.18 11.81
N GLU J 173 -32.90 6.65 11.67
CA GLU J 173 -32.02 6.85 12.82
C GLU J 173 -32.57 7.91 13.77
N ASN J 174 -32.85 9.10 13.23
CA ASN J 174 -33.33 10.22 14.03
C ASN J 174 -34.67 9.95 14.69
N GLY J 175 -35.52 9.18 14.03
CA GLY J 175 -36.82 8.84 14.56
C GLY J 175 -36.91 7.38 14.93
N LYS J 176 -35.85 6.86 15.55
CA LYS J 176 -35.75 5.44 15.87
C LYS J 176 -36.87 4.95 16.78
N GLU J 177 -37.24 5.74 17.79
CA GLU J 177 -38.23 5.31 18.77
C GLU J 177 -39.57 4.94 18.15
N THR J 178 -39.96 5.64 17.08
CA THR J 178 -41.24 5.39 16.44
C THR J 178 -41.11 4.68 15.09
N LEU J 179 -40.14 5.11 14.28
CA LEU J 179 -39.96 4.55 12.94
C LEU J 179 -39.39 3.14 12.95
N GLN J 180 -38.71 2.78 14.04
CA GLN J 180 -38.08 1.45 14.12
C GLN J 180 -38.78 0.55 15.12
N ARG J 181 -39.94 0.97 15.61
CA ARG J 181 -40.71 0.19 16.55
C ARG J 181 -41.59 -0.82 15.79
N THR J 182 -41.81 -1.98 16.41
CA THR J 182 -42.76 -2.95 15.89
C THR J 182 -43.80 -3.25 16.95
N ASP J 183 -45.00 -2.70 16.76
CA ASP J 183 -46.08 -2.90 17.71
C ASP J 183 -46.96 -4.08 17.33
N ALA J 184 -46.76 -5.21 18.01
CA ALA J 184 -47.60 -6.37 17.81
C ALA J 184 -49.05 -5.99 18.08
N PRO J 185 -49.98 -6.52 17.27
CA PRO J 185 -51.39 -6.18 17.43
C PRO J 185 -51.97 -6.68 18.75
N LYS J 186 -52.82 -5.88 19.37
CA LYS J 186 -53.64 -6.34 20.49
C LYS J 186 -54.88 -6.98 19.90
N THR J 187 -55.11 -8.25 20.21
CA THR J 187 -56.19 -8.99 19.56
C THR J 187 -57.26 -9.45 20.55
N HIS J 188 -58.51 -9.35 20.13
CA HIS J 188 -59.62 -9.90 20.90
C HIS J 188 -60.77 -10.26 19.97
N MET J 189 -61.81 -10.87 20.53
CA MET J 189 -62.90 -11.39 19.73
C MET J 189 -64.25 -10.99 20.34
N THR J 190 -65.17 -10.54 19.49
CA THR J 190 -66.51 -10.18 19.94
C THR J 190 -67.55 -11.15 19.40
N HIS J 191 -68.64 -11.32 20.14
CA HIS J 191 -69.70 -12.24 19.76
C HIS J 191 -71.07 -11.61 19.96
N HIS J 192 -71.82 -11.47 18.88
CA HIS J 192 -73.16 -10.87 18.96
C HIS J 192 -74.18 -11.63 18.13
N ALA J 193 -75.35 -11.85 18.71
CA ALA J 193 -76.41 -12.57 18.03
C ALA J 193 -77.16 -11.68 17.06
N VAL J 194 -77.20 -12.07 15.79
CA VAL J 194 -77.95 -11.34 14.78
C VAL J 194 -79.39 -11.84 14.69
N SER J 195 -79.58 -13.09 15.07
CA SER J 195 -80.91 -13.71 15.09
C SER J 195 -80.94 -14.78 16.17
N ASP J 196 -81.79 -15.77 16.00
CA ASP J 196 -81.88 -16.86 16.96
C ASP J 196 -81.01 -18.04 16.54
N HIS J 197 -80.64 -18.07 15.27
CA HIS J 197 -79.93 -19.20 14.70
C HIS J 197 -78.53 -18.84 14.23
N GLU J 198 -78.15 -17.58 14.39
CA GLU J 198 -76.86 -17.11 13.92
C GLU J 198 -76.25 -16.05 14.85
N ALA J 199 -74.93 -15.89 14.74
CA ALA J 199 -74.21 -14.89 15.52
C ALA J 199 -73.00 -14.40 14.75
N THR J 200 -72.59 -13.16 15.02
CA THR J 200 -71.42 -12.58 14.38
C THR J 200 -70.18 -12.73 15.25
N LEU J 201 -69.18 -13.43 14.72
CA LEU J 201 -67.87 -13.48 15.36
C LEU J 201 -66.93 -12.51 14.67
N ARG J 202 -66.43 -11.54 15.42
CA ARG J 202 -65.52 -10.54 14.85
C ARG J 202 -64.14 -10.59 15.52
N CYS J 203 -63.12 -10.82 14.71
CA CYS J 203 -61.74 -10.86 15.20
C CYS J 203 -61.09 -9.49 15.06
N TRP J 204 -60.56 -8.97 16.16
CA TRP J 204 -60.00 -7.61 16.18
C TRP J 204 -58.48 -7.59 16.28
N ALA J 205 -57.87 -6.67 15.55
CA ALA J 205 -56.45 -6.38 15.69
C ALA J 205 -56.27 -4.87 15.88
N LEU J 206 -55.66 -4.48 17.00
CA LEU J 206 -55.56 -3.06 17.35
C LEU J 206 -54.16 -2.63 17.75
N SER J 207 -53.89 -1.34 17.60
CA SER J 207 -52.65 -0.72 18.07
C SER J 207 -51.39 -1.35 17.48
N PHE J 208 -51.46 -1.76 16.22
CA PHE J 208 -50.30 -2.40 15.60
C PHE J 208 -49.56 -1.49 14.60
N TYR J 209 -48.27 -1.74 14.45
CA TYR J 209 -47.42 -1.03 13.51
C TYR J 209 -46.27 -1.94 13.10
N PRO J 210 -45.98 -2.00 11.79
CA PRO J 210 -46.58 -1.21 10.72
C PRO J 210 -47.98 -1.67 10.35
N ALA J 211 -48.51 -1.12 9.26
CA ALA J 211 -49.89 -1.38 8.83
C ALA J 211 -50.08 -2.76 8.23
N GLU J 212 -49.04 -3.30 7.60
CA GLU J 212 -49.14 -4.59 6.94
C GLU J 212 -49.52 -5.70 7.92
N ILE J 213 -50.58 -6.43 7.59
CA ILE J 213 -51.09 -7.49 8.47
C ILE J 213 -52.02 -8.43 7.70
N THR J 214 -52.18 -9.64 8.22
CA THR J 214 -53.06 -10.62 7.61
C THR J 214 -54.08 -11.15 8.63
N LEU J 215 -55.36 -11.05 8.28
CA LEU J 215 -56.44 -11.55 9.13
C LEU J 215 -57.34 -12.49 8.35
N THR J 216 -57.40 -13.75 8.78
CA THR J 216 -58.25 -14.73 8.11
C THR J 216 -59.08 -15.55 9.09
N TRP J 217 -60.23 -16.01 8.63
CA TRP J 217 -61.05 -16.95 9.38
C TRP J 217 -61.01 -18.32 8.73
N GLN J 218 -60.98 -19.36 9.56
CA GLN J 218 -61.04 -20.73 9.06
C GLN J 218 -62.14 -21.50 9.76
N ARG J 219 -62.80 -22.39 9.02
CA ARG J 219 -63.79 -23.28 9.59
C ARG J 219 -63.29 -24.72 9.44
N ASP J 220 -62.91 -25.33 10.55
CA ASP J 220 -62.33 -26.67 10.53
C ASP J 220 -61.10 -26.69 9.63
N GLY J 221 -60.34 -25.60 9.64
CA GLY J 221 -59.09 -25.52 8.90
C GLY J 221 -59.22 -25.05 7.46
N GLU J 222 -60.45 -24.81 7.01
CA GLU J 222 -60.68 -24.34 5.65
C GLU J 222 -60.94 -22.84 5.60
N ASP J 223 -60.23 -22.16 4.70
CA ASP J 223 -60.35 -20.71 4.58
C ASP J 223 -61.78 -20.29 4.21
N GLN J 224 -62.19 -19.14 4.74
CA GLN J 224 -63.54 -18.64 4.55
C GLN J 224 -63.53 -17.28 3.83
N THR J 225 -62.49 -17.06 3.04
CA THR J 225 -62.30 -15.79 2.35
C THR J 225 -63.61 -15.17 1.83
N GLN J 226 -64.39 -15.97 1.11
CA GLN J 226 -65.61 -15.48 0.47
C GLN J 226 -66.75 -15.22 1.46
N ASP J 227 -66.65 -15.82 2.64
CA ASP J 227 -67.72 -15.72 3.63
C ASP J 227 -67.33 -14.87 4.85
N THR J 228 -66.20 -14.18 4.77
CA THR J 228 -65.78 -13.29 5.83
C THR J 228 -65.79 -11.85 5.35
N GLU J 229 -66.22 -10.95 6.23
CA GLU J 229 -66.15 -9.52 5.92
C GLU J 229 -64.82 -8.95 6.37
N LEU J 230 -64.00 -8.53 5.41
CA LEU J 230 -62.71 -7.90 5.69
C LEU J 230 -62.77 -6.40 5.45
N VAL J 231 -62.58 -5.64 6.52
CA VAL J 231 -62.49 -4.19 6.37
C VAL J 231 -61.05 -3.82 6.01
N GLU J 232 -60.89 -2.67 5.35
CA GLU J 232 -59.58 -2.16 5.01
C GLU J 232 -58.82 -1.76 6.28
N THR J 233 -57.52 -2.02 6.30
CA THR J 233 -56.68 -1.59 7.41
C THR J 233 -56.81 -0.08 7.56
N ARG J 234 -57.13 0.38 8.77
CA ARG J 234 -57.47 1.77 9.02
C ARG J 234 -56.64 2.40 10.12
N PRO J 235 -56.33 3.70 9.97
CA PRO J 235 -55.53 4.45 10.96
C PRO J 235 -56.34 4.74 12.23
N ALA J 236 -55.73 4.50 13.38
CA ALA J 236 -56.36 4.85 14.65
C ALA J 236 -56.23 6.36 14.88
N GLY J 237 -55.28 6.97 14.20
CA GLY J 237 -55.05 8.40 14.32
C GLY J 237 -53.88 8.73 15.24
N ASP J 238 -53.38 7.71 15.93
CA ASP J 238 -52.28 7.90 16.88
C ASP J 238 -50.98 7.30 16.37
N GLY J 239 -50.97 6.88 15.10
CA GLY J 239 -49.79 6.28 14.52
C GLY J 239 -49.86 4.77 14.45
N THR J 240 -50.91 4.19 15.03
CA THR J 240 -51.14 2.76 14.94
C THR J 240 -52.29 2.47 13.98
N PHE J 241 -52.54 1.20 13.72
CA PHE J 241 -53.58 0.81 12.76
C PHE J 241 -54.55 -0.21 13.33
N GLN J 242 -55.69 -0.36 12.65
CA GLN J 242 -56.72 -1.29 13.09
C GLN J 242 -57.21 -2.12 11.90
N LYS J 243 -57.88 -3.24 12.22
CA LYS J 243 -58.47 -4.10 11.21
C LYS J 243 -59.28 -5.18 11.90
N TRP J 244 -60.39 -5.58 11.28
CA TRP J 244 -61.14 -6.72 11.78
C TRP J 244 -61.73 -7.59 10.68
N ALA J 245 -61.94 -8.86 11.00
CA ALA J 245 -62.56 -9.80 10.08
C ALA J 245 -63.73 -10.49 10.79
N ALA J 246 -64.91 -10.41 10.20
CA ALA J 246 -66.09 -10.99 10.81
C ALA J 246 -66.65 -12.15 10.00
N VAL J 247 -67.27 -13.10 10.69
CA VAL J 247 -67.89 -14.24 10.04
C VAL J 247 -69.20 -14.58 10.74
N VAL J 248 -70.22 -14.94 9.96
CA VAL J 248 -71.51 -15.32 10.53
C VAL J 248 -71.53 -16.80 10.86
N VAL J 249 -71.65 -17.11 12.15
CA VAL J 249 -71.60 -18.49 12.63
C VAL J 249 -72.97 -18.98 13.09
N PRO J 250 -73.40 -20.13 12.57
CA PRO J 250 -74.64 -20.78 13.02
C PRO J 250 -74.48 -21.28 14.45
N SER J 251 -75.54 -21.16 15.24
CA SER J 251 -75.48 -21.55 16.66
C SER J 251 -74.86 -22.93 16.87
N GLY J 252 -73.96 -23.02 17.84
CA GLY J 252 -73.33 -24.26 18.20
C GLY J 252 -72.12 -24.63 17.36
N GLN J 253 -71.65 -23.68 16.54
CA GLN J 253 -70.51 -23.95 15.68
C GLN J 253 -69.32 -23.02 15.95
N GLU J 254 -69.41 -22.25 17.03
CA GLU J 254 -68.34 -21.32 17.39
C GLU J 254 -66.98 -21.99 17.45
N GLN J 255 -66.94 -23.21 17.98
CA GLN J 255 -65.69 -23.92 18.19
C GLN J 255 -65.00 -24.30 16.88
N ARG J 256 -65.80 -24.41 15.81
CA ARG J 256 -65.27 -24.81 14.51
C ARG J 256 -64.39 -23.72 13.90
N TYR J 257 -64.61 -22.47 14.32
CA TYR J 257 -63.94 -21.33 13.68
C TYR J 257 -62.66 -20.90 14.38
N THR J 258 -61.65 -20.55 13.58
CA THR J 258 -60.40 -20.01 14.09
C THR J 258 -60.00 -18.76 13.34
N CYS J 259 -59.58 -17.74 14.08
CA CYS J 259 -59.06 -16.52 13.49
C CYS J 259 -57.53 -16.59 13.48
N HIS J 260 -56.93 -16.24 12.35
CA HIS J 260 -55.48 -16.31 12.22
C HIS J 260 -54.88 -14.93 11.95
N VAL J 261 -53.88 -14.57 12.75
CA VAL J 261 -53.26 -13.25 12.67
C VAL J 261 -51.77 -13.35 12.37
N GLN J 262 -51.33 -12.67 11.32
CA GLN J 262 -49.92 -12.60 10.97
C GLN J 262 -49.46 -11.16 10.95
N HIS J 263 -48.40 -10.87 11.70
CA HIS J 263 -47.86 -9.52 11.76
C HIS J 263 -46.38 -9.51 12.13
N GLU J 264 -45.65 -8.55 11.58
CA GLU J 264 -44.21 -8.42 11.83
C GLU J 264 -43.87 -8.48 13.31
N GLY J 265 -44.74 -7.94 14.15
CA GLY J 265 -44.50 -7.88 15.58
C GLY J 265 -44.75 -9.18 16.32
N LEU J 266 -45.30 -10.16 15.62
CA LEU J 266 -45.58 -11.46 16.24
C LEU J 266 -44.51 -12.48 15.87
N PRO J 267 -43.95 -13.15 16.89
CA PRO J 267 -42.94 -14.20 16.68
C PRO J 267 -43.48 -15.28 15.74
N LYS J 268 -44.66 -15.79 16.06
CA LYS J 268 -45.33 -16.77 15.22
C LYS J 268 -46.79 -16.36 15.00
N PRO J 269 -47.38 -16.78 13.89
CA PRO J 269 -48.78 -16.45 13.61
C PRO J 269 -49.69 -16.85 14.77
N LEU J 270 -50.66 -16.00 15.09
CA LEU J 270 -51.58 -16.28 16.19
C LEU J 270 -52.81 -17.04 15.70
N THR J 271 -53.35 -17.90 16.56
CA THR J 271 -54.58 -18.63 16.27
C THR J 271 -55.57 -18.42 17.42
N LEU J 272 -56.73 -17.88 17.09
CA LEU J 272 -57.73 -17.57 18.09
C LEU J 272 -59.06 -18.29 17.79
N ARG J 273 -59.67 -18.84 18.83
CA ARG J 273 -60.98 -19.47 18.67
C ARG J 273 -61.87 -19.18 19.87
N TRP J 274 -63.11 -18.77 19.60
CA TRP J 274 -64.07 -18.48 20.65
C TRP J 274 -64.36 -19.73 21.48
N GLU J 275 -64.11 -19.65 22.78
CA GLU J 275 -64.33 -20.79 23.67
C GLU J 275 -64.31 -20.36 25.14
N MET K 1 -64.24 10.76 -17.74
CA MET K 1 -63.14 10.62 -16.79
C MET K 1 -63.50 9.62 -15.69
N ILE K 2 -62.49 8.93 -15.16
CA ILE K 2 -62.72 7.91 -14.15
C ILE K 2 -63.21 8.50 -12.84
N GLN K 3 -64.13 7.78 -12.20
CA GLN K 3 -64.69 8.20 -10.91
C GLN K 3 -64.83 6.97 -10.02
N ARG K 4 -64.28 7.06 -8.81
CA ARG K 4 -64.36 5.95 -7.87
C ARG K 4 -65.05 6.39 -6.58
N THR K 5 -66.04 5.62 -6.16
CA THR K 5 -66.80 5.94 -4.95
C THR K 5 -65.97 5.68 -3.69
N PRO K 6 -66.10 6.57 -2.71
CA PRO K 6 -65.33 6.45 -1.46
C PRO K 6 -65.82 5.32 -0.57
N LYS K 7 -64.89 4.53 -0.03
CA LYS K 7 -65.20 3.58 1.01
C LYS K 7 -65.21 4.34 2.34
N ILE K 8 -66.10 3.96 3.24
CA ILE K 8 -66.30 4.71 4.47
C ILE K 8 -66.25 3.84 5.72
N GLN K 9 -65.47 4.26 6.70
CA GLN K 9 -65.44 3.60 8.00
C GLN K 9 -65.53 4.63 9.11
N VAL K 10 -66.48 4.44 10.01
CA VAL K 10 -66.61 5.28 11.19
C VAL K 10 -66.25 4.45 12.42
N TYR K 11 -65.36 4.98 13.25
CA TYR K 11 -64.85 4.21 14.38
C TYR K 11 -64.13 5.10 15.39
N SER K 12 -63.91 4.57 16.58
CA SER K 12 -63.19 5.29 17.61
C SER K 12 -61.73 4.84 17.68
N ARG K 13 -60.85 5.73 18.08
CA ARG K 13 -59.43 5.42 18.21
C ARG K 13 -59.22 4.30 19.22
N HIS K 14 -59.84 4.44 20.39
CA HIS K 14 -59.78 3.42 21.43
C HIS K 14 -61.15 2.76 21.58
N PRO K 15 -61.18 1.56 22.19
CA PRO K 15 -62.48 0.93 22.47
C PRO K 15 -63.41 1.89 23.20
N ALA K 16 -64.65 2.00 22.74
CA ALA K 16 -65.61 2.93 23.32
C ALA K 16 -65.92 2.61 24.77
N GLU K 17 -65.68 3.56 25.66
CA GLU K 17 -66.03 3.43 27.06
C GLU K 17 -66.77 4.68 27.52
N ASN K 18 -68.03 4.51 27.91
CA ASN K 18 -68.85 5.63 28.36
C ASN K 18 -68.15 6.49 29.41
N GLY K 19 -68.08 7.79 29.15
CA GLY K 19 -67.51 8.74 30.09
C GLY K 19 -66.02 8.96 29.94
N LYS K 20 -65.41 8.28 28.97
CA LYS K 20 -63.96 8.38 28.78
C LYS K 20 -63.59 9.03 27.45
N SER K 21 -62.67 9.99 27.52
CA SER K 21 -62.21 10.71 26.33
C SER K 21 -61.76 9.75 25.24
N ASN K 22 -61.96 10.16 23.99
CA ASN K 22 -61.67 9.31 22.84
C ASN K 22 -61.62 10.14 21.56
N PHE K 23 -61.44 9.49 20.43
CA PHE K 23 -61.46 10.16 19.14
C PHE K 23 -62.42 9.48 18.17
N LEU K 24 -63.33 10.27 17.60
CA LEU K 24 -64.22 9.75 16.56
C LEU K 24 -63.56 9.89 15.21
N ASN K 25 -63.36 8.77 14.53
CA ASN K 25 -62.72 8.75 13.23
C ASN K 25 -63.69 8.44 12.10
N CYS K 26 -63.53 9.15 10.98
CA CYS K 26 -64.18 8.77 9.73
C CYS K 26 -63.12 8.64 8.65
N TYR K 27 -62.88 7.41 8.22
CA TYR K 27 -61.86 7.13 7.22
C TYR K 27 -62.47 6.94 5.85
N VAL K 28 -62.12 7.81 4.91
CA VAL K 28 -62.60 7.72 3.54
C VAL K 28 -61.46 7.39 2.59
N SER K 29 -61.65 6.39 1.74
CA SER K 29 -60.58 5.94 0.85
C SER K 29 -61.11 5.38 -0.46
N GLY K 30 -60.21 5.15 -1.41
CA GLY K 30 -60.56 4.53 -2.67
C GLY K 30 -61.39 5.41 -3.59
N PHE K 31 -61.39 6.71 -3.33
CA PHE K 31 -62.21 7.63 -4.13
C PHE K 31 -61.40 8.47 -5.13
N HIS K 32 -62.11 8.99 -6.13
CA HIS K 32 -61.50 9.82 -7.16
C HIS K 32 -62.64 10.46 -7.94
N PRO K 33 -62.54 11.77 -8.24
CA PRO K 33 -61.45 12.67 -7.90
C PRO K 33 -61.38 13.02 -6.41
N SER K 34 -60.54 14.01 -6.08
CA SER K 34 -60.24 14.30 -4.68
C SER K 34 -61.27 15.19 -3.99
N ASP K 35 -62.05 15.93 -4.76
CA ASP K 35 -63.11 16.76 -4.19
C ASP K 35 -64.08 15.89 -3.41
N ILE K 36 -64.25 16.19 -2.13
CA ILE K 36 -65.09 15.37 -1.27
C ILE K 36 -65.53 16.11 -0.01
N GLU K 37 -66.73 15.80 0.45
CA GLU K 37 -67.29 16.41 1.64
C GLU K 37 -67.50 15.37 2.74
N VAL K 38 -66.89 15.60 3.89
CA VAL K 38 -67.02 14.69 5.02
C VAL K 38 -67.38 15.43 6.29
N ASP K 39 -68.49 15.04 6.91
CA ASP K 39 -68.93 15.64 8.16
C ASP K 39 -69.14 14.59 9.23
N LEU K 40 -68.77 14.92 10.47
CA LEU K 40 -69.05 14.06 11.60
C LEU K 40 -70.30 14.58 12.30
N LEU K 41 -71.27 13.69 12.51
CA LEU K 41 -72.56 14.09 13.09
C LEU K 41 -72.71 13.62 14.53
N LYS K 42 -73.32 14.45 15.36
CA LYS K 42 -73.68 14.09 16.72
C LYS K 42 -75.17 14.32 16.94
N ASN K 43 -75.94 13.25 16.88
CA ASN K 43 -77.39 13.33 17.00
C ASN K 43 -78.01 14.14 15.85
N GLY K 44 -77.43 14.00 14.66
CA GLY K 44 -77.95 14.67 13.48
C GLY K 44 -77.24 15.98 13.19
N GLU K 45 -76.73 16.61 14.23
CA GLU K 45 -76.02 17.88 14.08
C GLU K 45 -74.56 17.64 13.70
N ARG K 46 -74.11 18.31 12.64
CA ARG K 46 -72.72 18.20 12.23
C ARG K 46 -71.81 18.87 13.25
N ILE K 47 -70.63 18.31 13.45
CA ILE K 47 -69.66 18.84 14.41
C ILE K 47 -68.71 19.81 13.74
N GLU K 48 -68.38 20.90 14.43
CA GLU K 48 -67.60 21.98 13.84
C GLU K 48 -66.09 21.79 14.02
N LYS K 49 -65.68 21.32 15.20
CA LYS K 49 -64.26 21.16 15.51
C LYS K 49 -63.71 19.86 14.94
N VAL K 50 -63.75 19.73 13.61
CA VAL K 50 -63.30 18.51 12.96
C VAL K 50 -62.07 18.73 12.08
N GLU K 51 -61.01 17.98 12.38
CA GLU K 51 -59.78 18.06 11.61
C GLU K 51 -59.68 16.90 10.62
N HIS K 52 -58.79 17.03 9.64
CA HIS K 52 -58.57 15.96 8.68
C HIS K 52 -57.10 15.88 8.29
N SER K 53 -56.65 14.67 7.96
CA SER K 53 -55.28 14.45 7.53
C SER K 53 -55.02 15.13 6.20
N ASP K 54 -53.76 15.16 5.78
CA ASP K 54 -53.37 15.76 4.51
C ASP K 54 -53.67 14.80 3.36
N LEU K 55 -54.19 15.35 2.27
CA LEU K 55 -54.56 14.54 1.11
C LEU K 55 -53.40 13.67 0.63
N SER K 56 -53.63 12.36 0.59
CA SER K 56 -52.65 11.41 0.07
C SER K 56 -53.40 10.36 -0.74
N PHE K 57 -52.66 9.48 -1.43
CA PHE K 57 -53.29 8.46 -2.25
C PHE K 57 -52.57 7.11 -2.21
N SER K 58 -53.28 6.07 -2.64
CA SER K 58 -52.75 4.71 -2.63
C SER K 58 -52.01 4.39 -3.93
N LYS K 59 -51.48 3.17 -4.00
CA LYS K 59 -50.73 2.73 -5.18
C LYS K 59 -51.55 2.87 -6.46
N ASP K 60 -52.85 2.62 -6.36
CA ASP K 60 -53.73 2.67 -7.53
C ASP K 60 -54.25 4.09 -7.79
N TRP K 61 -53.60 5.07 -7.19
CA TRP K 61 -53.89 6.50 -7.43
C TRP K 61 -55.15 7.02 -6.74
N SER K 62 -55.89 6.15 -6.07
CA SER K 62 -57.10 6.59 -5.38
C SER K 62 -56.78 7.26 -4.05
N PHE K 63 -57.50 8.34 -3.75
CA PHE K 63 -57.20 9.14 -2.56
C PHE K 63 -57.75 8.55 -1.27
N TYR K 64 -57.19 8.99 -0.15
CA TYR K 64 -57.73 8.64 1.16
C TYR K 64 -57.55 9.80 2.15
N LEU K 65 -58.52 9.95 3.05
CA LEU K 65 -58.50 11.01 4.05
C LEU K 65 -59.01 10.50 5.39
N LEU K 66 -58.40 10.97 6.47
CA LEU K 66 -58.89 10.67 7.81
C LEU K 66 -59.44 11.91 8.48
N TYR K 67 -60.76 11.92 8.70
CA TYR K 67 -61.39 12.97 9.48
C TYR K 67 -61.55 12.51 10.92
N TYR K 68 -61.33 13.41 11.87
CA TYR K 68 -61.33 13.03 13.27
C TYR K 68 -61.66 14.19 14.19
N THR K 69 -62.20 13.87 15.36
CA THR K 69 -62.51 14.87 16.38
C THR K 69 -62.47 14.23 17.76
N GLU K 70 -62.19 15.05 18.77
CA GLU K 70 -62.11 14.58 20.14
C GLU K 70 -63.53 14.47 20.71
N PHE K 71 -63.86 13.31 21.24
CA PHE K 71 -65.21 13.10 21.78
C PHE K 71 -65.24 12.16 22.99
N THR K 72 -66.32 12.22 23.74
CA THR K 72 -66.52 11.35 24.90
C THR K 72 -67.85 10.62 24.78
N PRO K 73 -67.79 9.34 24.44
CA PRO K 73 -68.98 8.51 24.19
C PRO K 73 -69.84 8.34 25.43
N THR K 74 -71.15 8.23 25.22
CA THR K 74 -72.08 7.92 26.29
C THR K 74 -73.11 6.92 25.76
N GLU K 75 -74.18 6.69 26.51
CA GLU K 75 -75.17 5.69 26.13
C GLU K 75 -76.17 6.18 25.07
N LYS K 76 -76.65 7.41 25.22
CA LYS K 76 -77.72 7.94 24.37
C LYS K 76 -77.23 8.63 23.09
N ASP K 77 -76.11 9.33 23.19
CA ASP K 77 -75.53 10.03 22.05
C ASP K 77 -75.32 9.15 20.83
N GLU K 78 -75.83 9.59 19.69
CA GLU K 78 -75.62 8.90 18.42
C GLU K 78 -74.58 9.63 17.59
N TYR K 79 -73.73 8.88 16.89
CA TYR K 79 -72.75 9.49 16.00
C TYR K 79 -72.80 8.87 14.61
N ALA K 80 -72.39 9.64 13.61
CA ALA K 80 -72.43 9.19 12.23
C ALA K 80 -71.47 9.98 11.36
N CYS K 81 -71.18 9.45 10.18
CA CYS K 81 -70.34 10.16 9.22
C CYS K 81 -71.13 10.44 7.95
N ARG K 82 -71.18 11.71 7.56
CA ARG K 82 -71.86 12.11 6.34
C ARG K 82 -70.85 12.41 5.24
N VAL K 83 -70.91 11.63 4.17
CA VAL K 83 -69.96 11.76 3.07
C VAL K 83 -70.67 12.09 1.76
N ASN K 84 -70.21 13.14 1.08
CA ASN K 84 -70.72 13.46 -0.24
C ASN K 84 -69.61 13.48 -1.28
N HIS K 85 -69.91 12.96 -2.46
CA HIS K 85 -68.93 12.82 -3.52
C HIS K 85 -69.64 12.72 -4.87
N VAL K 86 -68.94 13.09 -5.93
CA VAL K 86 -69.53 13.11 -7.27
C VAL K 86 -70.09 11.74 -7.68
N THR K 87 -69.60 10.68 -7.02
CA THR K 87 -70.04 9.33 -7.35
C THR K 87 -71.30 8.93 -6.58
N LEU K 88 -71.81 9.84 -5.76
CA LEU K 88 -72.99 9.54 -4.96
C LEU K 88 -74.18 10.41 -5.37
N SER K 89 -75.27 9.75 -5.71
CA SER K 89 -76.51 10.45 -6.06
C SER K 89 -77.03 11.20 -4.85
N GLN K 90 -76.72 10.67 -3.67
CA GLN K 90 -77.11 11.31 -2.41
C GLN K 90 -76.05 11.09 -1.34
N PRO K 91 -75.89 12.07 -0.44
CA PRO K 91 -74.92 11.97 0.65
C PRO K 91 -75.10 10.67 1.42
N LYS K 92 -74.00 9.94 1.64
CA LYS K 92 -74.05 8.68 2.35
C LYS K 92 -73.86 8.88 3.85
N ILE K 93 -74.80 8.38 4.64
CA ILE K 93 -74.70 8.45 6.09
C ILE K 93 -74.35 7.08 6.67
N VAL K 94 -73.25 7.02 7.40
CA VAL K 94 -72.85 5.79 8.07
C VAL K 94 -72.84 5.99 9.58
N LYS K 95 -73.72 5.29 10.28
CA LYS K 95 -73.82 5.40 11.73
C LYS K 95 -72.59 4.78 12.39
N TRP K 96 -72.17 5.35 13.51
CA TRP K 96 -71.08 4.77 14.29
C TRP K 96 -71.58 3.61 15.12
N ASP K 97 -70.97 2.44 14.93
CA ASP K 97 -71.30 1.26 15.72
C ASP K 97 -70.12 0.91 16.61
N ARG K 98 -70.34 0.90 17.91
CA ARG K 98 -69.30 0.61 18.89
C ARG K 98 -68.56 -0.69 18.58
N ASP K 99 -69.29 -1.65 18.02
CA ASP K 99 -68.75 -2.98 17.77
C ASP K 99 -68.12 -3.10 16.38
N MET K 100 -67.95 -1.96 15.71
CA MET K 100 -67.36 -1.94 14.37
C MET K 100 -66.31 -0.84 14.23
N ARG L 1 -36.31 13.71 2.15
CA ARG L 1 -35.58 14.66 1.33
C ARG L 1 -36.10 14.67 -0.11
N LEU L 2 -36.66 15.81 -0.52
CA LEU L 2 -37.22 15.95 -1.87
C LEU L 2 -36.17 15.77 -2.97
N TYR L 3 -36.63 15.34 -4.14
CA TYR L 3 -35.79 15.34 -5.32
C TYR L 3 -35.32 16.77 -5.57
N GLN L 4 -34.01 16.96 -5.65
CA GLN L 4 -33.43 18.30 -5.66
C GLN L 4 -33.17 18.85 -7.06
N ASN L 5 -33.36 18.03 -8.08
CA ASN L 5 -33.15 18.46 -9.45
C ASN L 5 -34.42 19.04 -10.06
N PRO L 6 -34.29 20.14 -10.81
CA PRO L 6 -35.43 20.79 -11.47
C PRO L 6 -36.20 19.80 -12.34
N THR L 7 -37.33 19.30 -11.81
CA THR L 7 -38.15 18.35 -12.53
C THR L 7 -38.51 18.83 -13.93
N THR L 8 -38.23 17.99 -14.93
CA THR L 8 -38.55 18.31 -16.31
C THR L 8 -40.05 18.30 -16.54
N TYR L 9 -40.52 19.10 -17.49
CA TYR L 9 -41.94 19.24 -17.77
C TYR L 9 -42.54 18.05 -18.52
N ILE L 10 -43.82 17.81 -18.30
CA ILE L 10 -44.56 16.78 -19.03
C ILE L 10 -44.66 17.16 -20.50
#